data_8HXC
#
_entry.id   8HXC
#
_cell.length_a   1.00
_cell.length_b   1.00
_cell.length_c   1.00
_cell.angle_alpha   90.00
_cell.angle_beta   90.00
_cell.angle_gamma   90.00
#
_symmetry.space_group_name_H-M   'P 1'
#
loop_
_entity.id
_entity.type
_entity.pdbx_description
1 polymer 'NFkB inhibitor'
2 polymer 'T-lymphocyte activation antigen CD86'
#
loop_
_entity_poly.entity_id
_entity_poly.type
_entity_poly.pdbx_seq_one_letter_code
_entity_poly.pdbx_strand_id
1 'polypeptide(L)'
;VEYKNTICPPRQDYRYWYFVAELTIGVNYDINSTIIGECHMSESYIDRNANIVLTGYGLKINMTIMDTDQRFVAAAEGVG
KDNKLSVLLFTTQRLDKVHHNISVTITCMEMNCGTTKYNSDLPESIHKSSSCDITINGSCVTCVNLETDPTKINPHYLHP
KNKYLYHNSEYSMRGSYGVTFIDELNQCLLDIKELSYDICYRE
;
A,B,C,D,E,F,G
2 'polypeptide(L)'
;LKIQAYFNETADLPCQFANSQNQSLSELVVFWQDQENLVLNEVYLGKEKFDSVHSKYMGRTSFDSDSWTLRLHNLQIKDK
GLYQCIIHHKKPTGMIRIHQMNSELSVLANFSQPEIVPISNITENVYINLTCSSIHGYPEPKKMSVLLRTKNSTIEYDGV
MQKSQDNVTELYDVSISLSVSFPDVTSNMTIFCILETDKTRLLSSPFSIELED
;
H,I,J,K,L,M,N
#
# COMPACT_ATOMS: atom_id res chain seq x y z
N TYR A 3 -59.23 13.31 13.98
CA TYR A 3 -57.96 12.59 14.07
C TYR A 3 -58.02 11.25 13.36
N LYS A 4 -57.07 11.02 12.45
CA LYS A 4 -56.94 9.76 11.74
C LYS A 4 -55.52 9.23 11.91
N ASN A 5 -55.40 7.97 12.34
CA ASN A 5 -54.10 7.32 12.39
C ASN A 5 -53.61 7.03 10.98
N THR A 6 -52.35 7.39 10.70
CA THR A 6 -51.76 7.18 9.40
C THR A 6 -50.55 6.27 9.51
N ILE A 7 -50.14 5.73 8.37
CA ILE A 7 -48.94 4.91 8.31
C ILE A 7 -47.71 5.80 8.48
N CYS A 8 -46.74 5.32 9.25
CA CYS A 8 -45.51 6.05 9.51
C CYS A 8 -44.70 6.21 8.21
N PRO A 9 -43.92 7.27 8.10
CA PRO A 9 -43.16 7.50 6.87
C PRO A 9 -42.08 6.44 6.70
N PRO A 10 -41.73 6.12 5.46
CA PRO A 10 -40.73 5.07 5.23
C PRO A 10 -39.35 5.47 5.70
N ARG A 11 -38.64 4.50 6.28
CA ARG A 11 -37.28 4.70 6.76
C ARG A 11 -36.42 3.56 6.24
N GLN A 12 -35.10 3.71 6.43
CA GLN A 12 -34.18 2.69 5.94
C GLN A 12 -34.28 1.40 6.73
N ASP A 13 -34.31 1.51 8.06
CA ASP A 13 -34.34 0.33 8.93
C ASP A 13 -35.53 0.52 9.86
N TYR A 14 -36.30 -0.55 10.04
CA TYR A 14 -37.51 -0.51 10.84
C TYR A 14 -37.25 -1.26 12.14
N ARG A 15 -37.40 -0.58 13.27
CA ARG A 15 -37.08 -1.20 14.55
C ARG A 15 -38.28 -1.83 15.23
N TYR A 16 -39.49 -1.60 14.73
CA TYR A 16 -40.71 -2.14 15.32
C TYR A 16 -41.42 -3.00 14.29
N TRP A 17 -41.63 -4.27 14.61
CA TRP A 17 -42.09 -5.29 13.68
C TRP A 17 -43.38 -5.87 14.23
N TYR A 18 -44.34 -6.12 13.35
CA TYR A 18 -45.62 -6.72 13.72
C TYR A 18 -45.77 -8.01 12.95
N PHE A 19 -45.95 -9.11 13.68
CA PHE A 19 -46.08 -10.45 13.10
C PHE A 19 -47.45 -10.57 12.44
N VAL A 20 -47.48 -10.58 11.11
CA VAL A 20 -48.74 -10.46 10.38
C VAL A 20 -49.20 -11.78 9.78
N ALA A 21 -48.30 -12.69 9.45
CA ALA A 21 -48.68 -13.82 8.61
C ALA A 21 -47.71 -14.96 8.85
N GLU A 22 -48.16 -16.16 8.49
CA GLU A 22 -47.42 -17.38 8.78
C GLU A 22 -47.68 -18.33 7.61
N LEU A 23 -46.81 -18.26 6.60
CA LEU A 23 -47.00 -18.95 5.34
C LEU A 23 -46.13 -20.20 5.32
N THR A 24 -46.77 -21.37 5.14
CA THR A 24 -46.06 -22.65 5.20
C THR A 24 -46.25 -23.42 3.90
N ILE A 25 -45.93 -22.76 2.79
CA ILE A 25 -46.08 -23.35 1.46
C ILE A 25 -45.20 -24.57 1.31
N GLY A 26 -45.82 -25.70 1.00
CA GLY A 26 -45.10 -26.95 0.82
C GLY A 26 -44.72 -27.17 -0.64
N VAL A 27 -43.64 -27.91 -0.85
CA VAL A 27 -43.11 -28.18 -2.18
C VAL A 27 -42.80 -29.66 -2.28
N ASN A 28 -43.01 -30.23 -3.47
CA ASN A 28 -42.71 -31.64 -3.68
C ASN A 28 -41.26 -31.91 -4.04
N TYR A 29 -40.43 -30.89 -4.23
CA TYR A 29 -39.01 -31.10 -4.43
C TYR A 29 -38.26 -30.89 -3.13
N ASP A 30 -37.02 -31.36 -3.10
CA ASP A 30 -36.25 -31.43 -1.87
C ASP A 30 -35.50 -30.13 -1.62
N ILE A 31 -35.73 -29.54 -0.45
CA ILE A 31 -34.83 -28.55 0.14
C ILE A 31 -34.37 -29.13 1.47
N ASN A 32 -33.06 -29.25 1.63
CA ASN A 32 -32.55 -29.96 2.81
C ASN A 32 -32.55 -29.10 4.06
N SER A 33 -32.11 -27.85 3.95
CA SER A 33 -31.90 -27.04 5.13
C SER A 33 -32.02 -25.57 4.75
N THR A 34 -32.12 -24.74 5.78
CA THR A 34 -32.20 -23.29 5.59
C THR A 34 -30.81 -22.76 5.24
N ILE A 35 -30.72 -22.08 4.09
CA ILE A 35 -29.47 -21.51 3.62
C ILE A 35 -29.43 -20.05 4.05
N ILE A 36 -28.34 -19.66 4.72
CA ILE A 36 -28.21 -18.30 5.22
C ILE A 36 -27.96 -17.36 4.05
N GLY A 37 -28.75 -16.29 3.96
CA GLY A 37 -28.58 -15.32 2.90
C GLY A 37 -29.22 -15.71 1.59
N GLU A 38 -30.22 -16.58 1.62
CA GLU A 38 -30.87 -17.05 0.40
C GLU A 38 -32.04 -16.16 0.00
N CYS A 39 -32.91 -15.85 0.95
CA CYS A 39 -34.14 -15.11 0.66
C CYS A 39 -33.85 -13.66 0.29
N HIS A 40 -34.59 -13.15 -0.70
CA HIS A 40 -34.49 -11.76 -1.10
C HIS A 40 -35.91 -11.18 -1.16
N MET A 41 -36.14 -10.10 -0.43
CA MET A 41 -37.46 -9.52 -0.28
C MET A 41 -37.50 -8.12 -0.87
N SER A 42 -38.56 -7.84 -1.63
CA SER A 42 -38.81 -6.51 -2.16
C SER A 42 -40.18 -6.05 -1.71
N GLU A 43 -40.23 -4.90 -1.05
CA GLU A 43 -41.46 -4.37 -0.49
C GLU A 43 -42.01 -3.24 -1.37
N SER A 44 -43.30 -2.99 -1.23
CA SER A 44 -43.94 -1.89 -1.93
C SER A 44 -45.18 -1.46 -1.16
N TYR A 45 -45.48 -0.16 -1.22
CA TYR A 45 -46.73 0.40 -0.71
C TYR A 45 -47.14 1.47 -1.71
N ILE A 46 -47.97 1.09 -2.68
CA ILE A 46 -48.53 2.01 -3.66
C ILE A 46 -50.05 1.91 -3.59
N ASP A 47 -50.69 3.05 -3.34
CA ASP A 47 -52.14 3.24 -3.33
C ASP A 47 -52.77 2.30 -2.29
N ARG A 48 -52.28 2.43 -1.07
CA ARG A 48 -52.82 1.78 0.14
C ARG A 48 -52.84 0.25 0.04
N ASN A 49 -51.92 -0.33 -0.72
CA ASN A 49 -51.85 -1.77 -0.91
C ASN A 49 -50.43 -2.22 -0.61
N ALA A 50 -50.25 -3.02 0.44
CA ALA A 50 -48.93 -3.54 0.75
C ALA A 50 -48.59 -4.67 -0.21
N ASN A 51 -47.30 -4.81 -0.50
CA ASN A 51 -46.87 -5.85 -1.41
C ASN A 51 -45.48 -6.32 -1.03
N ILE A 52 -45.26 -7.63 -1.11
CA ILE A 52 -43.96 -8.22 -0.82
C ILE A 52 -43.67 -9.30 -1.87
N VAL A 53 -42.46 -9.28 -2.41
CA VAL A 53 -42.00 -10.30 -3.35
C VAL A 53 -40.83 -11.01 -2.71
N LEU A 54 -40.97 -12.31 -2.53
CA LEU A 54 -40.00 -13.15 -1.84
C LEU A 54 -39.40 -14.13 -2.84
N THR A 55 -38.14 -13.94 -3.18
CA THR A 55 -37.41 -14.87 -4.04
C THR A 55 -36.50 -15.72 -3.17
N GLY A 56 -36.75 -17.02 -3.16
CA GLY A 56 -35.91 -17.91 -2.37
C GLY A 56 -36.41 -19.34 -2.37
N TYR A 57 -35.48 -20.28 -2.24
CA TYR A 57 -35.76 -21.72 -2.10
C TYR A 57 -36.60 -22.25 -3.25
N GLY A 58 -36.37 -21.72 -4.44
CA GLY A 58 -37.06 -22.12 -5.63
C GLY A 58 -38.42 -21.49 -5.85
N LEU A 59 -38.81 -20.50 -5.04
CA LEU A 59 -40.14 -19.92 -5.18
C LEU A 59 -40.09 -18.40 -5.15
N LYS A 60 -41.04 -17.80 -5.87
CA LYS A 60 -41.33 -16.38 -5.80
C LYS A 60 -42.73 -16.20 -5.21
N ILE A 61 -42.83 -15.42 -4.14
CA ILE A 61 -44.07 -15.20 -3.43
C ILE A 61 -44.40 -13.71 -3.59
N ASN A 62 -45.38 -13.40 -4.44
CA ASN A 62 -45.85 -12.04 -4.63
C ASN A 62 -47.16 -11.95 -3.86
N MET A 63 -47.05 -11.55 -2.60
CA MET A 63 -48.22 -11.47 -1.72
C MET A 63 -48.53 -10.02 -1.44
N THR A 64 -49.78 -9.63 -1.64
CA THR A 64 -50.22 -8.25 -1.48
C THR A 64 -51.45 -8.22 -0.60
N ILE A 65 -51.58 -7.14 0.16
CA ILE A 65 -52.75 -6.92 1.00
C ILE A 65 -53.42 -5.65 0.54
N MET A 66 -54.73 -5.72 0.35
CA MET A 66 -55.50 -4.59 -0.14
C MET A 66 -56.04 -3.77 1.03
N ASP A 67 -56.05 -2.44 0.83
CA ASP A 67 -56.76 -1.47 1.67
C ASP A 67 -56.23 -1.49 3.11
N THR A 68 -54.92 -1.28 3.23
CA THR A 68 -54.24 -1.35 4.52
C THR A 68 -53.50 -0.06 4.82
N ASP A 69 -53.17 0.10 6.10
CA ASP A 69 -52.22 1.10 6.57
C ASP A 69 -50.95 0.46 7.09
N GLN A 70 -50.60 -0.71 6.55
CA GLN A 70 -49.42 -1.45 6.91
C GLN A 70 -48.56 -1.64 5.67
N ARG A 71 -47.25 -1.63 5.85
CA ARG A 71 -46.33 -2.01 4.78
C ARG A 71 -45.40 -3.09 5.30
N PHE A 72 -45.12 -4.06 4.44
CA PHE A 72 -44.24 -5.16 4.81
C PHE A 72 -42.84 -4.65 5.05
N VAL A 73 -42.29 -4.91 6.23
CA VAL A 73 -40.98 -4.40 6.57
C VAL A 73 -39.97 -5.51 6.77
N ALA A 74 -40.41 -6.76 6.95
CA ALA A 74 -39.47 -7.83 7.18
C ALA A 74 -40.08 -9.16 6.80
N ALA A 75 -39.21 -10.14 6.58
CA ALA A 75 -39.63 -11.50 6.31
C ALA A 75 -38.51 -12.45 6.69
N ALA A 76 -38.88 -13.59 7.26
CA ALA A 76 -37.93 -14.61 7.66
C ALA A 76 -38.37 -15.93 7.07
N GLU A 77 -37.45 -16.63 6.42
CA GLU A 77 -37.79 -17.85 5.70
C GLU A 77 -36.99 -19.01 6.26
N GLY A 78 -37.64 -20.17 6.34
CA GLY A 78 -36.98 -21.34 6.88
C GLY A 78 -37.53 -22.59 6.22
N VAL A 79 -36.76 -23.66 6.30
CA VAL A 79 -37.11 -24.92 5.68
C VAL A 79 -37.23 -25.97 6.77
N GLY A 80 -38.42 -26.54 6.91
CA GLY A 80 -38.67 -27.60 7.87
C GLY A 80 -38.52 -28.96 7.23
N LYS A 81 -38.94 -29.98 7.97
CA LYS A 81 -38.88 -31.33 7.45
C LYS A 81 -40.00 -31.57 6.46
N ASP A 82 -39.84 -32.65 5.67
CA ASP A 82 -40.76 -33.09 4.63
C ASP A 82 -40.96 -32.01 3.56
N ASN A 83 -39.90 -31.23 3.29
CA ASN A 83 -39.84 -30.19 2.25
C ASN A 83 -40.92 -29.14 2.45
N LYS A 84 -40.84 -28.45 3.59
CA LYS A 84 -41.82 -27.45 3.98
C LYS A 84 -41.11 -26.10 4.04
N LEU A 85 -41.74 -25.07 3.50
CA LEU A 85 -41.13 -23.75 3.44
C LEU A 85 -41.95 -22.79 4.29
N SER A 86 -41.48 -22.49 5.49
CA SER A 86 -42.15 -21.58 6.39
C SER A 86 -41.71 -20.16 6.11
N VAL A 87 -42.67 -19.26 6.02
CA VAL A 87 -42.43 -17.84 5.76
C VAL A 87 -43.11 -17.05 6.87
N LEU A 88 -42.34 -16.18 7.52
CA LEU A 88 -42.84 -15.30 8.57
C LEU A 88 -42.78 -13.88 8.04
N LEU A 89 -43.87 -13.13 8.18
CA LEU A 89 -43.96 -11.80 7.61
C LEU A 89 -44.22 -10.77 8.70
N PHE A 90 -43.60 -9.60 8.57
CA PHE A 90 -43.70 -8.56 9.56
C PHE A 90 -43.96 -7.22 8.86
N THR A 91 -44.99 -6.52 9.31
CA THR A 91 -45.32 -5.16 8.91
C THR A 91 -45.04 -4.17 10.05
N THR A 92 -45.49 -2.94 9.86
CA THR A 92 -45.22 -1.91 10.86
C THR A 92 -46.09 -2.06 12.10
N GLN A 93 -47.41 -1.92 11.94
CA GLN A 93 -48.32 -1.88 13.08
C GLN A 93 -49.74 -2.08 12.58
N ARG A 94 -50.60 -2.54 13.49
CA ARG A 94 -52.02 -2.76 13.21
C ARG A 94 -52.78 -1.53 13.68
N LEU A 95 -53.14 -0.65 12.75
CA LEU A 95 -53.91 0.54 13.07
C LEU A 95 -55.40 0.37 12.82
N ASP A 96 -55.84 -0.81 12.42
CA ASP A 96 -57.26 -1.09 12.26
C ASP A 96 -57.59 -2.47 12.78
N LYS A 97 -58.84 -2.65 13.19
CA LYS A 97 -59.33 -3.90 13.73
C LYS A 97 -60.29 -4.57 12.76
N VAL A 98 -59.95 -4.58 11.48
CA VAL A 98 -60.75 -5.21 10.45
C VAL A 98 -59.87 -6.20 9.69
N HIS A 99 -60.51 -7.19 9.10
CA HIS A 99 -59.81 -8.17 8.29
C HIS A 99 -59.56 -7.60 6.90
N HIS A 100 -58.41 -7.93 6.34
CA HIS A 100 -57.99 -7.39 5.06
C HIS A 100 -57.97 -8.49 4.00
N ASN A 101 -58.31 -8.10 2.77
CA ASN A 101 -58.25 -9.03 1.66
C ASN A 101 -56.81 -9.27 1.25
N ILE A 102 -56.51 -10.52 0.89
CA ILE A 102 -55.16 -11.02 0.70
C ILE A 102 -55.09 -11.60 -0.70
N SER A 103 -54.02 -11.31 -1.45
CA SER A 103 -53.83 -11.95 -2.74
C SER A 103 -52.39 -12.43 -2.84
N VAL A 104 -52.20 -13.74 -3.01
CA VAL A 104 -50.87 -14.32 -3.04
C VAL A 104 -50.66 -15.07 -4.35
N THR A 105 -49.53 -14.77 -5.01
CA THR A 105 -49.10 -15.41 -6.23
C THR A 105 -47.86 -16.22 -5.88
N ILE A 106 -47.90 -17.52 -6.09
CA ILE A 106 -46.76 -18.39 -5.80
C ILE A 106 -46.27 -18.98 -7.12
N THR A 107 -45.08 -18.59 -7.55
CA THR A 107 -44.53 -19.09 -8.80
C THR A 107 -43.31 -19.93 -8.53
N CYS A 108 -43.13 -20.97 -9.33
CA CYS A 108 -41.95 -21.84 -9.22
C CYS A 108 -40.90 -21.33 -10.19
N MET A 109 -39.73 -20.96 -9.64
CA MET A 109 -38.58 -20.61 -10.46
C MET A 109 -37.60 -21.75 -10.64
N GLU A 110 -37.81 -22.88 -9.98
CA GLU A 110 -37.02 -24.08 -10.16
C GLU A 110 -37.98 -25.26 -10.15
N MET A 111 -37.46 -26.44 -10.52
CA MET A 111 -38.23 -27.68 -10.63
C MET A 111 -39.46 -27.56 -11.52
N ASN A 112 -40.66 -27.79 -10.98
CA ASN A 112 -41.87 -27.79 -11.81
C ASN A 112 -42.31 -26.36 -12.08
N CYS A 113 -41.63 -25.72 -13.00
CA CYS A 113 -42.09 -24.45 -13.52
C CYS A 113 -43.22 -24.68 -14.53
N GLY A 114 -44.04 -23.67 -14.72
CA GLY A 114 -45.12 -23.78 -15.69
C GLY A 114 -46.10 -22.63 -15.55
N THR A 115 -47.20 -22.76 -16.29
CA THR A 115 -48.27 -21.78 -16.27
C THR A 115 -49.15 -21.97 -15.03
N THR A 116 -50.19 -21.15 -14.96
CA THR A 116 -51.07 -21.11 -13.78
C THR A 116 -51.88 -22.40 -13.66
N LYS A 117 -51.66 -23.12 -12.57
CA LYS A 117 -52.43 -24.32 -12.29
C LYS A 117 -53.64 -24.03 -11.42
N TYR A 118 -53.61 -22.95 -10.65
CA TYR A 118 -54.64 -22.72 -9.65
C TYR A 118 -54.87 -21.22 -9.51
N ASN A 119 -56.14 -20.83 -9.42
CA ASN A 119 -56.52 -19.44 -9.23
C ASN A 119 -57.90 -19.45 -8.58
N SER A 120 -57.97 -19.14 -7.29
CA SER A 120 -59.23 -19.27 -6.57
C SER A 120 -59.27 -18.31 -5.41
N ASP A 121 -60.43 -18.26 -4.76
CA ASP A 121 -60.65 -17.49 -3.55
C ASP A 121 -60.74 -18.44 -2.36
N LEU A 122 -59.79 -18.33 -1.45
CA LEU A 122 -59.75 -19.13 -0.24
C LEU A 122 -60.41 -18.34 0.88
N PRO A 123 -61.47 -18.83 1.51
CA PRO A 123 -62.11 -18.06 2.57
C PRO A 123 -61.32 -18.09 3.86
N GLU A 124 -61.66 -17.16 4.75
CA GLU A 124 -61.37 -17.31 6.17
C GLU A 124 -61.94 -18.63 6.69
N SER A 125 -61.10 -19.40 7.37
CA SER A 125 -61.59 -20.55 8.08
C SER A 125 -62.39 -20.11 9.32
N ILE A 126 -61.96 -19.03 9.95
CA ILE A 126 -62.60 -18.44 11.11
C ILE A 126 -63.07 -17.04 10.76
N HIS A 127 -64.33 -16.75 11.12
CA HIS A 127 -65.08 -15.49 11.04
C HIS A 127 -65.59 -15.16 9.64
N LYS A 128 -65.13 -15.89 8.62
CA LYS A 128 -65.62 -15.84 7.23
C LYS A 128 -65.74 -14.42 6.66
N SER A 129 -64.73 -13.59 6.93
CA SER A 129 -64.85 -12.16 6.69
C SER A 129 -64.01 -11.64 5.52
N SER A 130 -63.20 -12.49 4.89
CA SER A 130 -62.32 -12.03 3.82
C SER A 130 -61.98 -13.21 2.93
N SER A 131 -61.37 -12.90 1.78
CA SER A 131 -61.04 -13.90 0.78
C SER A 131 -59.62 -13.69 0.28
N CYS A 132 -58.90 -14.80 0.11
CA CYS A 132 -57.55 -14.81 -0.43
C CYS A 132 -57.58 -15.20 -1.91
N ASP A 133 -57.17 -14.28 -2.76
CA ASP A 133 -57.01 -14.57 -4.18
C ASP A 133 -55.67 -15.28 -4.33
N ILE A 134 -55.68 -16.60 -4.37
CA ILE A 134 -54.47 -17.38 -4.58
C ILE A 134 -54.34 -17.71 -6.06
N THR A 135 -53.10 -17.69 -6.54
CA THR A 135 -52.79 -18.21 -7.87
C THR A 135 -51.38 -18.74 -7.90
N ILE A 136 -51.23 -19.93 -8.47
CA ILE A 136 -49.98 -20.70 -8.42
C ILE A 136 -49.48 -20.92 -9.84
N ASN A 137 -48.33 -20.35 -10.14
CA ASN A 137 -47.68 -20.50 -11.44
C ASN A 137 -46.68 -21.65 -11.31
N GLY A 138 -47.20 -22.87 -11.40
CA GLY A 138 -46.39 -24.06 -11.35
C GLY A 138 -47.16 -25.21 -10.76
N SER A 139 -46.58 -26.41 -10.89
CA SER A 139 -47.11 -27.60 -10.26
C SER A 139 -46.22 -28.06 -9.12
N CYS A 140 -45.36 -27.18 -8.63
CA CYS A 140 -44.36 -27.52 -7.64
C CYS A 140 -44.80 -27.27 -6.20
N VAL A 141 -46.04 -26.84 -5.99
CA VAL A 141 -46.55 -26.55 -4.66
C VAL A 141 -47.44 -27.70 -4.21
N THR A 142 -47.11 -28.28 -3.06
CA THR A 142 -47.95 -29.29 -2.45
C THR A 142 -49.17 -28.66 -1.79
N CYS A 143 -48.94 -27.69 -0.91
CA CYS A 143 -50.03 -27.11 -0.13
C CYS A 143 -49.66 -25.72 0.35
N VAL A 144 -50.68 -24.91 0.61
CA VAL A 144 -50.54 -23.54 1.09
C VAL A 144 -51.31 -23.38 2.40
N ASN A 145 -50.68 -22.75 3.39
CA ASN A 145 -51.28 -22.43 4.68
C ASN A 145 -50.89 -21.01 5.03
N LEU A 146 -51.85 -20.11 5.16
CA LEU A 146 -51.53 -18.73 5.53
C LEU A 146 -52.36 -18.38 6.76
N GLU A 147 -51.69 -18.18 7.88
CA GLU A 147 -52.33 -17.79 9.14
C GLU A 147 -52.07 -16.30 9.34
N THR A 148 -53.05 -15.49 8.95
CA THR A 148 -52.95 -14.04 9.09
C THR A 148 -53.21 -13.65 10.54
N ASP A 149 -52.32 -12.80 11.07
CA ASP A 149 -52.27 -12.31 12.45
C ASP A 149 -52.28 -13.46 13.45
N PRO A 150 -51.19 -14.20 13.59
CA PRO A 150 -51.19 -15.33 14.53
C PRO A 150 -51.06 -14.88 15.97
N THR A 151 -51.58 -15.71 16.87
CA THR A 151 -51.47 -15.44 18.29
C THR A 151 -50.18 -15.95 18.90
N LYS A 152 -49.42 -16.77 18.17
CA LYS A 152 -48.20 -17.35 18.70
C LYS A 152 -47.09 -17.26 17.67
N ILE A 153 -45.93 -16.85 18.12
CA ILE A 153 -44.73 -16.80 17.30
C ILE A 153 -44.08 -18.18 17.35
N ASN A 154 -43.47 -18.57 16.26
CA ASN A 154 -42.71 -19.83 16.24
C ASN A 154 -41.50 -19.69 17.15
N PRO A 155 -41.31 -20.61 18.10
CA PRO A 155 -40.21 -20.44 19.08
C PRO A 155 -38.82 -20.57 18.49
N HIS A 156 -38.68 -21.16 17.31
CA HIS A 156 -37.35 -21.32 16.72
C HIS A 156 -36.88 -20.08 15.98
N TYR A 157 -37.67 -19.03 15.93
CA TYR A 157 -37.28 -17.79 15.28
C TYR A 157 -36.69 -16.86 16.33
N LEU A 158 -35.43 -16.50 16.17
CA LEU A 158 -34.71 -15.66 17.12
C LEU A 158 -34.74 -14.22 16.63
N HIS A 159 -35.46 -13.36 17.35
CA HIS A 159 -35.60 -11.98 16.95
C HIS A 159 -34.29 -11.22 17.18
N PRO A 160 -33.99 -10.21 16.37
CA PRO A 160 -32.78 -9.41 16.60
C PRO A 160 -32.87 -8.60 17.89
N LYS A 161 -31.70 -8.31 18.45
CA LYS A 161 -31.63 -7.74 19.79
C LYS A 161 -32.07 -6.28 19.80
N ASN A 162 -31.70 -5.51 18.79
CA ASN A 162 -32.05 -4.10 18.75
C ASN A 162 -33.46 -3.84 18.23
N LYS A 163 -34.21 -4.87 17.90
CA LYS A 163 -35.54 -4.75 17.30
C LYS A 163 -36.61 -5.01 18.36
N TYR A 164 -37.85 -4.74 18.00
CA TYR A 164 -38.99 -5.04 18.86
C TYR A 164 -40.04 -5.77 18.05
N LEU A 165 -40.69 -6.74 18.68
CA LEU A 165 -41.68 -7.59 18.01
C LEU A 165 -43.00 -7.52 18.76
N TYR A 166 -44.08 -7.31 18.02
CA TYR A 166 -45.42 -7.38 18.56
C TYR A 166 -46.26 -8.30 17.69
N HIS A 167 -47.13 -9.06 18.33
CA HIS A 167 -47.99 -9.98 17.62
C HIS A 167 -49.41 -9.87 18.19
N ASN A 168 -50.36 -10.44 17.45
CA ASN A 168 -51.75 -10.40 17.86
C ASN A 168 -51.97 -11.23 19.12
N SER A 169 -52.87 -10.75 19.98
CA SER A 169 -53.21 -11.47 21.19
C SER A 169 -54.69 -11.84 21.25
N GLU A 170 -55.50 -11.41 20.29
CA GLU A 170 -56.92 -11.71 20.27
C GLU A 170 -57.21 -12.73 19.20
N TYR A 171 -58.11 -13.67 19.52
CA TYR A 171 -58.56 -14.66 18.56
C TYR A 171 -59.42 -14.06 17.47
N SER A 172 -60.07 -12.92 17.74
CA SER A 172 -61.00 -12.35 16.77
C SER A 172 -60.31 -11.79 15.53
N MET A 173 -59.01 -11.50 15.61
CA MET A 173 -58.28 -11.01 14.46
C MET A 173 -57.50 -12.09 13.73
N ARG A 174 -57.61 -13.34 14.16
CA ARG A 174 -56.95 -14.42 13.44
C ARG A 174 -57.69 -14.74 12.15
N GLY A 175 -56.92 -15.12 11.13
CA GLY A 175 -57.51 -15.62 9.91
C GLY A 175 -56.72 -16.80 9.39
N SER A 176 -57.38 -17.79 8.82
CA SER A 176 -56.69 -18.97 8.30
C SER A 176 -57.15 -19.24 6.88
N TYR A 177 -56.19 -19.42 5.98
CA TYR A 177 -56.47 -19.85 4.61
C TYR A 177 -55.64 -21.09 4.34
N GLY A 178 -56.23 -22.06 3.66
CA GLY A 178 -55.52 -23.29 3.40
C GLY A 178 -56.01 -23.94 2.12
N VAL A 179 -55.08 -24.55 1.41
CA VAL A 179 -55.41 -25.37 0.25
C VAL A 179 -54.39 -26.49 0.16
N THR A 180 -54.88 -27.69 -0.16
CA THR A 180 -54.03 -28.83 -0.41
C THR A 180 -54.35 -29.36 -1.79
N PHE A 181 -53.33 -29.91 -2.46
CA PHE A 181 -53.51 -30.48 -3.78
C PHE A 181 -53.24 -31.97 -3.80
N ILE A 182 -52.99 -32.57 -2.63
CA ILE A 182 -52.69 -33.99 -2.51
C ILE A 182 -53.65 -34.57 -1.48
N ASP A 183 -53.78 -35.90 -1.50
CA ASP A 183 -54.80 -36.59 -0.70
C ASP A 183 -54.31 -36.87 0.73
N GLU A 184 -54.01 -35.79 1.45
CA GLU A 184 -53.65 -35.89 2.86
C GLU A 184 -54.34 -34.78 3.62
N LEU A 185 -54.91 -35.13 4.79
CA LEU A 185 -55.47 -34.13 5.68
C LEU A 185 -54.38 -33.25 6.25
N ASN A 186 -54.61 -31.93 6.22
CA ASN A 186 -53.65 -30.90 6.68
C ASN A 186 -52.34 -31.10 5.93
N GLN A 187 -51.23 -31.38 6.63
CA GLN A 187 -49.83 -31.60 6.26
C GLN A 187 -49.23 -30.30 5.73
N CYS A 188 -49.95 -29.18 5.82
CA CYS A 188 -49.30 -27.89 5.62
C CYS A 188 -48.49 -27.49 6.84
N LEU A 189 -48.91 -27.94 8.01
CA LEU A 189 -48.24 -27.65 9.27
C LEU A 189 -46.90 -28.37 9.37
N LEU A 190 -45.94 -27.75 10.04
CA LEU A 190 -44.58 -28.26 10.08
C LEU A 190 -44.36 -29.18 11.27
N ASP A 191 -43.14 -29.71 11.37
CA ASP A 191 -42.76 -30.60 12.45
C ASP A 191 -42.22 -29.82 13.63
N ILE A 192 -41.67 -28.61 13.39
CA ILE A 192 -41.04 -27.66 14.30
C ILE A 192 -40.11 -28.27 15.34
N LYS A 193 -39.50 -29.40 15.00
CA LYS A 193 -38.52 -30.05 15.87
C LYS A 193 -37.12 -29.52 15.61
N GLU A 194 -36.75 -29.39 14.33
CA GLU A 194 -35.46 -28.84 13.94
C GLU A 194 -35.72 -27.86 12.80
N LEU A 195 -35.86 -26.59 13.15
CA LEU A 195 -36.18 -25.52 12.20
C LEU A 195 -35.31 -24.32 12.51
N SER A 196 -34.78 -23.69 11.48
CA SER A 196 -34.00 -22.48 11.62
C SER A 196 -34.46 -21.46 10.59
N TYR A 197 -34.40 -20.18 10.96
CA TYR A 197 -34.94 -19.11 10.15
C TYR A 197 -33.83 -18.17 9.71
N ASP A 198 -33.99 -17.60 8.52
CA ASP A 198 -33.03 -16.66 7.98
C ASP A 198 -33.81 -15.42 7.56
N ILE A 199 -33.31 -14.25 7.93
CA ILE A 199 -33.95 -12.99 7.58
C ILE A 199 -33.55 -12.63 6.15
N CYS A 200 -34.53 -12.25 5.34
CA CYS A 200 -34.30 -11.92 3.94
C CYS A 200 -33.46 -10.65 3.79
N TYR A 201 -32.86 -10.48 2.61
CA TYR A 201 -31.72 -9.59 2.47
C TYR A 201 -32.13 -8.12 2.38
N ARG A 202 -32.84 -7.75 1.32
CA ARG A 202 -33.06 -6.34 1.04
C ARG A 202 -34.13 -5.76 1.96
N GLU A 203 -34.29 -4.43 1.88
CA GLU A 203 -35.26 -3.64 2.64
C GLU A 203 -35.20 -3.84 4.15
N TYR B 3 -25.13 50.46 26.38
CA TYR B 3 -24.60 49.10 26.32
C TYR B 3 -25.71 48.05 26.33
N LYS B 4 -25.69 47.17 25.34
CA LYS B 4 -26.63 46.06 25.24
C LYS B 4 -25.87 44.75 25.12
N ASN B 5 -26.21 43.79 25.97
CA ASN B 5 -25.66 42.45 25.84
C ASN B 5 -26.24 41.75 24.62
N THR B 6 -25.36 41.16 23.81
CA THR B 6 -25.77 40.48 22.59
C THR B 6 -25.38 39.01 22.66
N ILE B 7 -25.99 38.22 21.80
CA ILE B 7 -25.65 36.81 21.69
C ILE B 7 -24.29 36.68 21.02
N CYS B 8 -23.47 35.76 21.54
CA CYS B 8 -22.14 35.51 21.02
C CYS B 8 -22.22 34.97 19.59
N PRO B 9 -21.20 35.23 18.77
CA PRO B 9 -21.24 34.75 17.39
C PRO B 9 -21.16 33.24 17.33
N PRO B 10 -21.76 32.63 16.30
CA PRO B 10 -21.76 31.16 16.22
C PRO B 10 -20.38 30.60 15.96
N ARG B 11 -20.10 29.47 16.62
CA ARG B 11 -18.84 28.78 16.47
C ARG B 11 -19.13 27.30 16.22
N GLN B 12 -18.07 26.56 15.87
CA GLN B 12 -18.25 25.14 15.57
C GLN B 12 -18.55 24.34 16.82
N ASP B 13 -17.80 24.57 17.89
CA ASP B 13 -17.96 23.82 19.14
C ASP B 13 -18.15 24.84 20.24
N TYR B 14 -19.12 24.58 21.12
CA TYR B 14 -19.47 25.50 22.19
C TYR B 14 -19.00 24.91 23.50
N ARG B 15 -18.12 25.63 24.20
CA ARG B 15 -17.55 25.10 25.43
C ARG B 15 -18.31 25.50 26.68
N TYR B 16 -19.26 26.41 26.59
CA TYR B 16 -20.04 26.88 27.73
C TYR B 16 -21.51 26.60 27.48
N TRP B 17 -22.12 25.84 28.38
CA TRP B 17 -23.45 25.29 28.18
C TRP B 17 -24.32 25.76 29.33
N TYR B 18 -25.57 26.12 29.04
CA TYR B 18 -26.52 26.56 30.05
C TYR B 18 -27.71 25.61 30.01
N PHE B 19 -28.00 25.00 31.15
CA PHE B 19 -29.09 24.04 31.27
C PHE B 19 -30.42 24.78 31.25
N VAL B 20 -31.17 24.65 30.15
CA VAL B 20 -32.32 25.49 29.93
C VAL B 20 -33.64 24.76 30.15
N ALA B 21 -33.70 23.45 29.95
CA ALA B 21 -34.97 22.77 29.87
C ALA B 21 -34.80 21.31 30.22
N GLU B 22 -35.90 20.68 30.58
CA GLU B 22 -35.89 19.30 31.10
C GLU B 22 -37.18 18.65 30.61
N LEU B 23 -37.11 18.03 29.45
CA LEU B 23 -38.28 17.50 28.75
C LEU B 23 -38.35 15.99 28.97
N THR B 24 -39.48 15.53 29.53
CA THR B 24 -39.64 14.11 29.90
C THR B 24 -40.85 13.53 29.20
N ILE B 25 -40.91 13.69 27.88
CA ILE B 25 -42.02 13.21 27.07
C ILE B 25 -42.14 11.71 27.16
N GLY B 26 -43.31 11.24 27.61
CA GLY B 26 -43.57 9.82 27.73
C GLY B 26 -44.21 9.25 26.49
N VAL B 27 -43.98 7.97 26.25
CA VAL B 27 -44.48 7.27 25.07
C VAL B 27 -45.10 5.96 25.52
N ASN B 28 -46.17 5.54 24.84
CA ASN B 28 -46.82 4.28 25.17
C ASN B 28 -46.19 3.08 24.48
N TYR B 29 -45.22 3.27 23.60
CA TYR B 29 -44.49 2.15 23.04
C TYR B 29 -43.16 1.95 23.77
N ASP B 30 -42.57 0.78 23.57
CA ASP B 30 -41.43 0.34 24.36
C ASP B 30 -40.14 0.85 23.76
N ILE B 31 -39.34 1.56 24.56
CA ILE B 31 -37.92 1.76 24.32
C ILE B 31 -37.20 1.17 25.51
N ASN B 32 -36.29 0.24 25.26
CA ASN B 32 -35.70 -0.50 26.36
C ASN B 32 -34.57 0.27 27.04
N SER B 33 -33.69 0.89 26.26
CA SER B 33 -32.50 1.50 26.84
C SER B 33 -32.02 2.61 25.93
N THR B 34 -31.11 3.41 26.46
CA THR B 34 -30.51 4.51 25.72
C THR B 34 -29.51 3.96 24.72
N ILE B 35 -29.71 4.27 23.44
CA ILE B 35 -28.84 3.81 22.37
C ILE B 35 -27.83 4.91 22.08
N ILE B 36 -26.55 4.56 22.11
CA ILE B 36 -25.49 5.54 21.90
C ILE B 36 -25.47 5.94 20.43
N GLY B 37 -25.48 7.25 20.18
CA GLY B 37 -25.44 7.74 18.82
C GLY B 37 -26.77 7.73 18.11
N GLU B 38 -27.88 7.76 18.85
CA GLU B 38 -29.21 7.71 18.26
C GLU B 38 -29.75 9.10 17.94
N CYS B 39 -29.66 10.01 18.90
CA CYS B 39 -30.25 11.34 18.76
C CYS B 39 -29.51 12.18 17.73
N HIS B 40 -30.27 12.94 16.95
CA HIS B 40 -29.70 13.88 15.98
C HIS B 40 -30.38 15.22 16.17
N MET B 41 -29.58 16.26 16.40
CA MET B 41 -30.08 17.58 16.73
C MET B 41 -29.71 18.58 15.65
N SER B 42 -30.67 19.41 15.28
CA SER B 42 -30.44 20.51 14.34
C SER B 42 -30.88 21.80 14.99
N GLU B 43 -29.96 22.76 15.06
CA GLU B 43 -30.20 24.03 15.73
C GLU B 43 -30.45 25.13 14.70
N SER B 44 -31.12 26.20 15.15
CA SER B 44 -31.35 27.36 14.32
C SER B 44 -31.55 28.58 15.20
N TYR B 45 -31.10 29.73 14.70
CA TYR B 45 -31.37 31.03 15.32
C TYR B 45 -31.62 31.99 14.17
N ILE B 46 -32.90 32.16 13.82
CA ILE B 46 -33.33 33.10 12.79
C ILE B 46 -34.34 34.04 13.41
N ASP B 47 -34.05 35.33 13.35
CA ASP B 47 -34.92 36.43 13.79
C ASP B 47 -35.27 36.28 15.27
N ARG B 48 -34.21 36.17 16.08
CA ARG B 48 -34.26 36.18 17.54
C ARG B 48 -35.11 35.05 18.12
N ASN B 49 -35.21 33.93 17.41
CA ASN B 49 -36.00 32.79 17.86
C ASN B 49 -35.13 31.55 17.80
N ALA B 50 -34.87 30.95 18.96
CA ALA B 50 -34.09 29.72 18.98
C ALA B 50 -34.95 28.56 18.55
N ASN B 51 -34.32 27.56 17.93
CA ASN B 51 -35.06 26.40 17.45
C ASN B 51 -34.17 25.17 17.51
N ILE B 52 -34.75 24.05 17.92
CA ILE B 52 -34.03 22.78 17.97
C ILE B 52 -34.96 21.69 17.46
N VAL B 53 -34.44 20.84 16.57
CA VAL B 53 -35.16 19.69 16.06
C VAL B 53 -34.41 18.44 16.50
N LEU B 54 -35.07 17.59 17.25
CA LEU B 54 -34.48 16.39 17.86
C LEU B 54 -35.13 15.17 17.23
N THR B 55 -34.37 14.44 16.43
CA THR B 55 -34.84 13.19 15.87
C THR B 55 -34.20 12.04 16.64
N GLY B 56 -35.02 11.24 17.30
CA GLY B 56 -34.50 10.11 18.04
C GLY B 56 -35.56 9.39 18.83
N TYR B 57 -35.37 8.06 19.02
CA TYR B 57 -36.22 7.22 19.85
C TYR B 57 -37.68 7.25 19.41
N GLY B 58 -37.88 7.37 18.10
CA GLY B 58 -39.20 7.40 17.52
C GLY B 58 -39.90 8.73 17.53
N LEU B 59 -39.22 9.81 17.92
CA LEU B 59 -39.87 11.11 18.01
C LEU B 59 -39.04 12.22 17.38
N LYS B 60 -39.75 13.21 16.84
CA LYS B 60 -39.17 14.46 16.39
C LYS B 60 -39.70 15.58 17.29
N ILE B 61 -38.78 16.34 17.88
CA ILE B 61 -39.11 17.41 18.81
C ILE B 61 -38.65 18.71 18.15
N ASN B 62 -39.59 19.49 17.64
CA ASN B 62 -39.31 20.80 17.07
C ASN B 62 -39.72 21.82 18.12
N MET B 63 -38.77 22.18 18.98
CA MET B 63 -39.03 23.10 20.07
C MET B 63 -38.33 24.42 19.79
N THR B 64 -39.07 25.51 19.89
CA THR B 64 -38.57 26.83 19.58
C THR B 64 -38.90 27.77 20.73
N ILE B 65 -38.02 28.74 20.94
CA ILE B 65 -38.22 29.76 21.96
C ILE B 65 -38.27 31.10 21.26
N MET B 66 -39.29 31.90 21.58
CA MET B 66 -39.48 33.20 20.97
C MET B 66 -38.79 34.29 21.76
N ASP B 67 -38.21 35.26 21.04
CA ASP B 67 -37.73 36.54 21.56
C ASP B 67 -36.62 36.33 22.59
N THR B 68 -35.57 35.62 22.15
CA THR B 68 -34.46 35.26 23.03
C THR B 68 -33.14 35.76 22.47
N ASP B 69 -32.14 35.80 23.35
CA ASP B 69 -30.75 35.97 22.99
C ASP B 69 -29.95 34.70 23.27
N GLN B 70 -30.62 33.55 23.20
CA GLN B 70 -30.01 32.24 23.41
C GLN B 70 -30.21 31.41 22.16
N ARG B 71 -29.23 30.57 21.85
CA ARG B 71 -29.38 29.57 20.80
C ARG B 71 -29.05 28.22 21.38
N PHE B 72 -29.83 27.20 20.98
CA PHE B 72 -29.61 25.85 21.46
C PHE B 72 -28.27 25.33 20.94
N VAL B 73 -27.42 24.90 21.86
CA VAL B 73 -26.10 24.45 21.48
C VAL B 73 -25.88 22.98 21.77
N ALA B 74 -26.73 22.36 22.61
CA ALA B 74 -26.52 20.96 22.93
C ALA B 74 -27.83 20.34 23.40
N ALA B 75 -27.87 19.01 23.33
CA ALA B 75 -28.99 18.26 23.83
C ALA B 75 -28.53 16.85 24.18
N ALA B 76 -29.06 16.31 25.26
CA ALA B 76 -28.73 14.96 25.71
C ALA B 76 -30.03 14.21 25.93
N GLU B 77 -30.13 13.02 25.36
CA GLU B 77 -31.37 12.26 25.40
C GLU B 77 -31.13 10.93 26.09
N GLY B 78 -32.12 10.50 26.89
CA GLY B 78 -32.00 9.26 27.62
C GLY B 78 -33.36 8.63 27.78
N VAL B 79 -33.36 7.33 28.03
CA VAL B 79 -34.58 6.56 28.18
C VAL B 79 -34.61 5.98 29.59
N GLY B 80 -35.62 6.36 30.36
CA GLY B 80 -35.82 5.83 31.69
C GLY B 80 -36.76 4.66 31.69
N LYS B 81 -37.17 4.26 32.88
CA LYS B 81 -38.11 3.16 33.01
C LYS B 81 -39.52 3.62 32.67
N ASP B 82 -40.39 2.63 32.43
CA ASP B 82 -41.79 2.81 32.04
C ASP B 82 -41.94 3.62 30.77
N ASN B 83 -40.98 3.47 29.85
CA ASN B 83 -40.96 4.09 28.51
C ASN B 83 -41.03 5.61 28.60
N LYS B 84 -40.02 6.19 29.24
CA LYS B 84 -39.93 7.62 29.46
C LYS B 84 -38.74 8.16 28.70
N LEU B 85 -38.92 9.28 28.02
CA LEU B 85 -37.86 9.85 27.20
C LEU B 85 -37.46 11.20 27.77
N SER B 86 -36.34 11.23 28.48
CA SER B 86 -35.83 12.45 29.08
C SER B 86 -34.96 13.19 28.09
N VAL B 87 -35.18 14.49 27.95
CA VAL B 87 -34.43 15.34 27.06
C VAL B 87 -33.87 16.50 27.87
N LEU B 88 -32.57 16.71 27.78
CA LEU B 88 -31.88 17.80 28.45
C LEU B 88 -31.40 18.76 27.38
N LEU B 89 -31.66 20.05 27.55
CA LEU B 89 -31.33 21.04 26.54
C LEU B 89 -30.39 22.10 27.11
N PHE B 90 -29.44 22.54 26.27
CA PHE B 90 -28.44 23.48 26.68
C PHE B 90 -28.30 24.57 25.63
N THR B 91 -28.38 25.82 26.06
CA THR B 91 -28.12 27.01 25.25
C THR B 91 -26.81 27.67 25.69
N THR B 92 -26.57 28.87 25.16
CA THR B 92 -25.33 29.58 25.46
C THR B 92 -25.32 30.16 26.87
N GLN B 93 -26.20 31.11 27.12
CA GLN B 93 -26.17 31.88 28.36
C GLN B 93 -27.49 32.61 28.53
N ARG B 94 -27.81 32.94 29.77
CA ARG B 94 -29.02 33.68 30.12
C ARG B 94 -28.63 35.15 30.25
N LEU B 95 -28.93 35.93 29.22
CA LEU B 95 -28.66 37.36 29.26
C LEU B 95 -29.87 38.20 29.62
N ASP B 96 -30.99 37.57 29.96
CA ASP B 96 -32.17 38.29 30.42
C ASP B 96 -32.82 37.53 31.57
N LYS B 97 -33.52 38.27 32.41
CA LYS B 97 -34.21 37.72 33.57
C LYS B 97 -35.72 37.76 33.38
N VAL B 98 -36.17 37.39 32.19
CA VAL B 98 -37.59 37.35 31.88
C VAL B 98 -37.92 35.94 31.36
N HIS B 99 -39.18 35.57 31.52
CA HIS B 99 -39.65 34.29 31.01
C HIS B 99 -39.94 34.40 29.53
N HIS B 100 -39.64 33.33 28.80
CA HIS B 100 -39.78 33.31 27.35
C HIS B 100 -40.91 32.38 26.94
N ASN B 101 -41.59 32.76 25.86
CA ASN B 101 -42.63 31.91 25.31
C ASN B 101 -42.03 30.73 24.57
N ILE B 102 -42.66 29.57 24.71
CA ILE B 102 -42.11 28.29 24.29
C ILE B 102 -43.12 27.66 23.34
N SER B 103 -42.66 27.09 22.23
CA SER B 103 -43.56 26.34 21.35
C SER B 103 -42.91 25.02 20.98
N VAL B 104 -43.55 23.91 21.33
CA VAL B 104 -42.97 22.59 21.10
C VAL B 104 -43.93 21.75 20.25
N THR B 105 -43.38 21.17 19.19
CA THR B 105 -44.08 20.27 18.29
C THR B 105 -43.48 18.89 18.50
N ILE B 106 -44.29 17.92 18.90
CA ILE B 106 -43.82 16.56 19.13
C ILE B 106 -44.50 15.66 18.11
N THR B 107 -43.75 15.11 17.17
CA THR B 107 -44.32 14.25 16.14
C THR B 107 -43.79 12.84 16.31
N CYS B 108 -44.64 11.86 16.03
CA CYS B 108 -44.25 10.46 16.08
C CYS B 108 -43.80 10.03 14.70
N MET B 109 -42.55 9.59 14.59
CA MET B 109 -42.03 9.00 13.36
C MET B 109 -42.06 7.48 13.35
N GLU B 110 -42.43 6.86 14.47
CA GLU B 110 -42.62 5.42 14.56
C GLU B 110 -43.86 5.18 15.40
N MET B 111 -44.32 3.93 15.42
CA MET B 111 -45.54 3.50 16.13
C MET B 111 -46.78 4.31 15.75
N ASN B 112 -47.40 4.99 16.71
CA ASN B 112 -48.65 5.69 16.44
C ASN B 112 -48.36 7.02 15.76
N CYS B 113 -48.06 6.95 14.47
CA CYS B 113 -48.00 8.15 13.65
C CYS B 113 -49.42 8.61 13.30
N GLY B 114 -49.54 9.89 12.99
CA GLY B 114 -50.84 10.42 12.60
C GLY B 114 -50.83 11.93 12.56
N THR B 115 -52.02 12.48 12.38
CA THR B 115 -52.23 13.92 12.34
C THR B 115 -52.23 14.49 13.76
N THR B 116 -52.47 15.80 13.83
CA THR B 116 -52.39 16.54 15.10
C THR B 116 -53.53 16.14 16.03
N LYS B 117 -53.18 15.56 17.17
CA LYS B 117 -54.16 15.21 18.19
C LYS B 117 -54.34 16.32 19.21
N TYR B 118 -53.36 17.19 19.38
CA TYR B 118 -53.38 18.15 20.47
C TYR B 118 -52.68 19.43 20.02
N ASN B 119 -53.28 20.57 20.37
CA ASN B 119 -52.71 21.87 20.07
C ASN B 119 -53.29 22.85 21.09
N SER B 120 -52.48 23.25 22.06
CA SER B 120 -53.00 24.08 23.15
C SER B 120 -51.90 24.95 23.73
N ASP B 121 -52.31 25.82 24.65
CA ASP B 121 -51.40 26.66 25.40
C ASP B 121 -51.31 26.14 26.84
N LEU B 122 -50.13 25.69 27.22
CA LEU B 122 -49.86 25.20 28.56
C LEU B 122 -49.29 26.35 29.38
N PRO B 123 -49.91 26.74 30.49
CA PRO B 123 -49.38 27.85 31.26
C PRO B 123 -48.16 27.45 32.08
N GLU B 124 -47.42 28.47 32.54
CA GLU B 124 -46.55 28.31 33.70
C GLU B 124 -47.33 27.77 34.89
N SER B 125 -46.80 26.71 35.49
CA SER B 125 -47.34 26.27 36.76
C SER B 125 -46.98 27.23 37.87
N ILE B 126 -45.79 27.83 37.79
CA ILE B 126 -45.29 28.81 38.73
C ILE B 126 -45.07 30.13 38.00
N HIS B 127 -45.55 31.22 38.61
CA HIS B 127 -45.45 32.64 38.26
C HIS B 127 -46.37 33.07 37.13
N LYS B 128 -47.00 32.11 36.43
CA LYS B 128 -48.05 32.32 35.41
C LYS B 128 -47.69 33.41 34.37
N SER B 129 -46.46 33.39 33.90
CA SER B 129 -45.93 34.50 33.12
C SER B 129 -45.74 34.19 31.63
N SER B 130 -45.97 32.97 31.19
CA SER B 130 -45.72 32.60 29.80
C SER B 130 -46.59 31.41 29.44
N SER B 131 -46.64 31.11 28.14
CA SER B 131 -47.47 30.05 27.63
C SER B 131 -46.69 29.21 26.62
N CYS B 132 -46.87 27.90 26.69
CA CYS B 132 -46.28 26.93 25.79
C CYS B 132 -47.29 26.50 24.74
N ASP B 133 -47.00 26.82 23.48
CA ASP B 133 -47.81 26.34 22.37
C ASP B 133 -47.36 24.92 22.09
N ILE B 134 -48.08 23.95 22.62
CA ILE B 134 -47.78 22.54 22.37
C ILE B 134 -48.66 22.06 21.22
N THR B 135 -48.09 21.19 20.39
CA THR B 135 -48.87 20.47 19.39
C THR B 135 -48.21 19.13 19.11
N ILE B 136 -49.03 18.09 19.08
CA ILE B 136 -48.57 16.70 19.03
C ILE B 136 -49.12 16.06 17.77
N ASN B 137 -48.22 15.67 16.87
CA ASN B 137 -48.57 15.00 15.62
C ASN B 137 -48.42 13.50 15.88
N GLY B 138 -49.44 12.93 16.50
CA GLY B 138 -49.49 11.51 16.78
C GLY B 138 -50.29 11.23 18.03
N SER B 139 -50.58 9.95 18.24
CA SER B 139 -51.20 9.47 19.46
C SER B 139 -50.24 8.66 20.30
N CYS B 140 -48.95 8.81 20.04
CA CYS B 140 -47.92 8.00 20.66
C CYS B 140 -47.32 8.63 21.91
N VAL B 141 -47.81 9.78 22.33
CA VAL B 141 -47.27 10.48 23.49
C VAL B 141 -48.22 10.26 24.66
N THR B 142 -47.68 9.75 25.76
CA THR B 142 -48.43 9.62 27.01
C THR B 142 -48.57 10.97 27.70
N CYS B 143 -47.44 11.63 27.95
CA CYS B 143 -47.44 12.86 28.72
C CYS B 143 -46.22 13.69 28.40
N VAL B 144 -46.34 15.01 28.62
CA VAL B 144 -45.29 15.98 28.39
C VAL B 144 -45.02 16.75 29.68
N ASN B 145 -43.73 16.90 30.01
CA ASN B 145 -43.28 17.69 31.16
C ASN B 145 -42.09 18.51 30.72
N LEU B 146 -42.20 19.83 30.76
CA LEU B 146 -41.08 20.68 30.38
C LEU B 146 -40.79 21.62 31.55
N GLU B 147 -39.63 21.44 32.16
CA GLU B 147 -39.18 22.29 33.26
C GLU B 147 -38.13 23.25 32.70
N THR B 148 -38.56 24.46 32.36
CA THR B 148 -37.68 25.48 31.83
C THR B 148 -36.87 26.09 32.97
N ASP B 149 -35.56 26.20 32.75
CA ASP B 149 -34.52 26.68 33.66
C ASP B 149 -34.58 25.94 35.00
N PRO B 150 -34.17 24.68 35.07
CA PRO B 150 -34.25 23.94 36.32
C PRO B 150 -33.15 24.35 37.29
N THR B 151 -33.43 24.17 38.57
CA THR B 151 -32.46 24.45 39.62
C THR B 151 -31.54 23.28 39.89
N LYS B 152 -31.84 22.09 39.37
CA LYS B 152 -31.04 20.91 39.64
C LYS B 152 -30.81 20.13 38.36
N ILE B 153 -29.58 19.72 38.16
CA ILE B 153 -29.20 18.88 37.04
C ILE B 153 -29.46 17.44 37.45
N ASN B 154 -29.84 16.61 36.49
CA ASN B 154 -30.00 15.18 36.76
C ASN B 154 -28.62 14.58 37.04
N PRO B 155 -28.46 13.86 38.15
CA PRO B 155 -27.11 13.38 38.53
C PRO B 155 -26.58 12.30 37.61
N HIS B 156 -27.41 11.63 36.83
CA HIS B 156 -26.94 10.58 35.95
C HIS B 156 -26.38 11.10 34.63
N TYR B 157 -26.40 12.41 34.42
CA TYR B 157 -25.84 12.99 33.21
C TYR B 157 -24.40 13.41 33.49
N LEU B 158 -23.46 12.82 32.76
CA LEU B 158 -22.04 13.08 32.95
C LEU B 158 -21.58 14.11 31.93
N HIS B 159 -21.24 15.29 32.41
CA HIS B 159 -20.83 16.38 31.54
C HIS B 159 -19.44 16.10 30.96
N PRO B 160 -19.16 16.57 29.75
CA PRO B 160 -17.82 16.39 29.19
C PRO B 160 -16.76 17.18 29.93
N LYS B 161 -15.52 16.68 29.88
CA LYS B 161 -14.47 17.20 30.73
C LYS B 161 -14.00 18.58 30.27
N ASN B 162 -13.90 18.80 28.97
CA ASN B 162 -13.44 20.07 28.45
C ASN B 162 -14.51 21.14 28.38
N LYS B 163 -15.72 20.83 28.81
CA LYS B 163 -16.86 21.74 28.72
C LYS B 163 -17.14 22.36 30.09
N TYR B 164 -18.03 23.35 30.10
CA TYR B 164 -18.48 23.98 31.33
C TYR B 164 -19.99 24.04 31.33
N LEU B 165 -20.59 23.81 32.50
CA LEU B 165 -22.04 23.77 32.64
C LEU B 165 -22.48 24.78 33.70
N TYR B 166 -23.49 25.57 33.36
CA TYR B 166 -24.12 26.47 34.29
C TYR B 166 -25.62 26.24 34.26
N HIS B 167 -26.26 26.32 35.42
CA HIS B 167 -27.70 26.14 35.52
C HIS B 167 -28.27 27.21 36.43
N ASN B 168 -29.59 27.34 36.39
CA ASN B 168 -30.28 28.33 37.19
C ASN B 168 -30.17 27.99 38.67
N SER B 169 -30.07 29.03 39.50
CA SER B 169 -30.01 28.87 40.94
C SER B 169 -31.15 29.57 41.65
N GLU B 170 -31.98 30.32 40.94
CA GLU B 170 -33.09 31.04 41.54
C GLU B 170 -34.40 30.36 41.19
N TYR B 171 -35.31 30.30 42.17
CA TYR B 171 -36.63 29.75 41.95
C TYR B 171 -37.48 30.64 41.06
N SER B 172 -37.19 31.95 41.03
CA SER B 172 -38.03 32.89 40.30
C SER B 172 -37.96 32.71 38.79
N MET B 173 -36.90 32.08 38.29
CA MET B 173 -36.77 31.83 36.85
C MET B 173 -37.20 30.44 36.44
N ARG B 174 -37.70 29.63 37.37
CA ARG B 174 -38.20 28.30 37.01
C ARG B 174 -39.55 28.42 36.33
N GLY B 175 -39.78 27.54 35.37
CA GLY B 175 -41.10 27.41 34.75
C GLY B 175 -41.44 25.95 34.56
N SER B 176 -42.72 25.60 34.74
CA SER B 176 -43.14 24.22 34.57
C SER B 176 -44.35 24.16 33.65
N TYR B 177 -44.30 23.30 32.65
CA TYR B 177 -45.44 23.01 31.79
C TYR B 177 -45.67 21.52 31.80
N GLY B 178 -46.92 21.11 31.85
CA GLY B 178 -47.24 19.70 31.92
C GLY B 178 -48.58 19.41 31.30
N VAL B 179 -48.66 18.27 30.65
CA VAL B 179 -49.93 17.75 30.15
C VAL B 179 -49.88 16.23 30.19
N THR B 180 -50.99 15.65 30.62
CA THR B 180 -51.14 14.20 30.59
C THR B 180 -52.37 13.87 29.77
N PHE B 181 -52.34 12.72 29.11
CA PHE B 181 -53.46 12.27 28.31
C PHE B 181 -54.05 10.98 28.83
N ILE B 182 -53.58 10.50 29.99
CA ILE B 182 -54.05 9.27 30.59
C ILE B 182 -54.43 9.57 32.03
N ASP B 183 -55.21 8.67 32.63
CA ASP B 183 -55.81 8.92 33.94
C ASP B 183 -54.87 8.54 35.08
N GLU B 184 -53.73 9.21 35.12
CA GLU B 184 -52.78 9.06 36.21
C GLU B 184 -52.25 10.42 36.62
N LEU B 185 -52.19 10.66 37.93
CA LEU B 185 -51.57 11.88 38.44
C LEU B 185 -50.07 11.86 38.16
N ASN B 186 -49.56 12.99 37.66
CA ASN B 186 -48.14 13.17 37.28
C ASN B 186 -47.77 12.08 36.28
N GLN B 187 -46.80 11.21 36.60
CA GLN B 187 -46.17 10.08 35.90
C GLN B 187 -45.40 10.59 34.69
N CYS B 188 -45.25 11.90 34.54
CA CYS B 188 -44.26 12.42 33.61
C CYS B 188 -42.86 12.31 34.18
N LEU B 189 -42.74 12.38 35.49
CA LEU B 189 -41.46 12.28 36.18
C LEU B 189 -40.89 10.87 36.11
N LEU B 190 -39.57 10.77 36.08
CA LEU B 190 -38.91 9.50 35.85
C LEU B 190 -38.60 8.80 37.17
N ASP B 191 -38.01 7.60 37.06
CA ASP B 191 -37.62 6.81 38.21
C ASP B 191 -36.22 7.16 38.69
N ILE B 192 -35.37 7.66 37.77
CA ILE B 192 -33.96 8.06 37.90
C ILE B 192 -33.11 7.09 38.72
N LYS B 193 -33.46 5.81 38.71
CA LYS B 193 -32.68 4.79 39.38
C LYS B 193 -31.62 4.21 38.44
N GLU B 194 -31.98 3.94 37.20
CA GLU B 194 -31.04 3.45 36.19
C GLU B 194 -31.34 4.23 34.91
N LEU B 195 -30.59 5.30 34.71
CA LEU B 195 -30.76 6.19 33.56
C LEU B 195 -29.39 6.55 33.01
N SER B 196 -29.27 6.55 31.69
CA SER B 196 -28.04 6.96 31.04
C SER B 196 -28.38 7.90 29.89
N TYR B 197 -27.49 8.85 29.64
CA TYR B 197 -27.74 9.92 28.69
C TYR B 197 -26.74 9.84 27.53
N ASP B 198 -27.19 10.23 26.35
CA ASP B 198 -26.36 10.24 25.16
C ASP B 198 -26.46 11.63 24.55
N ILE B 199 -25.33 12.20 24.19
CA ILE B 199 -25.30 13.53 23.57
C ILE B 199 -25.61 13.38 22.08
N CYS B 200 -26.52 14.22 21.59
CA CYS B 200 -26.94 14.16 20.19
C CYS B 200 -25.80 14.54 19.25
N TYR B 201 -25.96 14.13 17.98
CA TYR B 201 -24.80 14.03 17.09
C TYR B 201 -24.38 15.38 16.51
N ARG B 202 -25.22 16.02 15.71
CA ARG B 202 -24.80 17.18 14.96
C ARG B 202 -24.72 18.41 15.85
N GLU B 203 -24.19 19.49 15.26
CA GLU B 203 -24.00 20.81 15.90
C GLU B 203 -23.25 20.78 17.23
N TYR C 3 23.38 56.91 9.21
CA TYR C 3 23.00 55.54 9.57
C TYR C 3 21.72 55.50 10.39
N LYS C 4 20.75 54.71 9.94
CA LYS C 4 19.50 54.51 10.65
C LYS C 4 19.26 53.02 10.85
N ASN C 5 19.00 52.62 12.09
CA ASN C 5 18.62 51.24 12.37
C ASN C 5 17.22 50.97 11.83
N THR C 6 17.06 49.87 11.12
CA THR C 6 15.78 49.50 10.53
C THR C 6 15.33 48.16 11.08
N ILE C 7 14.05 47.87 10.90
CA ILE C 7 13.49 46.59 11.30
C ILE C 7 13.98 45.52 10.33
N CYS C 8 14.33 44.36 10.89
CA CYS C 8 14.81 43.24 10.09
C CYS C 8 13.72 42.72 9.16
N PRO C 9 14.08 42.16 8.01
CA PRO C 9 13.07 41.67 7.07
C PRO C 9 12.32 40.49 7.64
N PRO C 10 11.06 40.32 7.25
CA PRO C 10 10.26 39.23 7.80
C PRO C 10 10.75 37.86 7.36
N ARG C 11 10.71 36.92 8.30
CA ARG C 11 11.12 35.54 8.03
C ARG C 11 10.03 34.62 8.56
N GLN C 12 10.17 33.33 8.22
CA GLN C 12 9.17 32.35 8.63
C GLN C 12 9.22 32.09 10.14
N ASP C 13 10.42 31.89 10.68
CA ASP C 13 10.59 31.58 12.08
C ASP C 13 11.57 32.59 12.64
N TYR C 14 11.27 33.13 13.81
CA TYR C 14 12.07 34.16 14.44
C TYR C 14 12.80 33.55 15.63
N ARG C 15 14.13 33.59 15.61
CA ARG C 15 14.90 32.95 16.66
C ARG C 15 15.26 33.88 17.80
N TYR C 16 15.05 35.19 17.65
CA TYR C 16 15.38 36.16 18.68
C TYR C 16 14.12 36.91 19.09
N TRP C 17 13.79 36.84 20.38
CA TRP C 17 12.52 37.29 20.91
C TRP C 17 12.80 38.34 21.97
N TYR C 18 12.00 39.39 22.00
CA TYR C 18 12.12 40.47 22.98
C TYR C 18 10.82 40.54 23.76
N PHE C 19 10.92 40.40 25.07
CA PHE C 19 9.77 40.41 25.96
C PHE C 19 9.24 41.84 26.08
N VAL C 20 8.08 42.11 25.47
CA VAL C 20 7.63 43.49 25.32
C VAL C 20 6.48 43.84 26.27
N ALA C 21 5.66 42.87 26.68
CA ALA C 21 4.42 43.20 27.34
C ALA C 21 3.97 42.03 28.19
N GLU C 22 3.10 42.34 29.15
CA GLU C 22 2.69 41.37 30.16
C GLU C 22 1.22 41.67 30.48
N LEU C 23 0.32 41.03 29.74
CA LEU C 23 -1.10 41.33 29.79
C LEU C 23 -1.81 40.29 30.64
N THR C 24 -2.49 40.75 31.70
CA THR C 24 -3.13 39.85 32.66
C THR C 24 -4.62 40.14 32.74
N ILE C 25 -5.28 40.15 31.59
CA ILE C 25 -6.71 40.43 31.50
C ILE C 25 -7.52 39.40 32.27
N GLY C 26 -8.30 39.87 33.24
CA GLY C 26 -9.13 39.01 34.03
C GLY C 26 -10.53 38.88 33.45
N VAL C 27 -11.16 37.74 33.73
CA VAL C 27 -12.48 37.42 33.22
C VAL C 27 -13.34 36.90 34.36
N ASN C 28 -14.63 37.23 34.33
CA ASN C 28 -15.53 36.75 35.37
C ASN C 28 -16.10 35.36 35.09
N TYR C 29 -15.82 34.77 33.93
CA TYR C 29 -16.21 33.39 33.69
C TYR C 29 -15.04 32.45 33.94
N ASP C 30 -15.35 31.17 34.06
CA ASP C 30 -14.38 30.18 34.53
C ASP C 30 -13.58 29.63 33.36
N ILE C 31 -12.26 29.74 33.46
CA ILE C 31 -11.33 28.92 32.68
C ILE C 31 -10.51 28.13 33.69
N ASN C 32 -10.53 26.80 33.57
CA ASN C 32 -9.91 25.98 34.61
C ASN C 32 -8.40 25.89 34.45
N SER C 33 -7.90 25.69 33.24
CA SER C 33 -6.49 25.42 33.05
C SER C 33 -6.08 25.83 31.66
N THR C 34 -4.77 25.88 31.45
CA THR C 34 -4.22 26.22 30.15
C THR C 34 -4.37 25.04 29.21
N ILE C 35 -5.02 25.27 28.07
CA ILE C 35 -5.24 24.23 27.08
C ILE C 35 -4.16 24.35 26.01
N ILE C 36 -3.47 23.25 25.75
CA ILE C 36 -2.37 23.26 24.79
C ILE C 36 -2.94 23.38 23.38
N GLY C 37 -2.41 24.33 22.61
CA GLY C 37 -2.86 24.52 21.26
C GLY C 37 -4.14 25.32 21.12
N GLU C 38 -4.46 26.14 22.11
CA GLU C 38 -5.69 26.92 22.09
C GLU C 38 -5.51 28.27 21.41
N CYS C 39 -4.46 29.00 21.79
CA CYS C 39 -4.25 30.36 21.31
C CYS C 39 -3.87 30.39 19.84
N HIS C 40 -4.41 31.37 19.13
CA HIS C 40 -4.08 31.58 17.72
C HIS C 40 -3.73 33.05 17.53
N MET C 41 -2.53 33.32 17.01
CA MET C 41 -2.02 34.67 16.90
C MET C 41 -1.84 35.04 15.43
N SER C 42 -2.26 36.26 15.09
CA SER C 42 -2.04 36.80 13.76
C SER C 42 -1.32 38.13 13.90
N GLU C 43 -0.17 38.25 13.24
CA GLU C 43 0.68 39.44 13.33
C GLU C 43 0.52 40.31 12.08
N SER C 44 0.87 41.58 12.24
CA SER C 44 0.86 42.52 11.13
C SER C 44 1.83 43.64 11.40
N TYR C 45 2.46 44.15 10.35
CA TYR C 45 3.28 45.37 10.40
C TYR C 45 2.98 46.12 9.11
N ILE C 46 2.02 47.04 9.18
CA ILE C 46 1.67 47.91 8.07
C ILE C 46 1.80 49.35 8.53
N ASP C 47 2.63 50.12 7.83
CA ASP C 47 2.85 51.55 8.02
C ASP C 47 3.33 51.83 9.45
N ARG C 48 4.42 51.14 9.80
CA ARG C 48 5.18 51.34 11.05
C ARG C 48 4.34 51.12 12.31
N ASN C 49 3.32 50.28 12.22
CA ASN C 49 2.44 50.00 13.36
C ASN C 49 2.35 48.49 13.54
N ALA C 50 2.84 48.01 14.67
CA ALA C 50 2.75 46.59 14.96
C ALA C 50 1.34 46.23 15.39
N ASN C 51 0.91 45.01 15.08
CA ASN C 51 -0.43 44.59 15.43
C ASN C 51 -0.44 43.10 15.69
N ILE C 52 -1.18 42.69 16.71
CA ILE C 52 -1.33 41.28 17.06
C ILE C 52 -2.79 41.02 17.42
N VAL C 53 -3.35 39.95 16.86
CA VAL C 53 -4.70 39.51 17.17
C VAL C 53 -4.59 38.13 17.80
N LEU C 54 -5.08 38.03 19.03
CA LEU C 54 -4.97 36.81 19.84
C LEU C 54 -6.37 36.26 20.07
N THR C 55 -6.67 35.12 19.45
CA THR C 55 -7.93 34.44 19.68
C THR C 55 -7.68 33.25 20.59
N GLY C 56 -8.29 33.28 21.77
CA GLY C 56 -8.12 32.17 22.70
C GLY C 56 -8.79 32.42 24.03
N TYR C 57 -9.22 31.33 24.68
CA TYR C 57 -9.79 31.35 26.03
C TYR C 57 -10.98 32.29 26.15
N GLY C 58 -11.76 32.37 25.07
CA GLY C 58 -12.94 33.20 25.03
C GLY C 58 -12.71 34.65 24.69
N LEU C 59 -11.49 35.05 24.33
CA LEU C 59 -11.21 36.46 24.08
C LEU C 59 -10.43 36.66 22.80
N LYS C 60 -10.67 37.81 22.16
CA LYS C 60 -9.89 38.31 21.06
C LYS C 60 -9.19 39.58 21.50
N ILE C 61 -7.87 39.61 21.36
CA ILE C 61 -7.04 40.73 21.79
C ILE C 61 -6.41 41.31 20.53
N ASN C 62 -6.92 42.46 20.09
CA ASN C 62 -6.36 43.18 18.95
C ASN C 62 -5.55 44.33 19.54
N MET C 63 -4.27 44.07 19.77
CA MET C 63 -3.39 45.04 20.38
C MET C 63 -2.38 45.53 19.35
N THR C 64 -2.27 46.84 19.22
CA THR C 64 -1.42 47.46 18.22
C THR C 64 -0.55 48.50 18.90
N ILE C 65 0.66 48.66 18.36
CA ILE C 65 1.59 49.67 18.85
C ILE C 65 1.88 50.62 17.70
N MET C 66 1.78 51.92 17.98
CA MET C 66 1.99 52.94 16.97
C MET C 66 3.44 53.38 16.94
N ASP C 67 3.93 53.65 15.72
CA ASP C 67 5.20 54.35 15.45
C ASP C 67 6.39 53.56 16.01
N THR C 68 6.50 52.29 15.59
CA THR C 68 7.53 51.40 16.09
C THR C 68 8.36 50.83 14.96
N ASP C 69 9.52 50.31 15.35
CA ASP C 69 10.34 49.47 14.49
C ASP C 69 10.38 48.03 15.00
N GLN C 70 9.30 47.61 15.65
CA GLN C 70 9.15 46.26 16.18
C GLN C 70 7.92 45.63 15.56
N ARG C 71 7.97 44.32 15.33
CA ARG C 71 6.79 43.57 14.93
C ARG C 71 6.62 42.40 15.88
N PHE C 72 5.38 42.12 16.25
CA PHE C 72 5.08 41.02 17.15
C PHE C 72 5.43 39.70 16.49
N VAL C 73 6.28 38.92 17.14
CA VAL C 73 6.72 37.66 16.57
C VAL C 73 6.27 36.47 17.37
N ALA C 74 5.83 36.66 18.62
CA ALA C 74 5.42 35.52 19.42
C ALA C 74 4.48 35.97 20.52
N ALA C 75 3.74 35.01 21.04
CA ALA C 75 2.86 35.24 22.17
C ALA C 75 2.63 33.92 22.90
N ALA C 76 2.59 33.99 24.22
CA ALA C 76 2.35 32.83 25.06
C ALA C 76 1.22 33.15 26.01
N GLU C 77 0.22 32.27 26.08
CA GLU C 77 -0.98 32.52 26.86
C GLU C 77 -1.13 31.45 27.93
N GLY C 78 -1.58 31.87 29.10
CA GLY C 78 -1.75 30.95 30.21
C GLY C 78 -2.89 31.39 31.09
N VAL C 79 -3.43 30.45 31.86
CA VAL C 79 -4.57 30.70 32.73
C VAL C 79 -4.12 30.44 34.16
N GLY C 80 -4.19 31.49 34.99
CA GLY C 80 -3.88 31.36 36.39
C GLY C 80 -5.11 31.12 37.22
N LYS C 81 -4.95 31.22 38.53
CA LYS C 81 -6.07 31.03 39.43
C LYS C 81 -6.97 32.27 39.43
N ASP C 82 -8.18 32.08 39.95
CA ASP C 82 -9.24 33.09 40.03
C ASP C 82 -9.61 33.67 38.66
N ASN C 83 -9.53 32.81 37.63
CA ASN C 83 -9.92 33.11 36.25
C ASN C 83 -9.13 34.30 35.68
N LYS C 84 -7.82 34.14 35.62
CA LYS C 84 -6.90 35.16 35.17
C LYS C 84 -6.24 34.70 33.89
N LEU C 85 -6.15 35.57 32.91
CA LEU C 85 -5.59 35.20 31.61
C LEU C 85 -4.32 36.01 31.38
N SER C 86 -3.17 35.37 31.58
CA SER C 86 -1.88 36.01 31.39
C SER C 86 -1.45 35.86 29.94
N VAL C 87 -1.00 36.97 29.35
CA VAL C 87 -0.55 37.00 27.97
C VAL C 87 0.86 37.59 27.97
N LEU C 88 1.80 36.87 27.36
CA LEU C 88 3.17 37.30 27.22
C LEU C 88 3.42 37.58 25.75
N LEU C 89 3.99 38.74 25.43
CA LEU C 89 4.19 39.15 24.05
C LEU C 89 5.65 39.37 23.75
N PHE C 90 6.06 38.98 22.53
CA PHE C 90 7.45 39.07 22.13
C PHE C 90 7.52 39.66 20.73
N THR C 91 8.36 40.70 20.59
CA THR C 91 8.71 41.32 19.32
C THR C 91 10.15 41.00 18.95
N THR C 92 10.66 41.67 17.91
CA THR C 92 12.01 41.40 17.44
C THR C 92 13.07 41.99 18.36
N GLN C 93 13.10 43.32 18.47
CA GLN C 93 14.18 44.01 19.17
C GLN C 93 13.77 45.43 19.44
N ARG C 94 14.39 46.02 20.46
CA ARG C 94 14.15 47.41 20.84
C ARG C 94 15.23 48.27 20.20
N LEU C 95 14.89 48.93 19.10
CA LEU C 95 15.82 49.82 18.42
C LEU C 95 15.64 51.28 18.79
N ASP C 96 14.74 51.59 19.72
CA ASP C 96 14.58 52.95 20.21
C ASP C 96 14.36 52.95 21.71
N LYS C 97 14.72 54.05 22.34
CA LYS C 97 14.60 54.22 23.78
C LYS C 97 13.51 55.22 24.12
N VAL C 98 12.38 55.12 23.44
CA VAL C 98 11.24 55.98 23.68
C VAL C 98 10.03 55.10 23.96
N HIS C 99 9.07 55.68 24.69
CA HIS C 99 7.83 54.98 24.97
C HIS C 99 6.89 55.09 23.78
N HIS C 100 6.15 54.02 23.52
CA HIS C 100 5.28 53.94 22.37
C HIS C 100 3.82 53.94 22.80
N ASN C 101 2.97 54.54 21.98
CA ASN C 101 1.54 54.55 22.23
C ASN C 101 0.95 53.19 21.92
N ILE C 102 0.01 52.75 22.74
CA ILE C 102 -0.51 51.39 22.75
C ILE C 102 -2.02 51.50 22.57
N SER C 103 -2.60 50.64 21.72
CA SER C 103 -4.06 50.58 21.62
C SER C 103 -4.50 49.13 21.66
N VAL C 104 -5.31 48.76 22.64
CA VAL C 104 -5.73 47.38 22.81
C VAL C 104 -7.25 47.28 22.79
N THR C 105 -7.76 46.37 21.96
CA THR C 105 -9.17 46.07 21.84
C THR C 105 -9.36 44.67 22.40
N ILE C 106 -10.20 44.53 23.42
CA ILE C 106 -10.46 43.23 24.03
C ILE C 106 -11.93 42.91 23.80
N THR C 107 -12.21 41.89 22.99
CA THR C 107 -13.58 41.51 22.69
C THR C 107 -13.85 40.13 23.26
N CYS C 108 -15.09 39.94 23.74
CA CYS C 108 -15.51 38.65 24.24
C CYS C 108 -16.17 37.87 23.12
N MET C 109 -15.63 36.71 22.78
CA MET C 109 -16.23 35.80 21.82
C MET C 109 -17.05 34.69 22.49
N GLU C 110 -17.01 34.59 23.80
CA GLU C 110 -17.83 33.66 24.56
C GLU C 110 -18.33 34.39 25.80
N MET C 111 -19.28 33.77 26.51
CA MET C 111 -19.92 34.33 27.70
C MET C 111 -20.54 35.70 27.45
N ASN C 112 -20.10 36.73 28.18
CA ASN C 112 -20.72 38.04 28.08
C ASN C 112 -20.20 38.77 26.85
N CYS C 113 -20.74 38.38 25.70
CA CYS C 113 -20.51 39.14 24.49
C CYS C 113 -21.41 40.37 24.47
N GLY C 114 -21.01 41.38 23.71
CA GLY C 114 -21.81 42.57 23.60
C GLY C 114 -21.05 43.69 22.92
N THR C 115 -21.66 44.87 22.94
CA THR C 115 -21.08 46.07 22.37
C THR C 115 -20.02 46.66 23.30
N THR C 116 -19.47 47.79 22.89
CA THR C 116 -18.37 48.42 23.61
C THR C 116 -18.84 48.99 24.96
N LYS C 117 -18.28 48.45 26.03
CA LYS C 117 -18.57 48.94 27.36
C LYS C 117 -17.58 50.01 27.81
N TYR C 118 -16.38 50.02 27.24
CA TYR C 118 -15.31 50.87 27.75
C TYR C 118 -14.43 51.31 26.59
N ASN C 119 -14.06 52.58 26.59
CA ASN C 119 -13.16 53.15 25.59
C ASN C 119 -12.50 54.38 26.22
N SER C 120 -11.23 54.25 26.59
CA SER C 120 -10.58 55.32 27.32
C SER C 120 -9.08 55.31 27.06
N ASP C 121 -8.42 56.32 27.60
CA ASP C 121 -6.96 56.43 27.56
C ASP C 121 -6.41 56.15 28.95
N LEU C 122 -5.64 55.07 29.06
CA LEU C 122 -5.00 54.69 30.30
C LEU C 122 -3.59 55.25 30.30
N PRO C 123 -3.20 56.08 31.27
CA PRO C 123 -1.85 56.63 31.25
C PRO C 123 -0.81 55.62 31.71
N GLU C 124 0.44 55.94 31.40
CA GLU C 124 1.57 55.37 32.14
C GLU C 124 1.41 55.62 33.62
N SER C 125 1.56 54.55 34.40
CA SER C 125 1.64 54.71 35.84
C SER C 125 2.98 55.33 36.23
N ILE C 126 4.03 54.97 35.51
CA ILE C 126 5.38 55.47 35.70
C ILE C 126 5.80 56.23 34.45
N HIS C 127 6.37 57.43 34.66
CA HIS C 127 6.99 58.37 33.72
C HIS C 127 5.98 59.18 32.90
N LYS C 128 4.69 58.80 32.95
CA LYS C 128 3.55 59.54 32.36
C LYS C 128 3.79 60.00 30.92
N SER C 129 4.35 59.11 30.10
CA SER C 129 4.86 59.50 28.79
C SER C 129 4.05 58.99 27.62
N SER C 130 3.01 58.18 27.85
CA SER C 130 2.24 57.59 26.75
C SER C 130 0.86 57.24 27.26
N SER C 131 -0.03 56.91 26.32
CA SER C 131 -1.41 56.60 26.63
C SER C 131 -1.86 55.36 25.88
N CYS C 132 -2.61 54.51 26.56
CA CYS C 132 -3.19 53.30 26.02
C CYS C 132 -4.65 53.53 25.66
N ASP C 133 -4.97 53.44 24.38
CA ASP C 133 -6.35 53.49 23.93
C ASP C 133 -6.94 52.11 24.14
N ILE C 134 -7.63 51.92 25.26
CA ILE C 134 -8.30 50.66 25.54
C ILE C 134 -9.74 50.75 25.10
N THR C 135 -10.26 49.63 24.57
CA THR C 135 -11.68 49.50 24.31
C THR C 135 -12.09 48.04 24.42
N ILE C 136 -13.18 47.80 25.14
CA ILE C 136 -13.61 46.46 25.51
C ILE C 136 -15.00 46.21 24.92
N ASN C 137 -15.06 45.23 24.03
CA ASN C 137 -16.32 44.82 23.40
C ASN C 137 -16.85 43.63 24.20
N GLY C 138 -17.49 43.96 25.31
CA GLY C 138 -18.10 42.96 26.17
C GLY C 138 -18.11 43.41 27.61
N SER C 139 -18.86 42.67 28.43
CA SER C 139 -18.87 42.88 29.87
C SER C 139 -18.18 41.73 30.59
N CYS C 140 -17.38 40.96 29.86
CA CYS C 140 -16.78 39.74 30.38
C CYS C 140 -15.38 39.96 30.94
N VAL C 141 -14.89 41.19 30.98
CA VAL C 141 -13.55 41.47 31.46
C VAL C 141 -13.67 42.07 32.86
N THR C 142 -12.98 41.45 33.81
CA THR C 142 -12.89 41.98 35.17
C THR C 142 -11.91 43.15 35.22
N CYS C 143 -10.68 42.93 34.76
CA CYS C 143 -9.64 43.93 34.89
C CYS C 143 -8.56 43.71 33.83
N VAL C 144 -7.84 44.79 33.50
CA VAL C 144 -6.76 44.79 32.52
C VAL C 144 -5.50 45.32 33.18
N ASN C 145 -4.38 44.63 32.97
CA ASN C 145 -3.06 45.04 33.44
C ASN C 145 -2.08 44.81 32.30
N LEU C 146 -1.45 45.87 31.81
CA LEU C 146 -0.46 45.73 30.75
C LEU C 146 0.84 46.37 31.22
N GLU C 147 1.86 45.53 31.42
CA GLU C 147 3.18 45.99 31.81
C GLU C 147 4.07 45.95 30.59
N THR C 148 4.22 47.10 29.94
CA THR C 148 5.05 47.21 28.75
C THR C 148 6.52 47.27 29.15
N ASP C 149 7.34 46.45 28.47
CA ASP C 149 8.76 46.23 28.69
C ASP C 149 9.07 45.86 30.14
N PRO C 150 8.73 44.66 30.59
CA PRO C 150 8.98 44.31 31.98
C PRO C 150 10.44 43.98 32.25
N THR C 151 10.84 44.18 33.49
CA THR C 151 12.19 43.87 33.92
C THR C 151 12.36 42.41 34.33
N LYS C 152 11.27 41.68 34.50
CA LYS C 152 11.33 40.30 34.97
C LYS C 152 10.41 39.43 34.14
N ILE C 153 10.91 38.29 33.73
CA ILE C 153 10.13 37.29 33.02
C ILE C 153 9.43 36.43 34.08
N ASN C 154 8.24 35.97 33.76
CA ASN C 154 7.55 35.03 34.64
C ASN C 154 8.30 33.72 34.67
N PRO C 155 8.65 33.20 35.85
CA PRO C 155 9.50 31.99 35.90
C PRO C 155 8.81 30.72 35.42
N HIS C 156 7.48 30.71 35.34
CA HIS C 156 6.79 29.51 34.89
C HIS C 156 6.73 29.38 33.38
N TYR C 157 7.28 30.34 32.64
CA TYR C 157 7.30 30.28 31.19
C TYR C 157 8.62 29.67 30.75
N LEU C 158 8.55 28.52 30.07
CA LEU C 158 9.74 27.81 29.64
C LEU C 158 10.03 28.16 28.18
N HIS C 159 11.14 28.86 27.96
CA HIS C 159 11.50 29.30 26.63
C HIS C 159 11.97 28.11 25.79
N PRO C 160 11.75 28.14 24.48
CA PRO C 160 12.25 27.05 23.62
C PRO C 160 13.77 27.04 23.56
N LYS C 161 14.31 25.84 23.29
CA LYS C 161 15.74 25.62 23.42
C LYS C 161 16.52 26.30 22.29
N ASN C 162 15.99 26.25 21.07
CA ASN C 162 16.69 26.83 19.94
C ASN C 162 16.48 28.33 19.79
N LYS C 163 15.74 28.95 20.69
CA LYS C 163 15.39 30.36 20.62
C LYS C 163 16.26 31.15 21.59
N TYR C 164 16.18 32.48 21.48
CA TYR C 164 16.86 33.37 22.40
C TYR C 164 15.88 34.43 22.88
N LEU C 165 15.99 34.78 24.16
CA LEU C 165 15.09 35.72 24.81
C LEU C 165 15.87 36.87 25.41
N TYR C 166 15.41 38.09 25.13
CA TYR C 166 15.96 39.29 25.75
C TYR C 166 14.81 40.10 26.33
N HIS C 167 15.05 40.70 27.48
CA HIS C 167 14.05 41.53 28.14
C HIS C 167 14.71 42.80 28.64
N ASN C 168 13.87 43.76 28.99
CA ASN C 168 14.35 45.04 29.48
C ASN C 168 15.03 44.89 30.83
N SER C 169 16.10 45.67 31.04
CA SER C 169 16.81 45.69 32.29
C SER C 169 16.80 47.04 32.98
N GLU C 170 16.24 48.06 32.35
CA GLU C 170 16.19 49.40 32.93
C GLU C 170 14.78 49.71 33.37
N TYR C 171 14.67 50.36 34.52
CA TYR C 171 13.38 50.82 35.03
C TYR C 171 12.80 51.95 34.20
N SER C 172 13.64 52.72 33.51
CA SER C 172 13.17 53.89 32.79
C SER C 172 12.33 53.54 31.57
N MET C 173 12.43 52.33 31.05
CA MET C 173 11.63 51.89 29.92
C MET C 173 10.40 51.10 30.32
N ARG C 174 10.15 50.92 31.61
CA ARG C 174 8.95 50.23 32.05
C ARG C 174 7.73 51.12 31.89
N GLY C 175 6.60 50.52 31.55
CA GLY C 175 5.33 51.22 31.54
C GLY C 175 4.25 50.36 32.11
N SER C 176 3.31 50.94 32.86
CA SER C 176 2.22 50.18 33.45
C SER C 176 0.90 50.84 33.12
N TYR C 177 -0.05 50.05 32.63
CA TYR C 177 -1.43 50.49 32.42
C TYR C 177 -2.35 49.54 33.15
N GLY C 178 -3.36 50.07 33.80
CA GLY C 178 -4.26 49.23 34.56
C GLY C 178 -5.64 49.83 34.63
N VAL C 179 -6.64 48.96 34.60
CA VAL C 179 -8.01 49.37 34.83
C VAL C 179 -8.74 48.21 35.50
N THR C 180 -9.56 48.54 36.49
CA THR C 180 -10.42 47.57 37.15
C THR C 180 -11.85 48.05 37.01
N PHE C 181 -12.78 47.10 36.94
CA PHE C 181 -14.20 47.42 36.85
C PHE C 181 -14.96 46.90 38.05
N ILE C 182 -14.28 46.36 39.05
CA ILE C 182 -14.89 45.82 40.25
C ILE C 182 -14.22 46.47 41.46
N ASP C 183 -14.89 46.37 42.60
CA ASP C 183 -14.47 47.09 43.80
C ASP C 183 -13.42 46.32 44.59
N GLU C 184 -12.28 46.07 43.95
CA GLU C 184 -11.14 45.45 44.60
C GLU C 184 -9.87 46.16 44.18
N LEU C 185 -9.00 46.43 45.15
CA LEU C 185 -7.68 46.99 44.85
C LEU C 185 -6.84 45.97 44.11
N ASN C 186 -6.19 46.41 43.03
CA ASN C 186 -5.36 45.56 42.16
C ASN C 186 -6.20 44.40 41.66
N GLN C 187 -5.82 43.16 41.96
CA GLN C 187 -6.36 41.82 41.65
C GLN C 187 -6.22 41.56 40.15
N CYS C 188 -5.53 42.41 39.41
CA CYS C 188 -5.11 42.04 38.06
C CYS C 188 -3.93 41.10 38.11
N LEU C 189 -3.11 41.21 39.14
CA LEU C 189 -1.93 40.38 39.32
C LEU C 189 -2.31 38.95 39.68
N LEU C 190 -1.49 38.00 39.24
CA LEU C 190 -1.83 36.59 39.36
C LEU C 190 -1.28 36.01 40.66
N ASP C 191 -1.55 34.73 40.87
CA ASP C 191 -1.08 34.00 42.05
C ASP C 191 0.29 33.38 41.82
N ILE C 192 0.62 33.11 40.54
CA ILE C 192 1.85 32.48 40.01
C ILE C 192 2.36 31.29 40.81
N LYS C 193 1.46 30.57 41.47
CA LYS C 193 1.81 29.36 42.19
C LYS C 193 1.73 28.13 41.30
N GLU C 194 0.67 28.04 40.50
CA GLU C 194 0.51 26.94 39.55
C GLU C 194 0.02 27.56 38.24
N LEU C 195 0.96 27.85 37.35
CA LEU C 195 0.70 28.50 36.08
C LEU C 195 1.50 27.80 34.99
N SER C 196 0.87 27.58 33.85
CA SER C 196 1.55 27.00 32.70
C SER C 196 1.20 27.81 31.46
N TYR C 197 2.15 27.89 30.54
CA TYR C 197 2.02 28.74 29.36
C TYR C 197 2.02 27.90 28.10
N ASP C 198 1.29 28.36 27.09
CA ASP C 198 1.21 27.68 25.80
C ASP C 198 1.53 28.72 24.74
N ILE C 199 2.39 28.35 23.80
CA ILE C 199 2.76 29.25 22.71
C ILE C 199 1.69 29.19 21.63
N CYS C 200 1.25 30.35 21.16
CA CYS C 200 0.18 30.44 20.17
C CYS C 200 0.62 29.86 18.83
N TYR C 201 -0.36 29.52 18.00
CA TYR C 201 -0.13 28.58 16.90
C TYR C 201 0.55 29.24 15.71
N ARG C 202 -0.12 30.19 15.04
CA ARG C 202 0.36 30.68 13.77
C ARG C 202 1.52 31.66 13.97
N GLU C 203 2.12 32.04 12.83
CA GLU C 203 3.26 32.97 12.74
C GLU C 203 4.46 32.60 13.60
N TYR D 3 49.86 27.90 -24.69
CA TYR D 3 49.10 27.18 -23.68
C TYR D 3 48.66 28.08 -22.52
N LYS D 4 47.37 28.08 -22.23
CA LYS D 4 46.81 28.84 -21.11
C LYS D 4 46.00 27.90 -20.23
N ASN D 5 46.28 27.91 -18.93
CA ASN D 5 45.47 27.16 -17.99
C ASN D 5 44.11 27.83 -17.82
N THR D 6 43.05 27.04 -17.90
CA THR D 6 41.68 27.54 -17.80
C THR D 6 40.99 26.90 -16.60
N ILE D 7 39.90 27.52 -16.20
CA ILE D 7 39.08 26.98 -15.12
C ILE D 7 38.33 25.75 -15.63
N CYS D 8 38.27 24.71 -14.80
CA CYS D 8 37.59 23.48 -15.15
C CYS D 8 36.08 23.71 -15.33
N PRO D 9 35.42 22.93 -16.18
CA PRO D 9 34.00 23.13 -16.41
C PRO D 9 33.20 22.82 -15.17
N PRO D 10 32.05 23.48 -14.99
CA PRO D 10 31.25 23.25 -13.78
C PRO D 10 30.64 21.86 -13.74
N ARG D 11 30.63 21.28 -12.53
CA ARG D 11 30.06 19.97 -12.30
C ARG D 11 29.13 20.04 -11.10
N GLN D 12 28.38 18.96 -10.88
CA GLN D 12 27.43 18.94 -9.77
C GLN D 12 28.15 18.88 -8.43
N ASP D 13 29.13 18.00 -8.30
CA ASP D 13 29.84 17.80 -7.05
C ASP D 13 31.32 17.96 -7.36
N TYR D 14 32.03 18.70 -6.51
CA TYR D 14 33.43 19.00 -6.69
C TYR D 14 34.25 18.19 -5.69
N ARG D 15 35.14 17.34 -6.19
CA ARG D 15 35.90 16.47 -5.30
C ARG D 15 37.24 17.05 -4.87
N TYR D 16 37.67 18.14 -5.48
CA TYR D 16 38.95 18.76 -5.15
C TYR D 16 38.71 20.19 -4.69
N TRP D 17 39.15 20.50 -3.47
CA TRP D 17 38.82 21.73 -2.78
C TRP D 17 40.12 22.44 -2.44
N TYR D 18 40.14 23.76 -2.59
CA TYR D 18 41.29 24.58 -2.27
C TYR D 18 40.89 25.58 -1.20
N PHE D 19 41.59 25.55 -0.08
CA PHE D 19 41.31 26.42 1.05
C PHE D 19 41.75 27.84 0.74
N VAL D 20 40.79 28.73 0.50
CA VAL D 20 41.11 30.04 -0.06
C VAL D 20 41.04 31.16 0.98
N ALA D 21 40.21 31.02 2.02
CA ALA D 21 39.91 32.16 2.86
C ALA D 21 39.47 31.68 4.23
N GLU D 22 39.56 32.58 5.20
CA GLU D 22 39.33 32.25 6.60
C GLU D 22 38.68 33.47 7.24
N LEU D 23 37.35 33.51 7.21
CA LEU D 23 36.58 34.68 7.61
C LEU D 23 36.03 34.47 9.01
N THR D 24 36.38 35.37 9.94
CA THR D 24 36.01 35.22 11.34
C THR D 24 35.20 36.43 11.81
N ILE D 25 34.15 36.74 11.06
CA ILE D 25 33.29 37.89 11.36
C ILE D 25 32.64 37.75 12.72
N GLY D 26 32.88 38.72 13.60
CA GLY D 26 32.31 38.71 14.92
C GLY D 26 30.99 39.46 14.97
N VAL D 27 30.14 39.06 15.91
CA VAL D 27 28.81 39.64 16.08
C VAL D 27 28.58 39.94 17.55
N ASN D 28 27.87 41.03 17.83
CA ASN D 28 27.59 41.39 19.21
C ASN D 28 26.35 40.69 19.77
N TYR D 29 25.61 39.95 18.96
CA TYR D 29 24.51 39.16 19.48
C TYR D 29 24.94 37.72 19.69
N ASP D 30 24.15 36.98 20.45
CA ASP D 30 24.53 35.66 20.92
C ASP D 30 24.15 34.58 19.90
N ILE D 31 25.14 33.81 19.48
CA ILE D 31 24.93 32.50 18.87
C ILE D 31 25.61 31.47 19.76
N ASN D 32 24.86 30.49 20.23
CA ASN D 32 25.40 29.59 21.24
C ASN D 32 26.29 28.51 20.62
N SER D 33 25.85 27.91 19.52
CA SER D 33 26.56 26.75 19.00
C SER D 33 26.30 26.63 17.51
N THR D 34 27.08 25.79 16.86
CA THR D 34 26.93 25.53 15.43
C THR D 34 25.71 24.64 15.21
N ILE D 35 24.78 25.12 14.40
CA ILE D 35 23.56 24.40 14.07
C ILE D 35 23.79 23.66 12.77
N ILE D 36 23.53 22.35 12.78
CA ILE D 36 23.75 21.53 11.59
C ILE D 36 22.68 21.84 10.56
N GLY D 37 23.11 22.12 9.33
CA GLY D 37 22.18 22.42 8.26
C GLY D 37 21.66 23.83 8.25
N GLU D 38 22.39 24.77 8.84
CA GLU D 38 21.96 26.16 8.91
C GLU D 38 22.42 26.96 7.71
N CYS D 39 23.69 26.86 7.36
CA CYS D 39 24.28 27.68 6.30
C CYS D 39 23.74 27.29 4.93
N HIS D 40 23.50 28.30 4.09
CA HIS D 40 23.08 28.08 2.71
C HIS D 40 23.97 28.93 1.81
N MET D 41 24.62 28.28 0.85
CA MET D 41 25.60 28.94 0.00
C MET D 41 25.13 28.94 -1.45
N SER D 42 25.29 30.09 -2.10
CA SER D 42 25.00 30.20 -3.53
C SER D 42 26.24 30.73 -4.23
N GLU D 43 26.71 29.99 -5.23
CA GLU D 43 27.94 30.31 -5.95
C GLU D 43 27.61 30.93 -7.30
N SER D 44 28.58 31.67 -7.84
CA SER D 44 28.45 32.25 -9.17
C SER D 44 29.84 32.48 -9.75
N TYR D 45 29.94 32.33 -11.08
CA TYR D 45 31.14 32.69 -11.82
C TYR D 45 30.63 33.32 -13.13
N ILE D 46 30.51 34.65 -13.12
CA ILE D 46 30.11 35.41 -14.30
C ILE D 46 31.20 36.44 -14.58
N ASP D 47 31.78 36.38 -15.78
CA ASP D 47 32.76 37.33 -16.31
C ASP D 47 33.99 37.37 -15.40
N ARG D 48 34.55 36.18 -15.18
CA ARG D 48 35.83 35.96 -14.49
C ARG D 48 35.83 36.49 -13.06
N ASN D 49 34.68 36.52 -12.41
CA ASN D 49 34.55 37.02 -11.05
C ASN D 49 33.82 35.98 -10.22
N ALA D 50 34.51 35.41 -9.23
CA ALA D 50 33.87 34.45 -8.36
C ALA D 50 32.98 35.16 -7.36
N ASN D 51 31.89 34.50 -6.95
CA ASN D 51 30.97 35.12 -6.02
C ASN D 51 30.34 34.04 -5.15
N ILE D 52 30.18 34.33 -3.87
CA ILE D 52 29.54 33.42 -2.93
C ILE D 52 28.63 34.22 -2.02
N VAL D 53 27.41 33.73 -1.83
CA VAL D 53 26.45 34.33 -0.91
C VAL D 53 26.16 33.31 0.17
N LEU D 54 26.44 33.67 1.41
CA LEU D 54 26.33 32.80 2.57
C LEU D 54 25.23 33.33 3.47
N THR D 55 24.10 32.62 3.54
CA THR D 55 23.03 32.96 4.46
C THR D 55 23.09 32.01 5.65
N GLY D 56 23.32 32.56 6.84
CA GLY D 56 23.36 31.73 8.02
C GLY D 56 23.78 32.49 9.26
N TYR D 57 23.27 32.05 10.42
CA TYR D 57 23.63 32.57 11.74
C TYR D 57 23.37 34.08 11.85
N GLY D 58 22.31 34.53 11.18
CA GLY D 58 21.93 35.92 11.20
C GLY D 58 22.66 36.82 10.22
N LEU D 59 23.47 36.26 9.31
CA LEU D 59 24.25 37.10 8.41
C LEU D 59 24.18 36.59 6.98
N LYS D 60 24.27 37.55 6.05
CA LYS D 60 24.46 37.29 4.63
C LYS D 60 25.81 37.81 4.22
N ILE D 61 26.64 36.95 3.64
CA ILE D 61 28.00 37.27 3.23
C ILE D 61 28.04 37.17 1.72
N ASN D 62 28.06 38.31 1.03
CA ASN D 62 28.19 38.35 -0.42
C ASN D 62 29.64 38.74 -0.70
N MET D 63 30.48 37.72 -0.83
CA MET D 63 31.90 37.93 -1.04
C MET D 63 32.26 37.52 -2.46
N THR D 64 32.94 38.41 -3.17
CA THR D 64 33.29 38.19 -4.56
C THR D 64 34.77 38.47 -4.74
N ILE D 65 35.38 37.74 -5.68
CA ILE D 65 36.78 37.93 -6.03
C ILE D 65 36.84 38.32 -7.49
N MET D 66 37.59 39.38 -7.78
CA MET D 66 37.71 39.89 -9.13
C MET D 66 38.89 39.26 -9.85
N ASP D 67 38.71 39.00 -11.14
CA ASP D 67 39.75 38.65 -12.11
C ASP D 67 40.46 37.35 -11.71
N THR D 68 39.65 36.30 -11.56
CA THR D 68 40.15 35.00 -11.11
C THR D 68 39.81 33.91 -12.11
N ASP D 69 40.52 32.79 -11.95
CA ASP D 69 40.18 31.54 -12.60
C ASP D 69 39.72 30.50 -11.57
N GLN D 70 39.14 30.96 -10.47
CA GLN D 70 38.64 30.12 -9.41
C GLN D 70 37.14 30.39 -9.23
N ARG D 71 36.39 29.36 -8.89
CA ARG D 71 35.01 29.53 -8.49
C ARG D 71 34.81 28.88 -7.14
N PHE D 72 34.02 29.53 -6.28
CA PHE D 72 33.74 29.01 -4.95
C PHE D 72 32.94 27.72 -5.06
N VAL D 73 33.46 26.65 -4.46
CA VAL D 73 32.81 25.37 -4.58
C VAL D 73 32.31 24.86 -3.23
N ALA D 74 32.79 25.43 -2.13
CA ALA D 74 32.37 24.94 -0.82
C ALA D 74 32.57 26.00 0.23
N ALA D 75 31.85 25.84 1.33
CA ALA D 75 32.00 26.71 2.48
C ALA D 75 31.56 25.96 3.72
N ALA D 76 32.28 26.18 4.82
CA ALA D 76 31.98 25.57 6.11
C ALA D 76 31.89 26.66 7.15
N GLU D 77 30.81 26.65 7.93
CA GLU D 77 30.56 27.72 8.89
C GLU D 77 30.48 27.15 10.29
N GLY D 78 31.03 27.88 11.25
CA GLY D 78 31.05 27.43 12.63
C GLY D 78 30.98 28.61 13.56
N VAL D 79 30.56 28.34 14.79
CA VAL D 79 30.39 29.37 15.80
C VAL D 79 31.32 29.04 16.96
N GLY D 80 32.26 29.95 17.23
CA GLY D 80 33.16 29.81 18.34
C GLY D 80 32.65 30.53 19.57
N LYS D 81 33.52 30.64 20.56
CA LYS D 81 33.16 31.33 21.78
C LYS D 81 33.19 32.85 21.56
N ASP D 82 32.56 33.56 22.50
CA ASP D 82 32.42 35.02 22.50
C ASP D 82 31.74 35.54 21.23
N ASN D 83 30.79 34.75 20.72
CA ASN D 83 29.94 35.08 19.57
C ASN D 83 30.78 35.38 18.31
N LYS D 84 31.53 34.39 17.89
CA LYS D 84 32.43 34.50 16.75
C LYS D 84 31.95 33.57 15.65
N LEU D 85 31.93 34.06 14.42
CA LEU D 85 31.41 33.27 13.30
C LEU D 85 32.55 33.01 12.32
N SER D 86 33.10 31.80 12.37
CA SER D 86 34.19 31.40 11.49
C SER D 86 33.62 30.86 10.19
N VAL D 87 34.17 31.32 9.07
CA VAL D 87 33.75 30.90 7.75
C VAL D 87 34.99 30.40 7.01
N LEU D 88 34.92 29.18 6.49
CA LEU D 88 35.99 28.59 5.71
C LEU D 88 35.50 28.47 4.28
N LEU D 89 36.31 28.92 3.32
CA LEU D 89 35.90 28.95 1.92
C LEU D 89 36.83 28.11 1.07
N PHE D 90 36.25 27.42 0.09
CA PHE D 90 37.01 26.52 -0.77
C PHE D 90 36.61 26.76 -2.22
N THR D 91 37.62 26.98 -3.07
CA THR D 91 37.49 27.07 -4.52
C THR D 91 38.10 25.84 -5.19
N THR D 92 38.22 25.89 -6.52
CA THR D 92 38.73 24.76 -7.26
C THR D 92 40.24 24.59 -7.11
N GLN D 93 41.00 25.56 -7.60
CA GLN D 93 42.45 25.44 -7.67
C GLN D 93 43.05 26.81 -7.91
N ARG D 94 44.31 26.94 -7.53
CA ARG D 94 45.08 28.18 -7.71
C ARG D 94 45.89 28.03 -9.01
N LEU D 95 45.41 28.64 -10.08
CA LEU D 95 46.12 28.61 -11.36
C LEU D 95 46.96 29.85 -11.60
N ASP D 96 47.01 30.77 -10.65
CA ASP D 96 47.86 31.95 -10.77
C ASP D 96 48.52 32.25 -9.43
N LYS D 97 49.67 32.90 -9.50
CA LYS D 97 50.47 33.26 -8.33
C LYS D 97 50.43 34.76 -8.10
N VAL D 98 49.25 35.36 -8.23
CA VAL D 98 49.06 36.78 -8.01
C VAL D 98 47.96 36.95 -6.97
N HIS D 99 48.00 38.09 -6.29
CA HIS D 99 46.97 38.43 -5.32
C HIS D 99 45.76 39.00 -6.04
N HIS D 100 44.57 38.66 -5.54
CA HIS D 100 43.32 39.04 -6.17
C HIS D 100 42.58 40.06 -5.31
N ASN D 101 41.89 40.98 -5.97
CA ASN D 101 41.08 41.95 -5.26
C ASN D 101 39.80 41.29 -4.74
N ILE D 102 39.40 41.69 -3.54
CA ILE D 102 38.35 41.02 -2.77
C ILE D 102 37.30 42.06 -2.44
N SER D 103 36.02 41.73 -2.58
CA SER D 103 34.96 42.63 -2.15
C SER D 103 33.94 41.84 -1.35
N VAL D 104 33.74 42.21 -0.08
CA VAL D 104 32.85 41.47 0.80
C VAL D 104 31.76 42.41 1.34
N THR D 105 30.52 41.97 1.22
CA THR D 105 29.34 42.66 1.72
C THR D 105 28.80 41.81 2.86
N ILE D 106 28.72 42.37 4.06
CA ILE D 106 28.21 41.64 5.21
C ILE D 106 26.94 42.34 5.67
N THR D 107 25.79 41.69 5.52
CA THR D 107 24.52 42.28 5.91
C THR D 107 23.93 41.49 7.06
N CYS D 108 23.27 42.21 7.97
CA CYS D 108 22.59 41.59 9.09
C CYS D 108 21.14 41.32 8.71
N MET D 109 20.73 40.06 8.73
CA MET D 109 19.35 39.69 8.54
C MET D 109 18.59 39.46 9.85
N GLU D 110 19.27 39.51 10.98
CA GLU D 110 18.64 39.44 12.29
C GLU D 110 19.36 40.44 13.19
N MET D 111 18.78 40.69 14.37
CA MET D 111 19.28 41.66 15.35
C MET D 111 19.45 43.06 14.77
N ASN D 112 20.67 43.60 14.79
CA ASN D 112 20.87 44.98 14.36
C ASN D 112 20.92 45.05 12.84
N CYS D 113 19.74 44.99 12.23
CA CYS D 113 19.63 45.27 10.82
C CYS D 113 19.66 46.78 10.59
N GLY D 114 20.03 47.19 9.38
CA GLY D 114 20.05 48.59 9.06
C GLY D 114 20.77 48.84 7.75
N THR D 115 20.98 50.13 7.46
CA THR D 115 21.68 50.57 6.28
C THR D 115 23.18 50.42 6.45
N THR D 116 23.92 50.86 5.42
CA THR D 116 25.37 50.67 5.38
C THR D 116 26.06 51.55 6.42
N LYS D 117 26.74 50.89 7.36
CA LYS D 117 27.53 51.60 8.36
C LYS D 117 28.96 51.78 7.93
N TYR D 118 29.46 50.95 7.04
CA TYR D 118 30.89 50.93 6.73
C TYR D 118 31.08 50.55 5.28
N ASN D 119 31.99 51.26 4.61
CA ASN D 119 32.34 50.97 3.22
C ASN D 119 33.75 51.52 3.00
N SER D 120 34.73 50.63 2.92
CA SER D 120 36.11 51.07 2.85
C SER D 120 36.96 50.04 2.12
N ASP D 121 38.22 50.41 1.90
CA ASP D 121 39.22 49.53 1.32
C ASP D 121 40.20 49.11 2.41
N LEU D 122 40.22 47.82 2.70
CA LEU D 122 41.12 47.24 3.68
C LEU D 122 42.35 46.72 2.96
N PRO D 123 43.55 47.19 3.27
CA PRO D 123 44.73 46.71 2.56
C PRO D 123 45.15 45.32 3.02
N GLU D 124 45.99 44.70 2.19
CA GLU D 124 46.85 43.62 2.65
C GLU D 124 47.67 44.06 3.85
N SER D 125 47.63 43.26 4.90
CA SER D 125 48.55 43.48 6.01
C SER D 125 49.96 43.09 5.62
N ILE D 126 50.09 42.06 4.79
CA ILE D 126 51.36 41.56 4.28
C ILE D 126 51.36 41.71 2.77
N HIS D 127 52.46 42.25 2.24
CA HIS D 127 52.86 42.45 0.83
C HIS D 127 52.16 43.62 0.15
N LYS D 128 51.13 44.20 0.79
CA LYS D 128 50.43 45.43 0.38
C LYS D 128 50.04 45.46 -1.11
N SER D 129 49.53 44.34 -1.60
CA SER D 129 49.37 44.16 -3.03
C SER D 129 47.92 44.19 -3.52
N SER D 130 46.94 44.29 -2.63
CA SER D 130 45.54 44.24 -3.03
C SER D 130 44.71 44.94 -1.97
N SER D 131 43.43 45.19 -2.31
CA SER D 131 42.52 45.90 -1.45
C SER D 131 41.17 45.19 -1.39
N CYS D 132 40.61 45.13 -0.19
CA CYS D 132 39.30 44.55 0.06
C CYS D 132 38.26 45.64 0.18
N ASP D 133 37.31 45.66 -0.74
CA ASP D 133 36.16 46.56 -0.67
C ASP D 133 35.18 45.94 0.30
N ILE D 134 35.22 46.37 1.56
CA ILE D 134 34.29 45.90 2.56
C ILE D 134 33.12 46.87 2.65
N THR D 135 31.93 46.33 2.86
CA THR D 135 30.76 47.14 3.20
C THR D 135 29.80 46.33 4.05
N ILE D 136 29.33 46.96 5.12
CA ILE D 136 28.56 46.28 6.16
C ILE D 136 27.19 46.94 6.26
N ASN D 137 26.16 46.17 5.95
CA ASN D 137 24.77 46.61 6.03
C ASN D 137 24.24 46.18 7.40
N GLY D 138 24.58 46.96 8.40
CA GLY D 138 24.12 46.71 9.76
C GLY D 138 25.12 47.21 10.77
N SER D 139 24.67 47.24 12.02
CA SER D 139 25.55 47.55 13.15
C SER D 139 25.80 46.33 14.01
N CYS D 140 25.55 45.15 13.46
CA CYS D 140 25.61 43.90 14.20
C CYS D 140 26.96 43.20 14.09
N VAL D 141 27.94 43.79 13.43
CA VAL D 141 29.24 43.17 13.24
C VAL D 141 30.22 43.84 14.20
N THR D 142 30.87 43.04 15.03
CA THR D 142 31.94 43.51 15.89
C THR D 142 33.22 43.75 15.10
N CYS D 143 33.68 42.72 14.39
CA CYS D 143 34.95 42.80 13.71
C CYS D 143 35.00 41.80 12.55
N VAL D 144 35.85 42.10 11.56
CA VAL D 144 36.05 41.28 10.38
C VAL D 144 37.52 40.91 10.27
N ASN D 145 37.80 39.64 10.00
CA ASN D 145 39.14 39.12 9.75
C ASN D 145 39.07 38.19 8.57
N LEU D 146 39.77 38.51 7.48
CA LEU D 146 39.78 37.63 6.31
C LEU D 146 41.23 37.30 5.99
N GLU D 147 41.59 36.03 6.16
CA GLU D 147 42.93 35.54 5.84
C GLU D 147 42.84 34.79 4.51
N THR D 148 43.18 35.47 3.44
CA THR D 148 43.15 34.88 2.11
C THR D 148 44.38 34.00 1.92
N ASP D 149 44.14 32.78 1.41
CA ASP D 149 45.10 31.69 1.20
C ASP D 149 45.90 31.38 2.46
N PRO D 150 45.29 30.76 3.47
CA PRO D 150 46.02 30.49 4.71
C PRO D 150 46.97 29.31 4.56
N THR D 151 48.02 29.33 5.37
CA THR D 151 48.98 28.24 5.40
C THR D 151 48.58 27.10 6.30
N LYS D 152 47.56 27.29 7.13
CA LYS D 152 47.15 26.27 8.09
C LYS D 152 45.63 26.14 8.10
N ILE D 153 45.16 24.93 8.06
CA ILE D 153 43.74 24.62 8.17
C ILE D 153 43.41 24.55 9.65
N ASN D 154 42.20 24.95 10.00
CA ASN D 154 41.74 24.82 11.38
C ASN D 154 41.58 23.34 11.70
N PRO D 155 42.18 22.85 12.79
CA PRO D 155 42.15 21.41 13.06
C PRO D 155 40.79 20.86 13.43
N HIS D 156 39.84 21.71 13.83
CA HIS D 156 38.52 21.23 14.21
C HIS D 156 37.60 21.01 13.02
N TYR D 157 38.06 21.29 11.80
CA TYR D 157 37.27 21.07 10.60
C TYR D 157 37.60 19.69 10.05
N LEU D 158 36.60 18.81 9.98
CA LEU D 158 36.80 17.45 9.52
C LEU D 158 36.38 17.36 8.06
N HIS D 159 37.36 17.12 7.19
CA HIS D 159 37.11 17.08 5.76
C HIS D 159 36.37 15.78 5.41
N PRO D 160 35.53 15.82 4.38
CA PRO D 160 34.84 14.59 3.96
C PRO D 160 35.81 13.57 3.38
N LYS D 161 35.41 12.29 3.48
CA LYS D 161 36.33 11.20 3.19
C LYS D 161 36.58 11.06 1.70
N ASN D 162 35.55 11.24 0.87
CA ASN D 162 35.71 11.09 -0.56
C ASN D 162 36.26 12.33 -1.25
N LYS D 163 36.57 13.39 -0.51
CA LYS D 163 37.02 14.65 -1.06
C LYS D 163 38.54 14.77 -0.88
N TYR D 164 39.10 15.80 -1.51
CA TYR D 164 40.51 16.12 -1.36
C TYR D 164 40.66 17.60 -1.06
N LEU D 165 41.60 17.93 -0.18
CA LEU D 165 41.83 19.29 0.26
C LEU D 165 43.26 19.70 0.00
N TYR D 166 43.44 20.88 -0.59
CA TYR D 166 44.75 21.47 -0.77
C TYR D 166 44.71 22.89 -0.24
N HIS D 167 45.81 23.31 0.38
CA HIS D 167 45.91 24.65 0.92
C HIS D 167 47.27 25.22 0.57
N ASN D 168 47.41 26.53 0.75
CA ASN D 168 48.64 27.22 0.44
C ASN D 168 49.75 26.79 1.40
N SER D 169 50.97 26.71 0.87
CA SER D 169 52.13 26.37 1.68
C SER D 169 53.18 27.46 1.68
N GLU D 170 53.01 28.52 0.90
CA GLU D 170 53.97 29.61 0.83
C GLU D 170 53.41 30.83 1.55
N TYR D 171 54.31 31.51 2.27
CA TYR D 171 53.94 32.75 2.95
C TYR D 171 53.69 33.89 1.98
N SER D 172 54.28 33.83 0.78
CA SER D 172 54.18 34.94 -0.16
C SER D 172 52.78 35.10 -0.75
N MET D 173 51.95 34.07 -0.69
CA MET D 173 50.58 34.15 -1.18
C MET D 173 49.57 34.42 -0.08
N ARG D 174 50.00 34.60 1.16
CA ARG D 174 49.08 34.92 2.24
C ARG D 174 48.64 36.38 2.14
N GLY D 175 47.39 36.63 2.51
CA GLY D 175 46.91 37.99 2.63
C GLY D 175 46.04 38.12 3.86
N SER D 176 46.12 39.25 4.54
CA SER D 176 45.32 39.47 5.75
C SER D 176 44.60 40.80 5.65
N TYR D 177 43.29 40.78 5.90
CA TYR D 177 42.49 41.99 6.00
C TYR D 177 41.78 41.97 7.35
N GLY D 178 41.72 43.11 8.01
CA GLY D 178 41.10 43.16 9.32
C GLY D 178 40.52 44.52 9.59
N VAL D 179 39.39 44.52 10.28
CA VAL D 179 38.80 45.77 10.78
C VAL D 179 38.09 45.46 12.08
N THR D 180 38.24 46.35 13.06
CA THR D 180 37.52 46.27 14.31
C THR D 180 36.74 47.55 14.50
N PHE D 181 35.60 47.44 15.15
CA PHE D 181 34.77 48.61 15.43
C PHE D 181 34.63 48.86 16.92
N ILE D 182 35.34 48.12 17.75
CA ILE D 182 35.30 48.25 19.19
C ILE D 182 36.73 48.41 19.69
N ASP D 183 36.85 48.90 20.93
CA ASP D 183 38.16 49.30 21.47
C ASP D 183 38.89 48.11 22.11
N GLU D 184 39.17 47.11 21.28
CA GLU D 184 39.96 45.96 21.70
C GLU D 184 40.96 45.61 20.60
N LEU D 185 42.20 45.34 21.00
CA LEU D 185 43.20 44.86 20.06
C LEU D 185 42.84 43.45 19.59
N ASN D 186 42.92 43.24 18.27
CA ASN D 186 42.57 41.96 17.60
C ASN D 186 41.13 41.61 17.99
N GLN D 187 40.91 40.46 18.64
CA GLN D 187 39.70 39.79 19.12
C GLN D 187 38.85 39.34 17.95
N CYS D 188 39.35 39.44 16.72
CA CYS D 188 38.73 38.75 15.61
C CYS D 188 39.05 37.26 15.64
N LEU D 189 40.21 36.92 16.17
CA LEU D 189 40.67 35.55 16.27
C LEU D 189 39.87 34.78 17.31
N LEU D 190 39.69 33.48 17.07
CA LEU D 190 38.81 32.66 17.89
C LEU D 190 39.58 32.01 19.03
N ASP D 191 38.85 31.26 19.86
CA ASP D 191 39.43 30.53 20.98
C ASP D 191 39.90 29.14 20.58
N ILE D 192 39.29 28.58 19.52
CA ILE D 192 39.50 27.26 18.92
C ILE D 192 39.66 26.11 19.92
N LYS D 193 39.05 26.24 21.09
CA LYS D 193 39.05 25.19 22.09
C LYS D 193 37.89 24.23 21.89
N GLU D 194 36.70 24.77 21.63
CA GLU D 194 35.51 23.96 21.36
C GLU D 194 34.81 24.61 20.17
N LEU D 195 35.10 24.11 18.98
CA LEU D 195 34.57 24.62 17.73
C LEU D 195 34.17 23.46 16.84
N SER D 196 33.02 23.58 16.19
CA SER D 196 32.55 22.59 15.25
C SER D 196 32.06 23.28 14.00
N TYR D 197 32.24 22.61 12.86
CA TYR D 197 31.96 23.21 11.56
C TYR D 197 30.86 22.44 10.86
N ASP D 198 30.06 23.16 10.08
CA ASP D 198 28.97 22.57 9.31
C ASP D 198 29.14 23.02 7.87
N ILE D 199 29.02 22.07 6.94
CA ILE D 199 29.15 22.38 5.52
C ILE D 199 27.82 22.93 5.03
N CYS D 200 27.86 24.04 4.28
CA CYS D 200 26.66 24.69 3.79
C CYS D 200 25.94 23.83 2.76
N TYR D 201 24.66 24.13 2.55
CA TYR D 201 23.74 23.17 1.95
C TYR D 201 23.89 23.07 0.44
N ARG D 202 23.57 24.16 -0.28
CA ARG D 202 23.46 24.07 -1.74
C ARG D 202 24.84 24.05 -2.39
N GLU D 203 24.83 23.81 -3.70
CA GLU D 203 26.02 23.74 -4.57
C GLU D 203 27.09 22.77 -4.10
N TYR E 3 34.29 -14.78 -49.81
CA TYR E 3 33.95 -14.71 -48.39
C TYR E 3 34.76 -13.63 -47.66
N LYS E 4 34.05 -12.74 -46.98
CA LYS E 4 34.67 -11.69 -46.16
C LYS E 4 34.11 -11.75 -44.75
N ASN E 5 35.01 -11.80 -43.76
CA ASN E 5 34.59 -11.70 -42.37
C ASN E 5 34.11 -10.30 -42.06
N THR E 6 32.95 -10.19 -41.42
CA THR E 6 32.37 -8.91 -41.08
C THR E 6 32.22 -8.80 -39.57
N ILE E 7 32.03 -7.57 -39.10
CA ILE E 7 31.78 -7.32 -37.70
C ILE E 7 30.37 -7.79 -37.35
N CYS E 8 30.23 -8.42 -36.19
CA CYS E 8 28.95 -8.93 -35.71
C CYS E 8 27.99 -7.77 -35.46
N PRO E 9 26.68 -8.02 -35.61
CA PRO E 9 25.71 -6.94 -35.41
C PRO E 9 25.67 -6.51 -33.95
N PRO E 10 25.36 -5.24 -33.69
CA PRO E 10 25.36 -4.75 -32.30
C PRO E 10 24.25 -5.38 -31.47
N ARG E 11 24.59 -5.67 -30.21
CA ARG E 11 23.65 -6.25 -29.26
C ARG E 11 23.73 -5.45 -27.97
N GLN E 12 22.78 -5.73 -27.07
CA GLN E 12 22.74 -5.00 -25.80
C GLN E 12 23.90 -5.38 -24.90
N ASP E 13 24.17 -6.67 -24.76
CA ASP E 13 25.21 -7.15 -23.87
C ASP E 13 26.11 -8.05 -24.70
N TYR E 14 27.42 -7.87 -24.54
CA TYR E 14 28.42 -8.61 -25.31
C TYR E 14 29.07 -9.63 -24.41
N ARG E 15 28.97 -10.90 -24.77
CA ARG E 15 29.50 -11.96 -23.91
C ARG E 15 30.91 -12.38 -24.26
N TYR E 16 31.45 -11.92 -25.39
CA TYR E 16 32.80 -12.28 -25.82
C TYR E 16 33.62 -11.01 -25.96
N TRP E 17 34.72 -10.94 -25.22
CA TRP E 17 35.52 -9.74 -25.05
C TRP E 17 36.93 -10.03 -25.50
N TYR E 18 37.54 -9.08 -26.21
CA TYR E 18 38.91 -9.21 -26.69
C TYR E 18 39.73 -8.08 -26.08
N PHE E 19 40.79 -8.45 -25.37
CA PHE E 19 41.66 -7.50 -24.69
C PHE E 19 42.51 -6.78 -25.72
N VAL E 20 42.22 -5.50 -25.97
CA VAL E 20 42.81 -4.80 -27.09
C VAL E 20 43.90 -3.81 -26.67
N ALA E 21 43.84 -3.27 -25.46
CA ALA E 21 44.68 -2.13 -25.15
C ALA E 21 44.87 -2.05 -23.64
N GLU E 22 45.92 -1.35 -23.25
CA GLU E 22 46.34 -1.29 -21.85
C GLU E 22 46.90 0.12 -21.62
N LEU E 23 46.02 1.02 -21.20
CA LEU E 23 46.31 2.44 -21.09
C LEU E 23 46.59 2.79 -19.64
N THR E 24 47.79 3.33 -19.38
CA THR E 24 48.22 3.62 -18.00
C THR E 24 48.56 5.09 -17.86
N ILE E 25 47.62 5.95 -18.25
CA ILE E 25 47.80 7.40 -18.20
C ILE E 25 48.03 7.87 -16.76
N GLY E 26 49.16 8.52 -16.53
CA GLY E 26 49.48 9.03 -15.22
C GLY E 26 49.02 10.47 -15.04
N VAL E 27 48.76 10.84 -13.79
CA VAL E 27 48.26 12.16 -13.45
C VAL E 27 49.06 12.69 -12.27
N ASN E 28 49.30 14.00 -12.26
CA ASN E 28 50.04 14.60 -11.15
C ASN E 28 49.15 14.97 -9.96
N TYR E 29 47.84 14.81 -10.07
CA TYR E 29 46.97 15.01 -8.91
C TYR E 29 46.63 13.67 -8.28
N ASP E 30 46.13 13.74 -7.05
CA ASP E 30 45.95 12.55 -6.23
C ASP E 30 44.60 11.90 -6.50
N ILE E 31 44.63 10.62 -6.86
CA ILE E 31 43.48 9.73 -6.74
C ILE E 31 43.88 8.61 -5.79
N ASN E 32 43.11 8.42 -4.72
CA ASN E 32 43.56 7.50 -3.69
C ASN E 32 43.25 6.05 -4.04
N SER E 33 42.06 5.78 -4.55
CA SER E 33 41.65 4.39 -4.74
C SER E 33 40.61 4.33 -5.85
N THR E 34 40.35 3.11 -6.30
CA THR E 34 39.36 2.88 -7.33
C THR E 34 37.96 2.99 -6.73
N ILE E 35 37.15 3.89 -7.29
CA ILE E 35 35.79 4.12 -6.83
C ILE E 35 34.86 3.29 -7.69
N ILE E 36 34.01 2.49 -7.04
CA ILE E 36 33.10 1.60 -7.76
C ILE E 36 32.00 2.44 -8.38
N GLY E 37 31.75 2.23 -9.68
CA GLY E 37 30.72 2.96 -10.37
C GLY E 37 31.10 4.35 -10.81
N GLU E 38 32.40 4.62 -10.97
CA GLU E 38 32.86 5.94 -11.35
C GLU E 38 32.94 6.12 -12.86
N CYS E 39 33.55 5.15 -13.55
CA CYS E 39 33.80 5.26 -14.99
C CYS E 39 32.51 5.18 -15.78
N HIS E 40 32.42 6.00 -16.83
CA HIS E 40 31.28 5.98 -17.74
C HIS E 40 31.83 5.92 -19.17
N MET E 41 31.41 4.91 -19.92
CA MET E 41 31.95 4.66 -21.25
C MET E 41 30.85 4.82 -22.29
N SER E 42 31.20 5.50 -23.39
CA SER E 42 30.31 5.62 -24.53
C SER E 42 31.03 5.11 -25.77
N GLU E 43 30.43 4.15 -26.45
CA GLU E 43 31.02 3.51 -27.61
C GLU E 43 30.39 4.04 -28.90
N SER E 44 31.13 3.88 -30.00
CA SER E 44 30.65 4.27 -31.31
C SER E 44 31.37 3.45 -32.37
N TYR E 45 30.65 3.14 -33.45
CA TYR E 45 31.23 2.54 -34.65
C TYR E 45 30.52 3.20 -35.83
N ILE E 46 31.12 4.26 -36.35
CA ILE E 46 30.62 4.96 -37.53
C ILE E 46 31.73 4.98 -38.57
N ASP E 47 31.43 4.43 -39.75
CA ASP E 47 32.30 4.42 -40.93
C ASP E 47 33.63 3.73 -40.61
N ARG E 48 33.50 2.50 -40.11
CA ARG E 48 34.60 1.56 -39.89
C ARG E 48 35.66 2.11 -38.91
N ASN E 49 35.25 2.97 -37.98
CA ASN E 49 36.17 3.57 -37.01
C ASN E 49 35.58 3.36 -35.63
N ALA E 50 36.27 2.59 -34.79
CA ALA E 50 35.81 2.38 -33.43
C ALA E 50 36.12 3.61 -32.59
N ASN E 51 35.29 3.88 -31.60
CA ASN E 51 35.49 5.05 -30.76
C ASN E 51 34.98 4.76 -29.36
N ILE E 52 35.71 5.21 -28.35
CA ILE E 52 35.32 5.05 -26.96
C ILE E 52 35.62 6.35 -26.23
N VAL E 53 34.65 6.82 -25.44
CA VAL E 53 34.81 8.00 -24.60
C VAL E 53 34.67 7.55 -23.16
N LEU E 54 35.71 7.77 -22.37
CA LEU E 54 35.81 7.31 -20.99
C LEU E 54 35.84 8.53 -20.08
N THR E 55 34.76 8.74 -19.33
CA THR E 55 34.72 9.81 -18.35
C THR E 55 34.90 9.19 -16.97
N GLY E 56 35.97 9.57 -16.29
CA GLY E 56 36.21 9.05 -14.95
C GLY E 56 37.54 9.48 -14.39
N TYR E 57 37.60 9.60 -13.06
CA TYR E 57 38.82 9.90 -12.29
C TYR E 57 39.48 11.19 -12.75
N GLY E 58 38.66 12.16 -13.14
CA GLY E 58 39.13 13.45 -13.59
C GLY E 58 39.55 13.53 -15.04
N LEU E 59 39.33 12.48 -15.83
CA LEU E 59 39.79 12.49 -17.22
C LEU E 59 38.71 12.01 -18.18
N LYS E 60 38.77 12.56 -19.39
CA LYS E 60 38.00 12.10 -20.53
C LYS E 60 38.96 11.54 -21.57
N ILE E 61 38.74 10.30 -21.96
CA ILE E 61 39.60 9.60 -22.92
C ILE E 61 38.75 9.32 -24.15
N ASN E 62 38.99 10.09 -25.21
CA ASN E 62 38.32 9.88 -26.50
C ASN E 62 39.34 9.18 -27.39
N MET E 63 39.29 7.85 -27.36
CA MET E 63 40.23 7.04 -28.11
C MET E 63 39.50 6.35 -29.25
N THR E 64 40.04 6.49 -30.45
CA THR E 64 39.42 5.96 -31.65
C THR E 64 40.44 5.15 -32.43
N ILE E 65 39.97 4.11 -33.10
CA ILE E 65 40.80 3.29 -33.95
C ILE E 65 40.27 3.39 -35.37
N MET E 66 41.16 3.65 -36.33
CA MET E 66 40.78 3.81 -37.71
C MET E 66 40.86 2.47 -38.46
N ASP E 67 39.89 2.26 -39.36
CA ASP E 67 39.90 1.22 -40.38
C ASP E 67 39.90 -0.17 -39.73
N THR E 68 38.90 -0.41 -38.89
CA THR E 68 38.80 -1.64 -38.13
C THR E 68 37.47 -2.34 -38.38
N ASP E 69 37.45 -3.62 -38.01
CA ASP E 69 36.22 -4.40 -37.91
C ASP E 69 35.94 -4.76 -36.45
N GLN E 70 36.39 -3.92 -35.53
CA GLN E 70 36.18 -4.10 -34.10
C GLN E 70 35.43 -2.89 -33.56
N ARG E 71 34.58 -3.12 -32.57
CA ARG E 71 33.96 -2.02 -31.84
C ARG E 71 34.21 -2.24 -30.36
N PHE E 72 34.49 -1.15 -29.65
CA PHE E 72 34.74 -1.21 -28.22
C PHE E 72 33.48 -1.64 -27.49
N VAL E 73 33.59 -2.71 -26.72
CA VAL E 73 32.44 -3.25 -26.04
C VAL E 73 32.56 -3.15 -24.53
N ALA E 74 33.77 -2.94 -24.00
CA ALA E 74 33.94 -2.88 -22.56
C ALA E 74 35.19 -2.11 -22.20
N ALA E 75 35.21 -1.64 -20.96
CA ALA E 75 36.38 -0.97 -20.42
C ALA E 75 36.37 -1.10 -18.90
N ALA E 76 37.55 -1.30 -18.33
CA ALA E 76 37.72 -1.42 -16.89
C ALA E 76 38.79 -0.45 -16.45
N GLU E 77 38.49 0.35 -15.43
CA GLU E 77 39.38 1.40 -15.00
C GLU E 77 39.79 1.17 -13.55
N GLY E 78 41.05 1.45 -13.25
CA GLY E 78 41.56 1.26 -11.91
C GLY E 78 42.63 2.28 -11.60
N VAL E 79 42.87 2.49 -10.31
CA VAL E 79 43.84 3.46 -9.85
C VAL E 79 44.92 2.73 -9.06
N GLY E 80 46.15 2.81 -9.54
CA GLY E 80 47.28 2.22 -8.86
C GLY E 80 47.97 3.22 -7.97
N LYS E 81 49.14 2.83 -7.48
CA LYS E 81 49.91 3.72 -6.64
C LYS E 81 50.60 4.79 -7.47
N ASP E 82 51.06 5.84 -6.78
CA ASP E 82 51.72 7.02 -7.35
C ASP E 82 50.85 7.73 -8.40
N ASN E 83 49.53 7.71 -8.16
CA ASN E 83 48.52 8.39 -8.98
C ASN E 83 48.56 7.93 -10.44
N LYS E 84 48.32 6.64 -10.64
CA LYS E 84 48.36 6.02 -11.94
C LYS E 84 46.97 5.53 -12.30
N LEU E 85 46.55 5.78 -13.54
CA LEU E 85 45.20 5.42 -13.96
C LEU E 85 45.31 4.37 -15.05
N SER E 86 45.06 3.12 -14.69
CA SER E 86 45.11 2.01 -15.62
C SER E 86 43.75 1.85 -16.28
N VAL E 87 43.76 1.71 -17.61
CA VAL E 87 42.54 1.53 -18.40
C VAL E 87 42.72 0.27 -19.23
N LEU E 88 41.76 -0.65 -19.13
CA LEU E 88 41.74 -1.88 -19.89
C LEU E 88 40.58 -1.79 -20.87
N LEU E 89 40.85 -2.10 -22.14
CA LEU E 89 39.83 -1.95 -23.18
C LEU E 89 39.56 -3.28 -23.86
N PHE E 90 38.29 -3.52 -24.19
CA PHE E 90 37.87 -4.77 -24.78
C PHE E 90 36.96 -4.48 -25.97
N THR E 91 37.28 -5.08 -27.12
CA THR E 91 36.46 -5.08 -28.32
C THR E 91 35.87 -6.47 -28.57
N THR E 92 35.26 -6.64 -29.74
CA THR E 92 34.62 -7.90 -30.05
C THR E 92 35.61 -9.01 -30.38
N GLN E 93 36.37 -8.85 -31.47
CA GLN E 93 37.22 -9.90 -31.97
C GLN E 93 38.21 -9.31 -32.96
N ARG E 94 39.32 -10.01 -33.14
CA ARG E 94 40.37 -9.62 -34.09
C ARG E 94 40.15 -10.40 -35.37
N LEU E 95 39.56 -9.75 -36.37
CA LEU E 95 39.33 -10.38 -37.66
C LEU E 95 40.40 -10.03 -38.68
N ASP E 96 41.43 -9.28 -38.30
CA ASP E 96 42.53 -8.99 -39.19
C ASP E 96 43.86 -9.06 -38.44
N LYS E 97 44.92 -9.35 -39.16
CA LYS E 97 46.26 -9.49 -38.61
C LYS E 97 47.14 -8.33 -39.04
N VAL E 98 46.59 -7.12 -39.00
CA VAL E 98 47.33 -5.91 -39.35
C VAL E 98 47.23 -4.94 -38.19
N HIS E 99 48.23 -4.06 -38.11
CA HIS E 99 48.22 -3.02 -37.08
C HIS E 99 47.32 -1.87 -37.52
N HIS E 100 46.63 -1.28 -36.55
CA HIS E 100 45.67 -0.23 -36.81
C HIS E 100 46.16 1.09 -36.26
N ASN E 101 45.82 2.17 -36.96
CA ASN E 101 46.16 3.50 -36.51
C ASN E 101 45.26 3.91 -35.35
N ILE E 102 45.83 4.60 -34.38
CA ILE E 102 45.21 4.87 -33.09
C ILE E 102 45.22 6.38 -32.90
N SER E 103 44.12 6.97 -32.43
CA SER E 103 44.12 8.39 -32.09
C SER E 103 43.46 8.56 -30.73
N VAL E 104 44.19 9.10 -29.77
CA VAL E 104 43.69 9.24 -28.40
C VAL E 104 43.75 10.71 -27.98
N THR E 105 42.63 11.20 -27.47
CA THR E 105 42.48 12.53 -26.93
C THR E 105 42.28 12.39 -25.43
N ILE E 106 43.17 12.97 -24.64
CA ILE E 106 43.07 12.90 -23.18
C ILE E 106 42.83 14.31 -22.67
N THR E 107 41.65 14.57 -22.12
CA THR E 107 41.32 15.88 -21.61
C THR E 107 41.14 15.82 -20.11
N CYS E 108 41.55 16.89 -19.42
CA CYS E 108 41.38 16.99 -17.98
C CYS E 108 40.07 17.72 -17.70
N MET E 109 39.17 17.04 -17.00
CA MET E 109 37.93 17.67 -16.52
C MET E 109 38.02 18.15 -15.08
N GLU E 110 39.11 17.84 -14.38
CA GLU E 110 39.36 18.35 -13.04
C GLU E 110 40.83 18.71 -12.96
N MET E 111 41.22 19.40 -11.88
CA MET E 111 42.57 19.89 -11.64
C MET E 111 43.11 20.76 -12.78
N ASN E 112 44.21 20.37 -13.42
CA ASN E 112 44.83 21.21 -14.44
C ASN E 112 44.08 21.06 -15.76
N CYS E 113 42.94 21.73 -15.83
CA CYS E 113 42.25 21.87 -17.10
C CYS E 113 42.93 22.95 -17.94
N GLY E 114 42.74 22.86 -19.25
CA GLY E 114 43.30 23.86 -20.13
C GLY E 114 43.21 23.44 -21.58
N THR E 115 43.87 24.22 -22.43
CA THR E 115 43.92 23.97 -23.86
C THR E 115 44.94 22.87 -24.17
N THR E 116 45.10 22.60 -25.46
CA THR E 116 45.94 21.50 -25.92
C THR E 116 47.42 21.80 -25.66
N LYS E 117 48.04 20.96 -24.83
CA LYS E 117 49.46 21.08 -24.56
C LYS E 117 50.29 20.21 -25.49
N TYR E 118 49.71 19.16 -26.05
CA TYR E 118 50.48 18.17 -26.79
C TYR E 118 49.63 17.61 -27.91
N ASN E 119 50.24 17.47 -29.09
CA ASN E 119 49.59 16.87 -30.26
C ASN E 119 50.68 16.33 -31.16
N SER E 120 50.82 15.00 -31.18
CA SER E 120 51.95 14.40 -31.90
C SER E 120 51.59 13.01 -32.36
N ASP E 121 52.50 12.42 -33.13
CA ASP E 121 52.40 11.04 -33.60
C ASP E 121 53.41 10.21 -32.84
N LEU E 122 52.91 9.26 -32.04
CA LEU E 122 53.74 8.34 -31.29
C LEU E 122 53.90 7.06 -32.10
N PRO E 123 55.11 6.64 -32.44
CA PRO E 123 55.27 5.44 -33.25
C PRO E 123 55.07 4.17 -32.42
N GLU E 124 54.86 3.07 -33.14
CA GLU E 124 55.12 1.74 -32.58
C GLU E 124 56.54 1.66 -32.05
N SER E 125 56.66 1.20 -30.81
CA SER E 125 57.99 0.88 -30.29
C SER E 125 58.51 -0.40 -30.95
N ILE E 126 57.62 -1.34 -31.24
CA ILE E 126 57.94 -2.59 -31.89
C ILE E 126 57.20 -2.64 -33.23
N HIS E 127 57.92 -3.03 -34.28
CA HIS E 127 57.54 -3.30 -35.68
C HIS E 127 57.32 -2.03 -36.50
N LYS E 128 57.27 -0.85 -35.86
CA LYS E 128 57.23 0.48 -36.49
C LYS E 128 56.18 0.60 -37.61
N SER E 129 55.00 0.06 -37.37
CA SER E 129 54.02 -0.12 -38.43
C SER E 129 52.81 0.81 -38.36
N SER E 130 52.69 1.63 -37.32
CA SER E 130 51.53 2.47 -37.15
C SER E 130 51.90 3.67 -36.28
N SER E 131 51.00 4.65 -36.23
CA SER E 131 51.23 5.88 -35.50
C SER E 131 49.99 6.24 -34.68
N CYS E 132 50.23 6.71 -33.46
CA CYS E 132 49.20 7.17 -32.55
C CYS E 132 49.12 8.68 -32.56
N ASP E 133 48.00 9.23 -33.01
CA ASP E 133 47.76 10.67 -32.94
C ASP E 133 47.30 10.95 -31.52
N ILE E 134 48.22 11.38 -30.67
CA ILE E 134 47.89 11.76 -29.30
C ILE E 134 47.67 13.26 -29.25
N THR E 135 46.71 13.67 -28.43
CA THR E 135 46.53 15.07 -28.09
C THR E 135 45.93 15.20 -26.70
N ILE E 136 46.53 16.09 -25.92
CA ILE E 136 46.22 16.21 -24.50
C ILE E 136 45.70 17.62 -24.22
N ASN E 137 44.44 17.70 -23.79
CA ASN E 137 43.79 18.95 -23.44
C ASN E 137 43.94 19.12 -21.92
N GLY E 138 45.11 19.59 -21.53
CA GLY E 138 45.40 19.86 -20.13
C GLY E 138 46.88 19.66 -19.84
N SER E 139 47.28 20.10 -18.65
CA SER E 139 48.62 19.88 -18.14
C SER E 139 48.62 18.89 -16.99
N CYS E 140 47.54 18.12 -16.87
CA CYS E 140 47.33 17.24 -15.73
C CYS E 140 47.80 15.82 -15.99
N VAL E 141 48.41 15.54 -17.14
CA VAL E 141 48.86 14.20 -17.47
C VAL E 141 50.37 14.14 -17.30
N THR E 142 50.84 13.20 -16.48
CA THR E 142 52.26 12.94 -16.32
C THR E 142 52.80 12.18 -17.53
N CYS E 143 52.19 11.04 -17.84
CA CYS E 143 52.72 10.17 -18.89
C CYS E 143 51.61 9.29 -19.44
N VAL E 144 51.80 8.85 -20.69
CA VAL E 144 50.87 7.98 -21.41
C VAL E 144 51.61 6.72 -21.85
N ASN E 145 50.98 5.57 -21.63
CA ASN E 145 51.47 4.27 -22.07
C ASN E 145 50.31 3.50 -22.65
N LEU E 146 50.36 3.16 -23.93
CA LEU E 146 49.29 2.37 -24.54
C LEU E 146 49.90 1.13 -25.16
N GLU E 147 49.57 -0.03 -24.61
CA GLU E 147 50.04 -1.31 -25.12
C GLU E 147 48.88 -1.95 -25.89
N THR E 148 48.88 -1.78 -27.19
CA THR E 148 47.84 -2.34 -28.04
C THR E 148 48.10 -3.83 -28.25
N ASP E 149 47.03 -4.62 -28.07
CA ASP E 149 47.00 -6.09 -28.12
C ASP E 149 48.04 -6.72 -27.20
N PRO E 150 47.86 -6.67 -25.89
CA PRO E 150 48.86 -7.22 -24.99
C PRO E 150 48.80 -8.75 -24.95
N THR E 151 49.95 -9.34 -24.62
CA THR E 151 50.05 -10.78 -24.47
C THR E 151 49.67 -11.26 -23.08
N LYS E 152 49.54 -10.36 -22.12
CA LYS E 152 49.24 -10.74 -20.75
C LYS E 152 48.17 -9.83 -20.16
N ILE E 153 47.21 -10.44 -19.51
CA ILE E 153 46.17 -9.70 -18.81
C ILE E 153 46.71 -9.38 -17.42
N ASN E 154 46.30 -8.24 -16.88
CA ASN E 154 46.66 -7.89 -15.52
C ASN E 154 45.96 -8.85 -14.56
N PRO E 155 46.68 -9.49 -13.65
CA PRO E 155 46.07 -10.52 -12.79
C PRO E 155 45.07 -9.98 -11.79
N HIS E 156 45.10 -8.68 -11.49
CA HIS E 156 44.17 -8.12 -10.51
C HIS E 156 42.81 -7.80 -11.11
N TYR E 157 42.60 -8.03 -12.40
CA TYR E 157 41.32 -7.79 -13.03
C TYR E 157 40.53 -9.09 -13.03
N LEU E 158 39.38 -9.09 -12.36
CA LEU E 158 38.55 -10.28 -12.23
C LEU E 158 37.44 -10.22 -13.28
N HIS E 159 37.52 -11.13 -14.24
CA HIS E 159 36.55 -11.16 -15.33
C HIS E 159 35.21 -11.66 -14.82
N PRO E 160 34.10 -11.19 -15.41
CA PRO E 160 32.79 -11.69 -15.01
C PRO E 160 32.59 -13.15 -15.39
N LYS E 161 31.72 -13.82 -14.62
CA LYS E 161 31.60 -15.27 -14.71
C LYS E 161 30.90 -15.70 -15.99
N ASN E 162 29.86 -14.97 -16.40
CA ASN E 162 29.12 -15.33 -17.59
C ASN E 162 29.76 -14.85 -18.90
N LYS E 163 30.90 -14.20 -18.82
CA LYS E 163 31.58 -13.62 -19.98
C LYS E 163 32.73 -14.51 -20.39
N TYR E 164 33.31 -14.18 -21.56
CA TYR E 164 34.50 -14.87 -22.06
C TYR E 164 35.52 -13.85 -22.48
N LEU E 165 36.78 -14.13 -22.21
CA LEU E 165 37.88 -13.21 -22.50
C LEU E 165 38.91 -13.89 -23.38
N TYR E 166 39.32 -13.21 -24.44
CA TYR E 166 40.40 -13.65 -25.30
C TYR E 166 41.40 -12.51 -25.45
N HIS E 167 42.68 -12.87 -25.47
CA HIS E 167 43.73 -11.88 -25.64
C HIS E 167 44.75 -12.40 -26.63
N ASN E 168 45.60 -11.49 -27.09
CA ASN E 168 46.63 -11.84 -28.07
C ASN E 168 47.65 -12.78 -27.46
N SER E 169 48.13 -13.71 -28.29
CA SER E 169 49.17 -14.64 -27.87
C SER E 169 50.44 -14.53 -28.70
N GLU E 170 50.45 -13.71 -29.74
CA GLU E 170 51.62 -13.55 -30.60
C GLU E 170 52.28 -12.20 -30.32
N TYR E 171 53.61 -12.21 -30.31
CA TYR E 171 54.37 -10.98 -30.15
C TYR E 171 54.26 -10.08 -31.36
N SER E 172 53.99 -10.64 -32.54
CA SER E 172 53.98 -9.85 -33.77
C SER E 172 52.83 -8.86 -33.83
N MET E 173 51.77 -9.07 -33.06
CA MET E 173 50.64 -8.14 -33.04
C MET E 173 50.69 -7.16 -31.89
N ARG E 174 51.75 -7.19 -31.07
CA ARG E 174 51.88 -6.22 -29.99
C ARG E 174 52.29 -4.87 -30.54
N GLY E 175 51.78 -3.81 -29.91
CA GLY E 175 52.23 -2.47 -30.23
C GLY E 175 52.39 -1.67 -28.95
N SER E 176 53.39 -0.80 -28.88
CA SER E 176 53.61 0.00 -27.70
C SER E 176 53.76 1.46 -28.10
N TYR E 177 53.02 2.34 -27.43
CA TYR E 177 53.18 3.78 -27.58
C TYR E 177 53.42 4.37 -26.20
N GLY E 178 54.32 5.32 -26.11
CA GLY E 178 54.64 5.91 -24.83
C GLY E 178 55.11 7.34 -24.98
N VAL E 179 54.72 8.16 -24.01
CA VAL E 179 55.24 9.52 -23.93
C VAL E 179 55.31 9.90 -22.46
N THR E 180 56.39 10.57 -22.08
CA THR E 180 56.54 11.11 -20.74
C THR E 180 56.79 12.60 -20.87
N PHE E 181 56.33 13.36 -19.87
CA PHE E 181 56.52 14.79 -19.85
C PHE E 181 57.37 15.23 -18.67
N ILE E 182 57.90 14.29 -17.91
CA ILE E 182 58.72 14.57 -16.73
C ILE E 182 60.03 13.80 -16.87
N ASP E 183 61.02 14.21 -16.10
CA ASP E 183 62.39 13.70 -16.26
C ASP E 183 62.60 12.40 -15.47
N GLU E 184 61.82 11.38 -15.84
CA GLU E 184 61.98 10.05 -15.27
C GLU E 184 61.87 9.01 -16.38
N LEU E 185 62.77 8.04 -16.37
CA LEU E 185 62.67 6.92 -17.29
C LEU E 185 61.47 6.07 -16.96
N ASN E 186 60.69 5.71 -18.00
CA ASN E 186 59.44 4.93 -17.89
C ASN E 186 58.51 5.65 -16.93
N GLN E 187 58.12 5.02 -15.81
CA GLN E 187 57.23 5.37 -14.71
C GLN E 187 55.80 5.49 -15.21
N CYS E 188 55.52 5.10 -16.45
CA CYS E 188 54.15 4.89 -16.87
C CYS E 188 53.61 3.57 -16.32
N LEU E 189 54.50 2.60 -16.14
CA LEU E 189 54.14 1.28 -15.62
C LEU E 189 53.76 1.35 -14.14
N LEU E 190 52.84 0.48 -13.74
CA LEU E 190 52.28 0.55 -12.39
C LEU E 190 53.07 -0.33 -11.43
N ASP E 191 52.62 -0.31 -10.16
CA ASP E 191 53.25 -1.11 -9.12
C ASP E 191 52.62 -2.50 -9.02
N ILE E 192 51.36 -2.63 -9.46
CA ILE E 192 50.48 -3.81 -9.47
C ILE E 192 50.53 -4.66 -8.21
N LYS E 193 50.82 -4.03 -7.06
CA LYS E 193 50.82 -4.70 -5.79
C LYS E 193 49.44 -4.67 -5.14
N GLU E 194 48.79 -3.50 -5.19
CA GLU E 194 47.43 -3.35 -4.66
C GLU E 194 46.66 -2.52 -5.69
N LEU E 195 45.96 -3.22 -6.57
CA LEU E 195 45.20 -2.63 -7.66
C LEU E 195 43.85 -3.31 -7.76
N SER E 196 42.80 -2.52 -7.96
CA SER E 196 41.47 -3.06 -8.16
C SER E 196 40.82 -2.35 -9.34
N TYR E 197 39.99 -3.08 -10.08
CA TYR E 197 39.42 -2.59 -11.32
C TYR E 197 37.91 -2.50 -11.19
N ASP E 198 37.33 -1.52 -11.88
CA ASP E 198 35.89 -1.32 -11.89
C ASP E 198 35.46 -1.25 -13.35
N ILE E 199 34.39 -1.97 -13.70
CA ILE E 199 33.87 -1.97 -15.05
C ILE E 199 33.00 -0.74 -15.24
N CYS E 200 33.21 -0.02 -16.36
CA CYS E 200 32.48 1.21 -16.63
C CYS E 200 30.99 0.93 -16.88
N TYR E 201 30.19 1.99 -16.74
CA TYR E 201 28.76 1.81 -16.52
C TYR E 201 28.00 1.49 -17.80
N ARG E 202 27.96 2.42 -18.75
CA ARG E 202 27.07 2.28 -19.89
C ARG E 202 27.62 1.28 -20.90
N GLU E 203 26.78 0.97 -21.90
CA GLU E 203 27.07 0.05 -23.00
C GLU E 203 27.53 -1.34 -22.57
N TYR F 3 -11.52 -38.99 -47.13
CA TYR F 3 -10.95 -38.55 -45.86
C TYR F 3 -9.46 -38.20 -45.99
N LYS F 4 -9.10 -37.00 -45.55
CA LYS F 4 -7.72 -36.54 -45.54
C LYS F 4 -7.36 -36.06 -44.14
N ASN F 5 -6.25 -36.58 -43.60
CA ASN F 5 -5.74 -36.09 -42.34
C ASN F 5 -5.16 -34.69 -42.51
N THR F 6 -5.53 -33.78 -41.62
CA THR F 6 -5.09 -32.40 -41.68
C THR F 6 -4.32 -32.06 -40.42
N ILE F 7 -3.56 -30.97 -40.50
CA ILE F 7 -2.85 -30.47 -39.34
C ILE F 7 -3.84 -29.85 -38.36
N CYS F 8 -3.63 -30.10 -37.07
CA CYS F 8 -4.49 -29.59 -36.02
C CYS F 8 -4.40 -28.07 -35.96
N PRO F 9 -5.48 -27.39 -35.53
CA PRO F 9 -5.46 -25.94 -35.49
C PRO F 9 -4.48 -25.44 -34.44
N PRO F 10 -3.90 -24.26 -34.65
CA PRO F 10 -2.91 -23.74 -33.71
C PRO F 10 -3.51 -23.39 -32.37
N ARG F 11 -2.76 -23.70 -31.30
CA ARG F 11 -3.17 -23.40 -29.94
C ARG F 11 -2.02 -22.72 -29.22
N GLN F 12 -2.30 -22.20 -28.03
CA GLN F 12 -1.28 -21.49 -27.26
C GLN F 12 -0.22 -22.44 -26.75
N ASP F 13 -0.63 -23.57 -26.17
CA ASP F 13 0.31 -24.52 -25.58
C ASP F 13 0.00 -25.87 -26.21
N TYR F 14 1.04 -26.59 -26.60
CA TYR F 14 0.92 -27.87 -27.28
C TYR F 14 1.32 -28.98 -26.30
N ARG F 15 0.40 -29.89 -26.02
CA ARG F 15 0.67 -30.93 -25.04
C ARG F 15 1.22 -32.21 -25.65
N TYR F 16 1.20 -32.35 -26.96
CA TYR F 16 1.69 -33.54 -27.64
C TYR F 16 2.82 -33.16 -28.59
N TRP F 17 3.98 -33.76 -28.38
CA TRP F 17 5.22 -33.36 -29.03
C TRP F 17 5.77 -34.57 -29.77
N TYR F 18 6.29 -34.35 -30.97
CA TYR F 18 6.88 -35.39 -31.79
C TYR F 18 8.33 -35.03 -32.05
N PHE F 19 9.23 -35.93 -31.66
CA PHE F 19 10.67 -35.72 -31.80
C PHE F 19 11.06 -35.86 -33.27
N VAL F 20 11.38 -34.74 -33.92
CA VAL F 20 11.53 -34.73 -35.36
C VAL F 20 12.99 -34.67 -35.81
N ALA F 21 13.88 -34.08 -35.00
CA ALA F 21 15.21 -33.76 -35.52
C ALA F 21 16.18 -33.67 -34.37
N GLU F 22 17.46 -33.79 -34.69
CA GLU F 22 18.52 -33.88 -33.70
C GLU F 22 19.73 -33.17 -34.29
N LEU F 23 19.83 -31.87 -34.02
CA LEU F 23 20.82 -31.00 -34.66
C LEU F 23 21.97 -30.76 -33.68
N THR F 24 23.19 -31.12 -34.10
CA THR F 24 24.36 -31.05 -33.23
C THR F 24 25.43 -30.16 -33.85
N ILE F 25 25.03 -28.95 -34.23
CA ILE F 25 25.92 -27.98 -34.86
C ILE F 25 27.08 -27.63 -33.94
N GLY F 26 28.30 -27.86 -34.42
CA GLY F 26 29.48 -27.55 -33.65
C GLY F 26 30.01 -26.17 -33.96
N VAL F 27 30.70 -25.58 -32.98
CA VAL F 27 31.23 -24.23 -33.09
C VAL F 27 32.67 -24.24 -32.60
N ASN F 28 33.52 -23.42 -33.24
CA ASN F 28 34.91 -23.34 -32.81
C ASN F 28 35.15 -22.36 -31.68
N TYR F 29 34.13 -21.61 -31.25
CA TYR F 29 34.27 -20.77 -30.07
C TYR F 29 33.70 -21.47 -28.85
N ASP F 30 34.06 -20.95 -27.67
CA ASP F 30 33.78 -21.63 -26.42
C ASP F 30 32.40 -21.27 -25.90
N ILE F 31 31.56 -22.27 -25.66
CA ILE F 31 30.40 -22.16 -24.79
C ILE F 31 30.61 -23.16 -23.66
N ASN F 32 30.58 -22.67 -22.42
CA ASN F 32 30.96 -23.53 -21.32
C ASN F 32 29.82 -24.46 -20.88
N SER F 33 28.61 -23.93 -20.79
CA SER F 33 27.52 -24.70 -20.21
C SER F 33 26.19 -24.19 -20.75
N THR F 34 25.15 -24.98 -20.52
CA THR F 34 23.81 -24.61 -20.93
C THR F 34 23.27 -23.53 -20.00
N ILE F 35 22.88 -22.40 -20.57
CA ILE F 35 22.34 -21.28 -19.82
C ILE F 35 20.82 -21.37 -19.86
N ILE F 36 20.20 -21.34 -18.68
CA ILE F 36 18.75 -21.47 -18.59
C ILE F 36 18.10 -20.18 -19.08
N GLY F 37 17.14 -20.33 -19.99
CA GLY F 37 16.45 -19.17 -20.53
C GLY F 37 17.18 -18.44 -21.62
N GLU F 38 18.10 -19.11 -22.31
CA GLU F 38 18.89 -18.47 -23.36
C GLU F 38 18.22 -18.56 -24.72
N CYS F 39 17.75 -19.75 -25.10
CA CYS F 39 17.21 -19.99 -26.43
C CYS F 39 15.86 -19.28 -26.61
N HIS F 40 15.67 -18.73 -27.81
CA HIS F 40 14.40 -18.10 -28.18
C HIS F 40 13.98 -18.66 -29.52
N MET F 41 12.78 -19.21 -29.58
CA MET F 41 12.29 -19.89 -30.76
C MET F 41 11.07 -19.16 -31.34
N SER F 42 11.07 -19.01 -32.66
CA SER F 42 9.91 -18.45 -33.35
C SER F 42 9.47 -19.43 -34.42
N GLU F 43 8.21 -19.83 -34.37
CA GLU F 43 7.64 -20.82 -35.27
C GLU F 43 6.81 -20.15 -36.36
N SER F 44 6.63 -20.88 -37.46
CA SER F 44 5.79 -20.41 -38.55
C SER F 44 5.28 -21.61 -39.34
N TYR F 45 4.06 -21.49 -39.86
CA TYR F 45 3.49 -22.46 -40.80
C TYR F 45 2.72 -21.61 -41.83
N ILE F 46 3.39 -21.28 -42.93
CA ILE F 46 2.79 -20.55 -44.03
C ILE F 46 2.97 -21.38 -45.30
N ASP F 47 1.86 -21.72 -45.95
CA ASP F 47 1.80 -22.43 -47.23
C ASP F 47 2.50 -23.78 -47.13
N ARG F 48 2.05 -24.56 -46.14
CA ARG F 48 2.43 -25.96 -45.93
C ARG F 48 3.93 -26.15 -45.72
N ASN F 49 4.61 -25.13 -45.17
CA ASN F 49 6.04 -25.19 -44.92
C ASN F 49 6.30 -24.81 -43.48
N ALA F 50 6.81 -25.75 -42.69
CA ALA F 50 7.13 -25.45 -41.30
C ALA F 50 8.43 -24.66 -41.24
N ASN F 51 8.54 -23.79 -40.23
CA ASN F 51 9.73 -22.97 -40.10
C ASN F 51 9.98 -22.69 -38.62
N ILE F 52 11.25 -22.74 -38.24
CA ILE F 52 11.66 -22.43 -36.88
C ILE F 52 12.93 -21.59 -36.91
N VAL F 53 12.94 -20.52 -36.13
CA VAL F 53 14.11 -19.66 -35.98
C VAL F 53 14.55 -19.75 -34.53
N LEU F 54 15.79 -20.19 -34.33
CA LEU F 54 16.36 -20.44 -33.01
C LEU F 54 17.50 -19.45 -32.79
N THR F 55 17.29 -18.50 -31.89
CA THR F 55 18.34 -17.58 -31.49
C THR F 55 18.89 -18.00 -30.15
N GLY F 56 20.17 -18.36 -30.10
CA GLY F 56 20.78 -18.75 -28.86
C GLY F 56 22.19 -19.25 -29.02
N TYR F 57 23.01 -19.06 -27.97
CA TYR F 57 24.39 -19.56 -27.90
C TYR F 57 25.25 -19.08 -29.06
N GLY F 58 24.98 -17.87 -29.52
CA GLY F 58 25.72 -17.26 -30.60
C GLY F 58 25.26 -17.64 -31.99
N LEU F 59 24.15 -18.36 -32.13
CA LEU F 59 23.71 -18.81 -33.45
C LEU F 59 22.23 -18.56 -33.68
N LYS F 60 21.90 -18.31 -34.95
CA LYS F 60 20.53 -18.27 -35.42
C LYS F 60 20.33 -19.43 -36.39
N ILE F 61 19.33 -20.26 -36.12
CA ILE F 61 19.04 -21.45 -36.91
C ILE F 61 17.67 -21.22 -37.54
N ASN F 62 17.64 -20.92 -38.83
CA ASN F 62 16.40 -20.78 -39.58
C ASN F 62 16.22 -22.07 -40.38
N MET F 63 15.55 -23.02 -39.77
CA MET F 63 15.35 -24.33 -40.38
C MET F 63 13.89 -24.49 -40.78
N THR F 64 13.67 -24.87 -42.03
CA THR F 64 12.33 -24.98 -42.59
C THR F 64 12.19 -26.34 -43.25
N ILE F 65 10.97 -26.87 -43.21
CA ILE F 65 10.65 -28.13 -43.86
C ILE F 65 9.58 -27.85 -44.89
N MET F 66 9.79 -28.36 -46.10
CA MET F 66 8.88 -28.14 -47.21
C MET F 66 7.84 -29.25 -47.29
N ASP F 67 6.61 -28.87 -47.62
CA ASP F 67 5.53 -29.77 -48.02
C ASP F 67 5.16 -30.73 -46.89
N THR F 68 4.82 -30.15 -45.74
CA THR F 68 4.53 -30.93 -44.54
C THR F 68 3.16 -30.59 -44.00
N ASP F 69 2.67 -31.49 -43.14
CA ASP F 69 1.52 -31.25 -42.29
C ASP F 69 1.92 -31.18 -40.82
N GLN F 70 3.15 -30.74 -40.57
CA GLN F 70 3.69 -30.58 -39.22
C GLN F 70 4.10 -29.14 -39.03
N ARG F 71 3.94 -28.63 -37.81
CA ARG F 71 4.49 -27.33 -37.46
C ARG F 71 5.35 -27.50 -36.21
N PHE F 72 6.48 -26.79 -36.18
CA PHE F 72 7.38 -26.86 -35.05
C PHE F 72 6.71 -26.27 -33.82
N VAL F 73 6.64 -27.05 -32.75
CA VAL F 73 5.97 -26.62 -31.55
C VAL F 73 6.91 -26.47 -30.38
N ALA F 74 8.11 -27.04 -30.45
CA ALA F 74 9.03 -26.96 -29.32
C ALA F 74 10.46 -27.17 -29.79
N ALA F 75 11.38 -26.70 -28.96
CA ALA F 75 12.80 -26.92 -29.20
C ALA F 75 13.53 -26.85 -27.87
N ALA F 76 14.53 -27.70 -27.71
CA ALA F 76 15.36 -27.75 -26.52
C ALA F 76 16.82 -27.69 -26.93
N GLU F 77 17.57 -26.79 -26.32
CA GLU F 77 18.94 -26.55 -26.72
C GLU F 77 19.87 -26.83 -25.55
N GLY F 78 21.03 -27.43 -25.85
CA GLY F 78 21.99 -27.76 -24.82
C GLY F 78 23.39 -27.67 -25.38
N VAL F 79 24.35 -27.53 -24.47
CA VAL F 79 25.76 -27.40 -24.84
C VAL F 79 26.51 -28.57 -24.24
N GLY F 80 27.12 -29.37 -25.10
CA GLY F 80 27.94 -30.48 -24.67
C GLY F 80 29.40 -30.09 -24.58
N LYS F 81 30.24 -31.11 -24.41
CA LYS F 81 31.67 -30.86 -24.36
C LYS F 81 32.23 -30.61 -25.75
N ASP F 82 33.45 -30.06 -25.78
CA ASP F 82 34.18 -29.68 -26.99
C ASP F 82 33.41 -28.69 -27.86
N ASN F 83 32.64 -27.81 -27.21
CA ASN F 83 31.88 -26.72 -27.83
C ASN F 83 30.89 -27.24 -28.87
N LYS F 84 29.95 -28.06 -28.40
CA LYS F 84 28.95 -28.71 -29.24
C LYS F 84 27.59 -28.19 -28.85
N LEU F 85 26.77 -27.86 -29.83
CA LEU F 85 25.45 -27.29 -29.57
C LEU F 85 24.39 -28.24 -30.08
N SER F 86 23.78 -28.99 -29.15
CA SER F 86 22.74 -29.94 -29.49
C SER F 86 21.39 -29.24 -29.49
N VAL F 87 20.62 -29.49 -30.54
CA VAL F 87 19.29 -28.90 -30.70
C VAL F 87 18.30 -30.05 -30.92
N LEU F 88 17.25 -30.08 -30.11
CA LEU F 88 16.19 -31.07 -30.22
C LEU F 88 14.94 -30.35 -30.68
N LEU F 89 14.27 -30.88 -31.69
CA LEU F 89 13.11 -30.22 -32.28
C LEU F 89 11.88 -31.11 -32.19
N PHE F 90 10.74 -30.48 -31.93
CA PHE F 90 9.49 -31.20 -31.74
C PHE F 90 8.39 -30.51 -32.53
N THR F 91 7.68 -31.29 -33.34
CA THR F 91 6.49 -30.88 -34.07
C THR F 91 5.25 -31.54 -33.48
N THR F 92 4.12 -31.41 -34.18
CA THR F 92 2.86 -31.95 -33.68
C THR F 92 2.79 -33.46 -33.82
N GLN F 93 2.79 -33.95 -35.06
CA GLN F 93 2.56 -35.36 -35.32
C GLN F 93 2.97 -35.68 -36.75
N ARG F 94 3.27 -36.96 -36.98
CA ARG F 94 3.66 -37.46 -38.30
C ARG F 94 2.41 -38.03 -38.96
N LEU F 95 1.82 -37.26 -39.87
CA LEU F 95 0.65 -37.73 -40.60
C LEU F 95 0.99 -38.28 -41.97
N ASP F 96 2.27 -38.36 -42.32
CA ASP F 96 2.68 -38.97 -43.58
C ASP F 96 3.93 -39.81 -43.37
N LYS F 97 4.10 -40.81 -44.23
CA LYS F 97 5.22 -41.72 -44.16
C LYS F 97 6.18 -41.49 -45.33
N VAL F 98 6.45 -40.22 -45.63
CA VAL F 98 7.38 -39.86 -46.68
C VAL F 98 8.44 -38.95 -46.09
N HIS F 99 9.59 -38.93 -46.74
CA HIS F 99 10.68 -38.05 -46.34
C HIS F 99 10.44 -36.65 -46.87
N HIS F 100 10.80 -35.66 -46.09
CA HIS F 100 10.55 -34.26 -46.41
C HIS F 100 11.85 -33.54 -46.69
N ASN F 101 11.80 -32.59 -47.62
CA ASN F 101 12.96 -31.78 -47.94
C ASN F 101 13.19 -30.75 -46.83
N ILE F 102 14.46 -30.51 -46.50
CA ILE F 102 14.87 -29.76 -45.33
C ILE F 102 15.75 -28.63 -45.82
N SER F 103 15.57 -27.41 -45.30
CA SER F 103 16.49 -26.32 -45.62
C SER F 103 16.87 -25.60 -44.34
N VAL F 104 18.16 -25.59 -44.01
CA VAL F 104 18.62 -25.00 -42.75
C VAL F 104 19.65 -23.91 -43.05
N THR F 105 19.43 -22.75 -42.45
CA THR F 105 20.31 -21.59 -42.52
C THR F 105 20.90 -21.42 -41.13
N ILE F 106 22.22 -21.47 -41.03
CA ILE F 106 22.90 -21.30 -39.74
C ILE F 106 23.75 -20.04 -39.83
N THR F 107 23.38 -19.01 -39.08
CA THR F 107 24.12 -17.76 -39.10
C THR F 107 24.77 -17.52 -37.75
N CYS F 108 25.96 -16.93 -37.78
CA CYS F 108 26.67 -16.59 -36.56
C CYS F 108 26.33 -15.15 -36.18
N MET F 109 25.76 -14.97 -35.00
CA MET F 109 25.52 -13.65 -34.44
C MET F 109 26.59 -13.19 -33.47
N GLU F 110 27.54 -14.06 -33.13
CA GLU F 110 28.69 -13.71 -32.31
C GLU F 110 29.90 -14.41 -32.92
N MET F 111 31.09 -14.03 -32.43
CA MET F 111 32.38 -14.53 -32.92
C MET F 111 32.57 -14.36 -34.42
N ASN F 112 32.76 -15.45 -35.17
CA ASN F 112 33.06 -15.35 -36.59
C ASN F 112 31.77 -15.10 -37.36
N CYS F 113 31.30 -13.86 -37.33
CA CYS F 113 30.23 -13.43 -38.21
C CYS F 113 30.79 -13.17 -39.60
N GLY F 114 29.92 -13.24 -40.60
CA GLY F 114 30.34 -12.98 -41.95
C GLY F 114 29.27 -13.39 -42.95
N THR F 115 29.66 -13.33 -44.22
CA THR F 115 28.79 -13.71 -45.33
C THR F 115 28.74 -15.22 -45.47
N THR F 116 28.01 -15.68 -46.49
CA THR F 116 27.77 -17.10 -46.69
C THR F 116 29.05 -17.82 -47.11
N LYS F 117 29.47 -18.76 -46.28
CA LYS F 117 30.63 -19.59 -46.59
C LYS F 117 30.23 -20.88 -47.29
N TYR F 118 29.00 -21.34 -47.11
CA TYR F 118 28.62 -22.66 -47.56
C TYR F 118 27.15 -22.64 -47.97
N ASN F 119 26.86 -23.28 -49.10
CA ASN F 119 25.49 -23.41 -49.60
C ASN F 119 25.45 -24.64 -50.49
N SER F 120 24.86 -25.72 -50.00
CA SER F 120 24.91 -26.98 -50.74
C SER F 120 23.70 -27.83 -50.40
N ASP F 121 23.59 -28.95 -51.12
CA ASP F 121 22.57 -29.96 -50.86
C ASP F 121 23.22 -31.18 -50.23
N LEU F 122 22.82 -31.46 -48.99
CA LEU F 122 23.32 -32.61 -48.26
C LEU F 122 22.33 -33.75 -48.44
N PRO F 123 22.75 -34.90 -48.97
CA PRO F 123 21.79 -35.99 -49.17
C PRO F 123 21.45 -36.71 -47.88
N GLU F 124 20.36 -37.47 -47.93
CA GLU F 124 20.16 -38.56 -47.00
C GLU F 124 21.35 -39.51 -47.00
N SER F 125 21.86 -39.79 -45.81
CA SER F 125 22.85 -40.85 -45.70
C SER F 125 22.21 -42.22 -45.89
N ILE F 126 20.97 -42.36 -45.41
CA ILE F 126 20.18 -43.58 -45.54
C ILE F 126 18.94 -43.26 -46.37
N HIS F 127 18.66 -44.15 -47.34
CA HIS F 127 17.52 -44.25 -48.25
C HIS F 127 17.57 -43.25 -49.41
N LYS F 128 18.49 -42.27 -49.36
CA LYS F 128 18.81 -41.32 -50.44
C LYS F 128 17.57 -40.66 -51.07
N SER F 129 16.62 -40.25 -50.23
CA SER F 129 15.31 -39.86 -50.71
C SER F 129 15.02 -38.36 -50.62
N SER F 130 15.92 -37.56 -50.06
CA SER F 130 15.67 -36.14 -49.88
C SER F 130 17.00 -35.41 -49.79
N SER F 131 16.93 -34.09 -49.86
CA SER F 131 18.11 -33.24 -49.85
C SER F 131 17.91 -32.06 -48.90
N CYS F 132 18.97 -31.74 -48.15
CA CYS F 132 19.00 -30.62 -47.23
C CYS F 132 19.73 -29.45 -47.88
N ASP F 133 19.01 -28.36 -48.09
CA ASP F 133 19.62 -27.12 -48.56
C ASP F 133 20.23 -26.45 -47.34
N ILE F 134 21.52 -26.64 -47.13
CA ILE F 134 22.24 -25.99 -46.04
C ILE F 134 22.89 -24.73 -46.56
N THR F 135 22.90 -23.70 -45.71
CA THR F 135 23.68 -22.50 -45.97
C THR F 135 24.10 -21.86 -44.65
N ILE F 136 25.37 -21.50 -44.58
CA ILE F 136 26.00 -21.06 -43.34
C ILE F 136 26.52 -19.65 -43.53
N ASN F 137 25.96 -18.70 -42.77
CA ASN F 137 26.36 -17.31 -42.79
C ASN F 137 27.36 -17.13 -41.65
N GLY F 138 28.59 -17.50 -41.92
CA GLY F 138 29.68 -17.35 -40.97
C GLY F 138 30.72 -18.42 -41.16
N SER F 139 31.85 -18.23 -40.50
CA SER F 139 32.91 -19.23 -40.44
C SER F 139 33.02 -19.84 -39.05
N CYS F 140 31.97 -19.69 -38.24
CA CYS F 140 31.99 -20.08 -36.85
C CYS F 140 31.44 -21.48 -36.61
N VAL F 141 31.08 -22.21 -37.66
CA VAL F 141 30.51 -23.55 -37.52
C VAL F 141 31.59 -24.56 -37.88
N THR F 142 31.86 -25.48 -36.95
CA THR F 142 32.75 -26.60 -37.21
C THR F 142 32.08 -27.65 -38.07
N CYS F 143 30.92 -28.13 -37.64
CA CYS F 143 30.26 -29.23 -38.33
C CYS F 143 28.76 -29.22 -38.02
N VAL F 144 27.99 -29.81 -38.94
CA VAL F 144 26.54 -29.92 -38.86
C VAL F 144 26.14 -31.39 -38.94
N ASN F 145 25.25 -31.81 -38.04
CA ASN F 145 24.68 -33.15 -38.03
C ASN F 145 23.19 -33.02 -37.77
N LEU F 146 22.36 -33.45 -38.72
CA LEU F 146 20.92 -33.38 -38.53
C LEU F 146 20.34 -34.78 -38.73
N GLU F 147 19.83 -35.37 -37.65
CA GLU F 147 19.21 -36.69 -37.71
C GLU F 147 17.70 -36.47 -37.66
N THR F 148 17.08 -36.49 -38.83
CA THR F 148 15.64 -36.32 -38.94
C THR F 148 14.94 -37.61 -38.56
N ASP F 149 13.91 -37.49 -37.71
CA ASP F 149 13.11 -38.55 -37.10
C ASP F 149 13.98 -39.61 -36.44
N PRO F 150 14.58 -39.32 -35.29
CA PRO F 150 15.46 -40.30 -34.65
C PRO F 150 14.66 -41.39 -33.94
N THR F 151 15.29 -42.55 -33.82
CA THR F 151 14.70 -43.66 -33.11
C THR F 151 14.95 -43.62 -31.61
N LYS F 152 15.85 -42.76 -31.15
CA LYS F 152 16.19 -42.71 -29.73
C LYS F 152 16.26 -41.26 -29.28
N ILE F 153 15.66 -41.00 -28.14
CA ILE F 153 15.71 -39.70 -27.49
C ILE F 153 16.99 -39.66 -26.66
N ASN F 154 17.59 -38.48 -26.56
CA ASN F 154 18.75 -38.31 -25.69
C ASN F 154 18.30 -38.45 -24.24
N PRO F 155 18.95 -39.32 -23.46
CA PRO F 155 18.46 -39.59 -22.09
C PRO F 155 18.62 -38.42 -21.14
N HIS F 156 19.47 -37.44 -21.46
CA HIS F 156 19.66 -36.31 -20.56
C HIS F 156 18.59 -35.23 -20.71
N TYR F 157 17.65 -35.41 -21.63
CA TYR F 157 16.58 -34.45 -21.82
C TYR F 157 15.38 -34.90 -20.99
N LEU F 158 14.97 -34.06 -20.03
CA LEU F 158 13.88 -34.39 -19.13
C LEU F 158 12.60 -33.73 -19.65
N HIS F 159 11.66 -34.56 -20.08
CA HIS F 159 10.42 -34.06 -20.65
C HIS F 159 9.54 -33.49 -19.55
N PRO F 160 8.72 -32.48 -19.86
CA PRO F 160 7.80 -31.93 -18.85
C PRO F 160 6.72 -32.93 -18.48
N LYS F 161 6.21 -32.78 -17.25
CA LYS F 161 5.33 -33.78 -16.67
C LYS F 161 3.95 -33.78 -17.32
N ASN F 162 3.41 -32.60 -17.61
CA ASN F 162 2.10 -32.50 -18.19
C ASN F 162 2.07 -32.71 -19.71
N LYS F 163 3.20 -32.98 -20.32
CA LYS F 163 3.33 -33.10 -21.76
C LYS F 163 3.42 -34.58 -22.14
N TYR F 164 3.34 -34.85 -23.44
CA TYR F 164 3.51 -36.19 -23.97
C TYR F 164 4.49 -36.15 -25.13
N LEU F 165 5.34 -37.17 -25.22
CA LEU F 165 6.40 -37.24 -26.22
C LEU F 165 6.25 -38.52 -27.03
N TYR F 166 6.31 -38.39 -28.35
CA TYR F 166 6.34 -39.53 -29.24
C TYR F 166 7.51 -39.35 -30.20
N HIS F 167 8.17 -40.46 -30.52
CA HIS F 167 9.29 -40.45 -31.43
C HIS F 167 9.17 -41.60 -32.40
N ASN F 168 9.96 -41.54 -33.46
CA ASN F 168 9.94 -42.58 -34.49
C ASN F 168 10.46 -43.90 -33.93
N SER F 169 9.86 -45.00 -34.40
CA SER F 169 10.29 -46.32 -34.00
C SER F 169 10.76 -47.18 -35.18
N GLU F 170 10.63 -46.68 -36.40
CA GLU F 170 11.03 -47.42 -37.59
C GLU F 170 12.31 -46.82 -38.15
N TYR F 171 13.20 -47.70 -38.60
CA TYR F 171 14.43 -47.27 -39.25
C TYR F 171 14.17 -46.67 -40.62
N SER F 172 13.06 -47.02 -41.28
CA SER F 172 12.81 -46.57 -42.63
C SER F 172 12.50 -45.08 -42.72
N MET F 173 12.10 -44.44 -41.62
CA MET F 173 11.84 -43.02 -41.60
C MET F 173 13.00 -42.20 -41.07
N ARG F 174 14.12 -42.82 -40.75
CA ARG F 174 15.29 -42.07 -40.30
C ARG F 174 15.96 -41.40 -41.48
N GLY F 175 16.51 -40.21 -41.23
CA GLY F 175 17.32 -39.54 -42.22
C GLY F 175 18.53 -38.91 -41.55
N SER F 176 19.68 -38.92 -42.22
CA SER F 176 20.89 -38.34 -41.65
C SER F 176 21.53 -37.40 -42.66
N TYR F 177 21.84 -36.18 -42.21
CA TYR F 177 22.60 -35.24 -43.01
C TYR F 177 23.80 -34.79 -42.20
N GLY F 178 24.95 -34.68 -42.84
CA GLY F 178 26.15 -34.31 -42.13
C GLY F 178 27.11 -33.58 -43.03
N VAL F 179 27.81 -32.60 -42.44
CA VAL F 179 28.90 -31.93 -43.12
C VAL F 179 29.93 -31.53 -42.08
N THR F 180 31.19 -31.71 -42.43
CA THR F 180 32.29 -31.26 -41.59
C THR F 180 33.16 -30.33 -42.42
N PHE F 181 33.77 -29.35 -41.75
CA PHE F 181 34.65 -28.41 -42.41
C PHE F 181 36.08 -28.51 -41.91
N ILE F 182 36.37 -29.49 -41.05
CA ILE F 182 37.69 -29.68 -40.48
C ILE F 182 38.08 -31.14 -40.71
N ASP F 183 39.38 -31.41 -40.59
CA ASP F 183 39.95 -32.70 -40.97
C ASP F 183 39.83 -33.72 -39.83
N GLU F 184 38.60 -34.01 -39.43
CA GLU F 184 38.33 -35.05 -38.44
C GLU F 184 37.12 -35.86 -38.89
N LEU F 185 37.23 -37.18 -38.77
CA LEU F 185 36.09 -38.05 -39.03
C LEU F 185 35.03 -37.85 -37.97
N ASN F 186 33.77 -37.72 -38.43
CA ASN F 186 32.60 -37.47 -37.57
C ASN F 186 32.86 -36.20 -36.75
N GLN F 187 32.87 -36.30 -35.42
CA GLN F 187 33.06 -35.32 -34.33
C GLN F 187 31.88 -34.35 -34.31
N CYS F 188 30.83 -34.60 -35.09
CA CYS F 188 29.59 -33.89 -34.87
C CYS F 188 28.84 -34.46 -33.67
N LEU F 189 29.04 -35.75 -33.39
CA LEU F 189 28.40 -36.43 -32.28
C LEU F 189 28.98 -35.97 -30.95
N LEU F 190 28.13 -35.96 -29.92
CA LEU F 190 28.52 -35.40 -28.63
C LEU F 190 29.11 -36.46 -27.72
N ASP F 191 29.51 -36.04 -26.53
CA ASP F 191 30.07 -36.92 -25.52
C ASP F 191 28.99 -37.53 -24.63
N ILE F 192 27.85 -36.84 -24.51
CA ILE F 192 26.65 -37.14 -23.71
C ILE F 192 26.93 -37.68 -22.30
N LYS F 193 28.06 -37.27 -21.72
CA LYS F 193 28.41 -37.64 -20.36
C LYS F 193 27.85 -36.62 -19.37
N GLU F 194 27.99 -35.34 -19.66
CA GLU F 194 27.45 -34.27 -18.83
C GLU F 194 26.80 -33.27 -19.77
N LEU F 195 25.49 -33.42 -19.97
CA LEU F 195 24.71 -32.58 -20.88
C LEU F 195 23.40 -32.22 -20.20
N SER F 196 22.99 -30.97 -20.34
CA SER F 196 21.72 -30.50 -19.83
C SER F 196 21.03 -29.67 -20.89
N TYR F 197 19.70 -29.75 -20.90
CA TYR F 197 18.90 -29.14 -21.94
C TYR F 197 18.00 -28.07 -21.36
N ASP F 198 17.74 -27.03 -22.15
CA ASP F 198 16.88 -25.93 -21.76
C ASP F 198 15.84 -25.75 -22.86
N ILE F 199 14.58 -25.62 -22.47
CA ILE F 199 13.50 -25.43 -23.41
C ILE F 199 13.45 -23.95 -23.80
N CYS F 200 13.35 -23.68 -25.11
CA CYS F 200 13.35 -22.32 -25.63
C CYS F 200 12.09 -21.57 -25.19
N TYR F 201 12.17 -20.24 -25.25
CA TYR F 201 11.25 -19.40 -24.50
C TYR F 201 9.88 -19.27 -25.16
N ARG F 202 9.82 -18.66 -26.35
CA ARG F 202 8.54 -18.30 -26.92
C ARG F 202 7.84 -19.52 -27.54
N GLU F 203 6.60 -19.30 -27.95
CA GLU F 203 5.71 -20.30 -28.58
C GLU F 203 5.54 -21.59 -27.78
N TYR G 3 -53.11 -26.46 -18.77
CA TYR G 3 -51.83 -26.38 -18.09
C TYR G 3 -50.73 -27.11 -18.86
N LYS G 4 -49.63 -26.40 -19.14
CA LYS G 4 -48.46 -26.97 -19.80
C LYS G 4 -47.23 -26.70 -18.95
N ASN G 5 -46.46 -27.77 -18.67
CA ASN G 5 -45.18 -27.61 -17.99
C ASN G 5 -44.18 -26.96 -18.94
N THR G 6 -43.48 -25.94 -18.45
CA THR G 6 -42.50 -25.22 -19.25
C THR G 6 -41.12 -25.34 -18.60
N ILE G 7 -40.11 -25.04 -19.40
CA ILE G 7 -38.73 -25.01 -18.89
C ILE G 7 -38.56 -23.78 -18.00
N CYS G 8 -37.86 -23.98 -16.88
CA CYS G 8 -37.60 -22.91 -15.93
C CYS G 8 -36.73 -21.83 -16.56
N PRO G 9 -36.87 -20.58 -16.11
CA PRO G 9 -36.08 -19.50 -16.70
C PRO G 9 -34.61 -19.67 -16.38
N PRO G 10 -33.72 -19.19 -17.27
CA PRO G 10 -32.29 -19.36 -17.03
C PRO G 10 -31.79 -18.55 -15.85
N ARG G 11 -30.88 -19.17 -15.09
CA ARG G 11 -30.26 -18.53 -13.95
C ARG G 11 -28.76 -18.71 -14.03
N GLN G 12 -28.03 -18.01 -13.16
CA GLN G 12 -26.57 -18.07 -13.18
C GLN G 12 -26.07 -19.43 -12.71
N ASP G 13 -26.61 -19.93 -11.60
CA ASP G 13 -26.16 -21.20 -11.03
C ASP G 13 -27.40 -22.06 -10.86
N TYR G 14 -27.28 -23.33 -11.24
CA TYR G 14 -28.40 -24.27 -11.22
C TYR G 14 -28.17 -25.24 -10.08
N ARG G 15 -29.11 -25.29 -9.13
CA ARG G 15 -28.93 -26.14 -7.96
C ARG G 15 -29.54 -27.52 -8.10
N TYR G 16 -30.34 -27.75 -9.14
CA TYR G 16 -31.00 -29.04 -9.37
C TYR G 16 -30.56 -29.60 -10.71
N TRP G 17 -29.97 -30.80 -10.69
CA TRP G 17 -29.29 -31.38 -11.82
C TRP G 17 -29.96 -32.71 -12.12
N TYR G 18 -30.14 -33.02 -13.40
CA TYR G 18 -30.72 -34.28 -13.85
C TYR G 18 -29.70 -35.00 -14.71
N PHE G 19 -29.35 -36.21 -14.32
CA PHE G 19 -28.37 -37.03 -15.01
C PHE G 19 -28.96 -37.55 -16.32
N VAL G 20 -28.52 -36.99 -17.45
CA VAL G 20 -29.20 -37.24 -18.71
C VAL G 20 -28.44 -38.20 -19.62
N ALA G 21 -27.11 -38.27 -19.51
CA ALA G 21 -26.34 -38.96 -20.53
C ALA G 21 -25.01 -39.41 -19.95
N GLU G 22 -24.40 -40.38 -20.60
CA GLU G 22 -23.20 -41.04 -20.10
C GLU G 22 -22.35 -41.38 -21.32
N LEU G 23 -21.47 -40.45 -21.69
CA LEU G 23 -20.71 -40.52 -22.93
C LEU G 23 -19.29 -41.00 -22.61
N THR G 24 -18.89 -42.12 -23.23
CA THR G 24 -17.59 -42.75 -22.94
C THR G 24 -16.77 -42.85 -24.21
N ILE G 25 -16.61 -41.72 -24.90
CA ILE G 25 -15.86 -41.67 -26.16
C ILE G 25 -14.41 -42.07 -25.94
N GLY G 26 -13.97 -43.09 -26.65
CA GLY G 26 -12.61 -43.56 -26.55
C GLY G 26 -11.71 -42.92 -27.59
N VAL G 27 -10.43 -42.83 -27.26
CA VAL G 27 -9.43 -42.19 -28.11
C VAL G 27 -8.21 -43.09 -28.20
N ASN G 28 -7.57 -43.11 -29.37
CA ASN G 28 -6.38 -43.93 -29.54
C ASN G 28 -5.09 -43.23 -29.08
N TYR G 29 -5.16 -41.96 -28.69
CA TYR G 29 -4.00 -41.31 -28.12
C TYR G 29 -4.08 -41.31 -26.59
N ASP G 30 -2.94 -41.04 -25.96
CA ASP G 30 -2.80 -41.22 -24.52
C ASP G 30 -3.26 -39.98 -23.78
N ILE G 31 -4.20 -40.15 -22.86
CA ILE G 31 -4.44 -39.21 -21.77
C ILE G 31 -4.21 -39.97 -20.47
N ASN G 32 -3.32 -39.46 -19.63
CA ASN G 32 -2.91 -40.23 -18.47
C ASN G 32 -3.91 -40.12 -17.33
N SER G 33 -4.40 -38.91 -17.05
CA SER G 33 -5.21 -38.71 -15.86
C SER G 33 -6.12 -37.51 -16.08
N THR G 34 -7.10 -37.38 -15.19
CA THR G 34 -8.03 -36.27 -15.22
C THR G 34 -7.33 -35.01 -14.72
N ILE G 35 -7.31 -33.97 -15.54
CA ILE G 35 -6.69 -32.70 -15.21
C ILE G 35 -7.77 -31.77 -14.68
N ILE G 36 -7.53 -31.21 -13.49
CA ILE G 36 -8.52 -30.35 -12.86
C ILE G 36 -8.57 -29.02 -13.60
N GLY G 37 -9.77 -28.58 -13.97
CA GLY G 37 -9.93 -27.33 -14.66
C GLY G 37 -9.65 -27.39 -16.15
N GLU G 38 -9.75 -28.56 -16.76
CA GLU G 38 -9.46 -28.72 -18.17
C GLU G 38 -10.69 -28.49 -19.04
N CYS G 39 -11.81 -29.11 -18.68
CA CYS G 39 -13.02 -29.06 -19.51
C CYS G 39 -13.65 -27.68 -19.50
N HIS G 40 -14.13 -27.26 -20.67
CA HIS G 40 -14.86 -26.00 -20.80
C HIS G 40 -16.15 -26.27 -21.55
N MET G 41 -17.27 -25.90 -20.95
CA MET G 41 -18.59 -26.21 -21.47
C MET G 41 -19.33 -24.93 -21.84
N SER G 42 -19.97 -24.95 -23.01
CA SER G 42 -20.83 -23.85 -23.43
C SER G 42 -22.20 -24.40 -23.75
N GLU G 43 -23.22 -23.86 -23.11
CA GLU G 43 -24.59 -24.32 -23.23
C GLU G 43 -25.39 -23.39 -24.14
N SER G 44 -26.47 -23.93 -24.69
CA SER G 44 -27.38 -23.15 -25.51
C SER G 44 -28.76 -23.79 -25.50
N TYR G 45 -29.79 -22.95 -25.56
CA TYR G 45 -31.18 -23.39 -25.74
C TYR G 45 -31.82 -22.38 -26.68
N ILE G 46 -31.78 -22.68 -27.97
CA ILE G 46 -32.42 -21.86 -29.00
C ILE G 46 -33.39 -22.73 -29.76
N ASP G 47 -34.67 -22.32 -29.78
CA ASP G 47 -35.76 -22.94 -30.53
C ASP G 47 -35.93 -24.40 -30.10
N ARG G 48 -36.11 -24.57 -28.79
CA ARG G 48 -36.46 -25.85 -28.15
C ARG G 48 -35.43 -26.95 -28.40
N ASN G 49 -34.17 -26.59 -28.62
CA ASN G 49 -33.11 -27.55 -28.88
C ASN G 49 -31.96 -27.29 -27.93
N ALA G 50 -31.68 -28.23 -27.05
CA ALA G 50 -30.57 -28.08 -26.12
C ALA G 50 -29.26 -28.33 -26.87
N ASN G 51 -28.20 -27.65 -26.43
CA ASN G 51 -26.91 -27.81 -27.08
C ASN G 51 -25.80 -27.62 -26.05
N ILE G 52 -24.76 -28.44 -26.15
CA ILE G 52 -23.61 -28.35 -25.27
C ILE G 52 -22.35 -28.56 -26.11
N VAL G 53 -21.36 -27.68 -25.91
CA VAL G 53 -20.06 -27.81 -26.57
C VAL G 53 -19.03 -28.00 -25.47
N LEU G 54 -18.33 -29.12 -25.54
CA LEU G 54 -17.36 -29.55 -24.53
C LEU G 54 -15.98 -29.54 -25.16
N THR G 55 -15.14 -28.60 -24.74
CA THR G 55 -13.75 -28.56 -25.17
C THR G 55 -12.88 -29.10 -24.04
N GLY G 56 -12.18 -30.21 -24.31
CA GLY G 56 -11.31 -30.76 -23.30
C GLY G 56 -10.71 -32.08 -23.71
N TYR G 57 -9.50 -32.37 -23.20
CA TYR G 57 -8.80 -33.65 -23.40
C TYR G 57 -8.61 -33.98 -24.87
N GLY G 58 -8.40 -32.95 -25.68
CA GLY G 58 -8.19 -33.11 -27.10
C GLY G 58 -9.43 -33.23 -27.94
N LEU G 59 -10.62 -33.05 -27.37
CA LEU G 59 -11.85 -33.24 -28.14
C LEU G 59 -12.83 -32.10 -27.92
N LYS G 60 -13.62 -31.84 -28.97
CA LYS G 60 -14.77 -30.95 -28.91
C LYS G 60 -16.02 -31.78 -29.15
N ILE G 61 -16.96 -31.71 -28.23
CA ILE G 61 -18.20 -32.48 -28.27
C ILE G 61 -19.34 -31.48 -28.42
N ASN G 62 -19.90 -31.38 -29.63
CA ASN G 62 -21.05 -30.53 -29.89
C ASN G 62 -22.26 -31.46 -29.95
N MET G 63 -22.88 -31.66 -28.79
CA MET G 63 -24.01 -32.56 -28.67
C MET G 63 -25.28 -31.76 -28.43
N THR G 64 -26.30 -32.03 -29.24
CA THR G 64 -27.55 -31.29 -29.20
C THR G 64 -28.69 -32.28 -29.12
N ILE G 65 -29.76 -31.87 -28.44
CA ILE G 65 -30.97 -32.66 -28.32
C ILE G 65 -32.10 -31.86 -28.95
N MET G 66 -32.87 -32.50 -29.82
CA MET G 66 -33.97 -31.86 -30.52
C MET G 66 -35.26 -32.01 -29.74
N ASP G 67 -36.08 -30.95 -29.77
CA ASP G 67 -37.48 -30.94 -29.34
C ASP G 67 -37.61 -31.29 -27.85
N THR G 68 -36.92 -30.52 -27.03
CA THR G 68 -36.86 -30.78 -25.59
C THR G 68 -37.31 -29.56 -24.80
N ASP G 69 -37.64 -29.82 -23.54
CA ASP G 69 -37.82 -28.78 -22.54
C ASP G 69 -36.72 -28.84 -21.48
N GLN G 70 -35.55 -29.30 -21.87
CA GLN G 70 -34.38 -29.40 -21.01
C GLN G 70 -33.25 -28.57 -21.61
N ARG G 71 -32.44 -27.96 -20.75
CA ARG G 71 -31.22 -27.32 -21.19
C ARG G 71 -30.07 -27.87 -20.38
N PHE G 72 -28.93 -28.08 -21.05
CA PHE G 72 -27.75 -28.61 -20.38
C PHE G 72 -27.23 -27.61 -19.38
N VAL G 73 -27.11 -28.03 -18.12
CA VAL G 73 -26.69 -27.13 -17.08
C VAL G 73 -25.35 -27.51 -16.49
N ALA G 74 -24.88 -28.75 -16.71
CA ALA G 74 -23.62 -29.16 -16.13
C ALA G 74 -23.02 -30.31 -16.92
N ALA G 75 -21.72 -30.49 -16.74
CA ALA G 75 -21.01 -31.60 -17.34
C ALA G 75 -19.77 -31.90 -16.52
N ALA G 76 -19.46 -33.18 -16.37
CA ALA G 76 -18.29 -33.63 -15.63
C ALA G 76 -17.51 -34.59 -16.51
N GLU G 77 -16.21 -34.35 -16.64
CA GLU G 77 -15.39 -35.12 -17.56
C GLU G 77 -14.28 -35.83 -16.78
N GLY G 78 -13.98 -37.05 -17.17
CA GLY G 78 -12.96 -37.83 -16.50
C GLY G 78 -12.28 -38.75 -17.49
N VAL G 79 -11.07 -39.18 -17.13
CA VAL G 79 -10.27 -40.04 -17.97
C VAL G 79 -10.04 -41.35 -17.23
N GLY G 80 -10.51 -42.45 -17.82
CA GLY G 80 -10.30 -43.76 -17.26
C GLY G 80 -9.09 -44.43 -17.87
N LYS G 81 -8.95 -45.72 -17.58
CA LYS G 81 -7.85 -46.48 -18.13
C LYS G 81 -8.10 -46.81 -19.60
N ASP G 82 -7.01 -47.20 -20.27
CA ASP G 82 -6.98 -47.55 -21.70
C ASP G 82 -7.46 -46.39 -22.59
N ASN G 83 -7.17 -45.16 -22.15
CA ASN G 83 -7.45 -43.91 -22.87
C ASN G 83 -8.94 -43.75 -23.18
N LYS G 84 -9.73 -43.70 -22.11
CA LYS G 84 -11.18 -43.61 -22.19
C LYS G 84 -11.61 -42.28 -21.62
N LEU G 85 -12.53 -41.60 -22.30
CA LEU G 85 -12.97 -40.27 -21.87
C LEU G 85 -14.44 -40.34 -21.51
N SER G 86 -14.72 -40.39 -20.21
CA SER G 86 -16.09 -40.44 -19.72
C SER G 86 -16.63 -39.04 -19.56
N VAL G 87 -17.85 -38.82 -20.06
CA VAL G 87 -18.52 -37.53 -19.99
C VAL G 87 -19.88 -37.75 -19.34
N LEU G 88 -20.17 -36.99 -18.29
CA LEU G 88 -21.44 -37.04 -17.59
C LEU G 88 -22.15 -35.73 -17.85
N LEU G 89 -23.42 -35.79 -18.24
CA LEU G 89 -24.16 -34.60 -18.61
C LEU G 89 -25.40 -34.44 -17.73
N PHE G 90 -25.69 -33.19 -17.39
CA PHE G 90 -26.79 -32.88 -16.50
C PHE G 90 -27.60 -31.73 -17.07
N THR G 91 -28.92 -31.93 -17.17
CA THR G 91 -29.90 -30.91 -17.53
C THR G 91 -30.74 -30.52 -16.33
N THR G 92 -31.80 -29.75 -16.59
CA THR G 92 -32.64 -29.27 -15.50
C THR G 92 -33.55 -30.37 -14.95
N GLN G 93 -34.47 -30.86 -15.77
CA GLN G 93 -35.49 -31.79 -15.31
C GLN G 93 -36.15 -32.45 -16.51
N ARG G 94 -36.73 -33.61 -16.27
CA ARG G 94 -37.44 -34.39 -17.27
C ARG G 94 -38.92 -34.06 -17.17
N LEU G 95 -39.41 -33.20 -18.05
CA LEU G 95 -40.83 -32.85 -18.06
C LEU G 95 -41.63 -33.64 -19.09
N ASP G 96 -41.00 -34.57 -19.79
CA ASP G 96 -41.72 -35.43 -20.72
C ASP G 96 -41.20 -36.86 -20.62
N LYS G 97 -42.07 -37.80 -20.96
CA LYS G 97 -41.75 -39.22 -20.91
C LYS G 97 -41.62 -39.80 -22.30
N VAL G 98 -40.94 -39.08 -23.19
CA VAL G 98 -40.72 -39.53 -24.55
C VAL G 98 -39.22 -39.49 -24.82
N HIS G 99 -38.78 -40.31 -25.76
CA HIS G 99 -37.39 -40.33 -26.17
C HIS G 99 -37.13 -39.18 -27.14
N HIS G 100 -35.94 -38.59 -27.03
CA HIS G 100 -35.57 -37.43 -27.81
C HIS G 100 -34.48 -37.78 -28.81
N ASN G 101 -34.53 -37.14 -29.97
CA ASN G 101 -33.50 -37.34 -30.98
C ASN G 101 -32.23 -36.61 -30.57
N ILE G 102 -31.09 -37.23 -30.84
CA ILE G 102 -29.79 -36.81 -30.32
C ILE G 102 -28.87 -36.61 -31.53
N SER G 103 -28.09 -35.54 -31.54
CA SER G 103 -27.10 -35.35 -32.59
C SER G 103 -25.78 -34.94 -31.96
N VAL G 104 -24.73 -35.74 -32.13
CA VAL G 104 -23.45 -35.48 -31.50
C VAL G 104 -22.36 -35.37 -32.57
N THR G 105 -21.58 -34.30 -32.48
CA THR G 105 -20.45 -34.03 -33.34
C THR G 105 -19.21 -34.14 -32.46
N ILE G 106 -18.30 -35.05 -32.81
CA ILE G 106 -17.07 -35.23 -32.04
C ILE G 106 -15.91 -34.86 -32.94
N THR G 107 -15.21 -33.77 -32.62
CA THR G 107 -14.09 -33.33 -33.43
C THR G 107 -12.80 -33.44 -32.64
N CYS G 108 -11.72 -33.79 -33.32
CA CYS G 108 -10.42 -33.87 -32.71
C CYS G 108 -9.70 -32.54 -32.88
N MET G 109 -9.35 -31.90 -31.77
CA MET G 109 -8.54 -30.69 -31.78
C MET G 109 -7.06 -30.96 -31.54
N GLU G 110 -6.69 -32.20 -31.21
CA GLU G 110 -5.30 -32.61 -31.08
C GLU G 110 -5.17 -33.99 -31.70
N MET G 111 -3.93 -34.44 -31.86
CA MET G 111 -3.58 -35.72 -32.50
C MET G 111 -4.18 -35.88 -33.90
N ASN G 112 -5.01 -36.89 -34.12
CA ASN G 112 -5.53 -37.16 -35.46
C ASN G 112 -6.68 -36.22 -35.77
N CYS G 113 -6.33 -34.98 -36.10
CA CYS G 113 -7.30 -34.05 -36.66
C CYS G 113 -7.54 -34.37 -38.13
N GLY G 114 -8.71 -33.95 -38.62
CA GLY G 114 -9.02 -34.19 -40.02
C GLY G 114 -10.48 -33.89 -40.31
N THR G 115 -10.88 -34.23 -41.53
CA THR G 115 -12.25 -34.07 -41.98
C THR G 115 -13.14 -35.18 -41.44
N THR G 116 -14.40 -35.15 -41.85
CA THR G 116 -15.41 -36.06 -41.33
C THR G 116 -15.15 -37.49 -41.81
N LYS G 117 -14.90 -38.38 -40.86
CA LYS G 117 -14.72 -39.79 -41.16
C LYS G 117 -16.02 -40.56 -41.06
N TYR G 118 -16.99 -40.07 -40.29
CA TYR G 118 -18.17 -40.85 -39.97
C TYR G 118 -19.35 -39.92 -39.82
N ASN G 119 -20.49 -40.32 -40.39
CA ASN G 119 -21.74 -39.55 -40.27
C ASN G 119 -22.88 -40.55 -40.48
N SER G 120 -23.56 -40.90 -39.40
CA SER G 120 -24.56 -41.95 -39.49
C SER G 120 -25.64 -41.76 -38.43
N ASP G 121 -26.67 -42.59 -38.51
CA ASP G 121 -27.74 -42.64 -37.53
C ASP G 121 -27.58 -43.90 -36.70
N LEU G 122 -27.33 -43.73 -35.41
CA LEU G 122 -27.19 -44.82 -34.47
C LEU G 122 -28.53 -45.05 -33.80
N PRO G 123 -29.14 -46.23 -33.89
CA PRO G 123 -30.44 -46.44 -33.27
C PRO G 123 -30.34 -46.60 -31.77
N GLU G 124 -31.49 -46.46 -31.10
CA GLU G 124 -31.69 -47.03 -29.78
C GLU G 124 -31.38 -48.51 -29.80
N SER G 125 -30.55 -48.95 -28.85
CA SER G 125 -30.37 -50.38 -28.65
C SER G 125 -31.60 -50.98 -28.00
N ILE G 126 -32.24 -50.22 -27.12
CA ILE G 126 -33.47 -50.61 -26.43
C ILE G 126 -34.59 -49.66 -26.83
N HIS G 127 -35.74 -50.23 -27.16
CA HIS G 127 -37.05 -49.65 -27.50
C HIS G 127 -37.13 -49.07 -28.91
N LYS G 128 -35.98 -48.94 -29.60
CA LYS G 128 -35.86 -48.56 -31.03
C LYS G 128 -36.69 -47.32 -31.40
N SER G 129 -36.66 -46.31 -30.54
CA SER G 129 -37.58 -45.19 -30.65
C SER G 129 -36.96 -43.88 -31.12
N SER G 130 -35.65 -43.83 -31.31
CA SER G 130 -34.99 -42.57 -31.67
C SER G 130 -33.68 -42.90 -32.37
N SER G 131 -33.07 -41.87 -32.97
CA SER G 131 -31.85 -42.02 -33.74
C SER G 131 -30.86 -40.92 -33.37
N CYS G 132 -29.60 -41.30 -33.25
CA CYS G 132 -28.50 -40.39 -32.97
C CYS G 132 -27.75 -40.06 -34.26
N ASP G 133 -27.78 -38.80 -34.66
CA ASP G 133 -26.99 -38.34 -35.79
C ASP G 133 -25.58 -38.10 -35.27
N ILE G 134 -24.71 -39.08 -35.46
CA ILE G 134 -23.32 -38.96 -35.07
C ILE G 134 -22.51 -38.51 -36.27
N THR G 135 -21.52 -37.65 -36.01
CA THR G 135 -20.52 -37.31 -37.01
C THR G 135 -19.20 -36.97 -36.32
N ILE G 136 -18.13 -37.53 -36.85
CA ILE G 136 -16.82 -37.48 -36.22
C ILE G 136 -15.84 -36.79 -37.17
N ASN G 137 -15.33 -35.64 -36.74
CA ASN G 137 -14.35 -34.87 -37.48
C ASN G 137 -12.97 -35.27 -36.96
N GLY G 138 -12.50 -36.39 -37.45
CA GLY G 138 -11.18 -36.89 -37.10
C GLY G 138 -11.14 -38.40 -37.15
N SER G 139 -9.92 -38.93 -37.07
CA SER G 139 -9.70 -40.37 -36.96
C SER G 139 -9.20 -40.74 -35.58
N CYS G 140 -9.38 -39.85 -34.61
CA CYS G 140 -8.82 -40.01 -33.28
C CYS G 140 -9.78 -40.66 -32.30
N VAL G 141 -10.96 -41.08 -32.74
CA VAL G 141 -11.95 -41.68 -31.86
C VAL G 141 -11.94 -43.18 -32.09
N THR G 142 -11.75 -43.94 -31.02
CA THR G 142 -11.85 -45.39 -31.06
C THR G 142 -13.31 -45.82 -31.11
N CYS G 143 -14.10 -45.37 -30.14
CA CYS G 143 -15.47 -45.83 -30.01
C CYS G 143 -16.31 -44.79 -29.25
N VAL G 144 -17.62 -44.84 -29.50
CA VAL G 144 -18.60 -43.95 -28.88
C VAL G 144 -19.66 -44.78 -28.18
N ASN G 145 -20.00 -44.41 -26.95
CA ASN G 145 -21.06 -45.03 -26.16
C ASN G 145 -21.84 -43.92 -25.49
N LEU G 146 -23.12 -43.79 -25.81
CA LEU G 146 -23.95 -42.77 -25.18
C LEU G 146 -25.15 -43.45 -24.56
N GLU G 147 -25.22 -43.44 -23.23
CA GLU G 147 -26.34 -44.01 -22.49
C GLU G 147 -27.23 -42.86 -22.03
N THR G 148 -28.27 -42.58 -22.78
CA THR G 148 -29.21 -41.52 -22.45
C THR G 148 -30.14 -41.98 -21.34
N ASP G 149 -30.29 -41.11 -20.33
CA ASP G 149 -31.06 -41.32 -19.09
C ASP G 149 -30.66 -42.60 -18.38
N PRO G 150 -29.48 -42.66 -17.76
CA PRO G 150 -29.06 -43.90 -17.10
C PRO G 150 -29.77 -44.10 -15.77
N THR G 151 -29.88 -45.37 -15.39
CA THR G 151 -30.47 -45.73 -14.12
C THR G 151 -29.47 -45.71 -12.97
N LYS G 152 -28.19 -45.61 -13.26
CA LYS G 152 -27.16 -45.65 -12.22
C LYS G 152 -26.13 -44.57 -12.47
N ILE G 153 -25.78 -43.85 -11.43
CA ILE G 153 -24.73 -42.85 -11.47
C ILE G 153 -23.41 -43.58 -11.23
N ASN G 154 -22.35 -43.08 -11.85
CA ASN G 154 -21.02 -43.62 -11.60
C ASN G 154 -20.61 -43.29 -10.18
N PRO G 155 -20.20 -44.28 -9.37
CA PRO G 155 -19.92 -44.00 -7.95
C PRO G 155 -18.70 -43.14 -7.70
N HIS G 156 -17.81 -43.00 -8.68
CA HIS G 156 -16.61 -42.19 -8.49
C HIS G 156 -16.85 -40.71 -8.70
N TYR G 157 -18.07 -40.32 -9.06
CA TYR G 157 -18.39 -38.91 -9.25
C TYR G 157 -18.98 -38.36 -7.96
N LEU G 158 -18.30 -37.38 -7.38
CA LEU G 158 -18.72 -36.79 -6.11
C LEU G 158 -19.51 -35.53 -6.38
N HIS G 159 -20.80 -35.56 -6.07
CA HIS G 159 -21.68 -34.43 -6.33
C HIS G 159 -21.37 -33.30 -5.35
N PRO G 160 -21.56 -32.05 -5.76
CA PRO G 160 -21.35 -30.93 -4.83
C PRO G 160 -22.39 -30.91 -3.72
N LYS G 161 -21.99 -30.34 -2.59
CA LYS G 161 -22.79 -30.45 -1.36
C LYS G 161 -24.05 -29.60 -1.43
N ASN G 162 -23.95 -28.40 -1.99
CA ASN G 162 -25.11 -27.51 -2.06
C ASN G 162 -26.05 -27.81 -3.22
N LYS G 163 -25.75 -28.83 -4.02
CA LYS G 163 -26.51 -29.16 -5.21
C LYS G 163 -27.42 -30.36 -4.93
N TYR G 164 -28.30 -30.65 -5.88
CA TYR G 164 -29.17 -31.82 -5.80
C TYR G 164 -29.11 -32.55 -7.12
N LEU G 165 -29.12 -33.88 -7.06
CA LEU G 165 -28.99 -34.73 -8.23
C LEU G 165 -30.19 -35.68 -8.31
N TYR G 166 -30.78 -35.76 -9.49
CA TYR G 166 -31.83 -36.73 -9.76
C TYR G 166 -31.48 -37.47 -11.04
N HIS G 167 -31.78 -38.77 -11.06
CA HIS G 167 -31.52 -39.59 -12.22
C HIS G 167 -32.72 -40.47 -12.48
N ASN G 168 -32.74 -41.07 -13.67
CA ASN G 168 -33.83 -41.93 -14.09
C ASN G 168 -33.87 -43.20 -13.24
N SER G 169 -35.07 -43.67 -12.94
CA SER G 169 -35.26 -44.91 -12.20
C SER G 169 -36.02 -45.96 -12.98
N GLU G 170 -36.51 -45.65 -14.17
CA GLU G 170 -37.26 -46.58 -14.99
C GLU G 170 -36.41 -47.04 -16.15
N TYR G 171 -36.51 -48.34 -16.46
CA TYR G 171 -35.82 -48.90 -17.61
C TYR G 171 -36.41 -48.42 -18.92
N SER G 172 -37.69 -48.02 -18.94
CA SER G 172 -38.37 -47.67 -20.18
C SER G 172 -37.84 -46.37 -20.78
N MET G 173 -37.19 -45.51 -19.99
CA MET G 173 -36.62 -44.28 -20.50
C MET G 173 -35.14 -44.37 -20.80
N ARG G 174 -34.54 -45.55 -20.66
CA ARG G 174 -33.14 -45.71 -21.00
C ARG G 174 -32.97 -45.78 -22.52
N GLY G 175 -31.87 -45.23 -23.01
CA GLY G 175 -31.50 -45.38 -24.40
C GLY G 175 -30.02 -45.63 -24.52
N SER G 176 -29.61 -46.47 -25.47
CA SER G 176 -28.20 -46.77 -25.66
C SER G 176 -27.83 -46.61 -27.13
N TYR G 177 -26.76 -45.86 -27.39
CA TYR G 177 -26.20 -45.75 -28.72
C TYR G 177 -24.74 -46.12 -28.64
N GLY G 178 -24.25 -46.86 -29.63
CA GLY G 178 -22.88 -47.30 -29.60
C GLY G 178 -22.34 -47.49 -31.00
N VAL G 179 -21.06 -47.16 -31.16
CA VAL G 179 -20.36 -47.45 -32.40
C VAL G 179 -18.90 -47.72 -32.06
N THR G 180 -18.33 -48.73 -32.70
CA THR G 180 -16.93 -49.03 -32.59
C THR G 180 -16.31 -49.00 -33.98
N PHE G 181 -15.04 -48.61 -34.03
CA PHE G 181 -14.33 -48.55 -35.30
C PHE G 181 -13.15 -49.52 -35.32
N ILE G 182 -13.00 -50.34 -34.29
CA ILE G 182 -11.92 -51.30 -34.18
C ILE G 182 -12.52 -52.66 -33.89
N ASP G 183 -11.73 -53.71 -34.12
CA ASP G 183 -12.22 -55.09 -34.08
C ASP G 183 -12.21 -55.65 -32.66
N GLU G 184 -12.96 -55.01 -31.78
CA GLU G 184 -13.14 -55.49 -30.42
C GLU G 184 -14.61 -55.34 -30.03
N LEU G 185 -15.16 -56.39 -29.39
CA LEU G 185 -16.50 -56.32 -28.85
C LEU G 185 -16.54 -55.35 -27.68
N ASN G 186 -17.55 -54.47 -27.69
CA ASN G 186 -17.75 -53.42 -26.67
C ASN G 186 -16.48 -52.57 -26.62
N GLN G 187 -15.81 -52.49 -25.47
CA GLN G 187 -14.59 -51.79 -25.04
C GLN G 187 -14.86 -50.28 -25.03
N CYS G 188 -16.10 -49.85 -25.21
CA CYS G 188 -16.46 -48.48 -24.90
C CYS G 188 -16.60 -48.29 -23.40
N LEU G 189 -16.98 -49.34 -22.69
CA LEU G 189 -17.16 -49.31 -21.25
C LEU G 189 -15.82 -49.21 -20.53
N LEU G 190 -15.83 -48.53 -19.38
CA LEU G 190 -14.59 -48.23 -18.68
C LEU G 190 -14.24 -49.32 -17.67
N ASP G 191 -13.11 -49.12 -16.98
CA ASP G 191 -12.66 -50.06 -15.96
C ASP G 191 -13.21 -49.70 -14.59
N ILE G 192 -13.55 -48.42 -14.39
CA ILE G 192 -14.08 -47.76 -13.18
C ILE G 192 -13.40 -48.20 -11.87
N LYS G 193 -12.13 -48.58 -11.95
CA LYS G 193 -11.36 -48.93 -10.77
C LYS G 193 -10.67 -47.71 -10.17
N GLU G 194 -10.08 -46.87 -11.03
CA GLU G 194 -9.44 -45.63 -10.59
C GLU G 194 -9.86 -44.55 -11.59
N LEU G 195 -10.92 -43.83 -11.24
CA LEU G 195 -11.49 -42.79 -12.08
C LEU G 195 -11.82 -41.58 -11.22
N SER G 196 -11.52 -40.40 -11.74
CA SER G 196 -11.86 -39.16 -11.06
C SER G 196 -12.47 -38.19 -12.06
N TYR G 197 -13.40 -37.38 -11.58
CA TYR G 197 -14.19 -36.51 -12.44
C TYR G 197 -13.91 -35.06 -12.10
N ASP G 198 -13.98 -34.20 -13.12
CA ASP G 198 -13.78 -32.77 -12.95
C ASP G 198 -14.96 -32.07 -13.59
N ILE G 199 -15.53 -31.10 -12.88
CA ILE G 199 -16.67 -30.34 -13.39
C ILE G 199 -16.15 -29.26 -14.33
N CYS G 200 -16.77 -29.14 -15.50
CA CYS G 200 -16.36 -28.17 -16.50
C CYS G 200 -16.58 -26.73 -16.04
N TYR G 201 -15.88 -25.80 -16.68
CA TYR G 201 -15.65 -24.48 -16.09
C TYR G 201 -16.86 -23.56 -16.23
N ARG G 202 -17.22 -23.20 -17.46
CA ARG G 202 -18.20 -22.14 -17.65
C ARG G 202 -19.62 -22.65 -17.41
N GLU G 203 -20.57 -21.71 -17.41
CA GLU G 203 -22.00 -21.94 -17.21
C GLU G 203 -22.35 -22.71 -15.92
N LYS H 2 -65.57 -19.75 22.11
CA LYS H 2 -65.12 -21.10 22.39
C LYS H 2 -66.17 -21.87 23.17
N ILE H 3 -66.27 -23.17 22.91
CA ILE H 3 -67.27 -24.04 23.53
C ILE H 3 -66.53 -25.11 24.32
N GLN H 4 -66.97 -25.35 25.55
CA GLN H 4 -66.40 -26.39 26.38
C GLN H 4 -67.40 -27.52 26.59
N ALA H 5 -66.92 -28.59 27.22
CA ALA H 5 -67.76 -29.74 27.52
C ALA H 5 -67.63 -30.11 28.99
N TYR H 6 -68.50 -31.02 29.42
CA TYR H 6 -68.63 -31.39 30.82
C TYR H 6 -67.80 -32.64 31.12
N PHE H 7 -68.07 -33.27 32.26
CA PHE H 7 -67.21 -34.27 32.87
C PHE H 7 -67.29 -35.62 32.16
N ASN H 8 -66.76 -36.67 32.82
CA ASN H 8 -66.48 -37.97 32.24
C ASN H 8 -67.73 -38.81 32.00
N GLU H 9 -68.64 -38.34 31.14
CA GLU H 9 -69.70 -39.20 30.63
C GLU H 9 -69.66 -39.30 29.11
N THR H 10 -69.75 -38.17 28.40
CA THR H 10 -69.71 -38.09 26.94
C THR H 10 -69.48 -36.64 26.54
N ALA H 11 -68.45 -36.37 25.76
CA ALA H 11 -68.14 -35.02 25.31
C ALA H 11 -68.74 -34.77 23.94
N ASP H 12 -69.32 -33.59 23.76
CA ASP H 12 -69.89 -33.18 22.47
C ASP H 12 -68.98 -32.12 21.85
N LEU H 13 -68.56 -32.36 20.61
CA LEU H 13 -67.66 -31.47 19.89
C LEU H 13 -68.39 -31.04 18.62
N PRO H 14 -69.04 -29.88 18.62
CA PRO H 14 -69.76 -29.42 17.43
C PRO H 14 -68.93 -28.50 16.54
N CYS H 15 -69.05 -28.71 15.24
CA CYS H 15 -68.39 -27.81 14.30
C CYS H 15 -69.14 -26.49 14.16
N GLN H 16 -70.47 -26.54 14.26
CA GLN H 16 -71.37 -25.40 14.09
C GLN H 16 -71.15 -24.71 12.74
N PHE H 17 -71.36 -25.48 11.68
CA PHE H 17 -71.26 -24.95 10.33
C PHE H 17 -72.57 -24.26 9.99
N ALA H 18 -72.49 -22.99 9.59
CA ALA H 18 -73.67 -22.27 9.17
C ALA H 18 -74.16 -22.75 7.80
N ASN H 19 -73.23 -23.20 6.96
CA ASN H 19 -73.48 -23.66 5.59
C ASN H 19 -74.19 -22.58 4.76
N SER H 20 -73.50 -21.45 4.61
CA SER H 20 -74.09 -20.28 3.96
C SER H 20 -74.31 -20.49 2.47
N GLN H 21 -73.41 -21.23 1.81
CA GLN H 21 -73.61 -21.56 0.41
C GLN H 21 -74.61 -22.69 0.22
N ASN H 22 -74.90 -23.42 1.31
CA ASN H 22 -75.85 -24.54 1.36
C ASN H 22 -75.44 -25.66 0.41
N GLN H 23 -74.23 -26.16 0.60
CA GLN H 23 -73.76 -27.33 -0.12
C GLN H 23 -74.02 -28.59 0.70
N SER H 24 -74.06 -29.72 0.01
CA SER H 24 -74.35 -30.98 0.66
C SER H 24 -73.08 -31.60 1.22
N LEU H 25 -73.27 -32.54 2.15
CA LEU H 25 -72.18 -33.25 2.80
C LEU H 25 -71.51 -34.26 1.86
N SER H 26 -72.15 -34.56 0.72
CA SER H 26 -71.63 -35.56 -0.21
C SER H 26 -70.29 -35.17 -0.81
N GLU H 27 -70.03 -33.87 -0.97
CA GLU H 27 -68.69 -33.40 -1.31
C GLU H 27 -68.30 -32.36 -0.23
N LEU H 28 -67.73 -32.89 0.85
CA LEU H 28 -67.32 -32.15 2.04
C LEU H 28 -66.44 -33.07 2.86
N VAL H 29 -65.30 -32.56 3.31
CA VAL H 29 -64.38 -33.34 4.13
C VAL H 29 -64.38 -32.75 5.54
N VAL H 30 -64.92 -33.51 6.49
CA VAL H 30 -65.29 -33.01 7.80
C VAL H 30 -64.49 -33.80 8.83
N PHE H 31 -63.65 -33.12 9.61
CA PHE H 31 -62.78 -33.89 10.49
C PHE H 31 -62.36 -33.05 11.69
N TRP H 32 -61.88 -33.72 12.74
CA TRP H 32 -61.50 -33.12 14.00
C TRP H 32 -60.04 -33.42 14.30
N GLN H 33 -59.44 -32.64 15.21
CA GLN H 33 -58.02 -32.77 15.48
C GLN H 33 -57.68 -32.20 16.87
N ASP H 34 -56.71 -32.84 17.53
CA ASP H 34 -56.22 -32.52 18.87
C ASP H 34 -55.25 -31.33 18.83
N GLN H 35 -54.98 -30.75 20.01
CA GLN H 35 -54.03 -29.63 20.09
C GLN H 35 -52.61 -30.06 19.77
N GLU H 36 -52.27 -31.33 20.00
CA GLU H 36 -50.99 -31.87 19.57
C GLU H 36 -51.05 -32.40 18.16
N ASN H 37 -52.13 -32.08 17.43
CA ASN H 37 -52.26 -32.18 15.98
C ASN H 37 -52.33 -33.63 15.53
N LEU H 38 -53.21 -34.38 16.19
CA LEU H 38 -53.54 -35.76 15.83
C LEU H 38 -55.00 -35.80 15.39
N VAL H 39 -55.26 -36.44 14.25
CA VAL H 39 -56.61 -36.50 13.71
C VAL H 39 -57.48 -37.38 14.58
N LEU H 40 -58.71 -36.91 14.84
CA LEU H 40 -59.68 -37.56 15.71
C LEU H 40 -60.60 -38.50 14.96
N ASN H 41 -61.35 -37.95 14.01
CA ASN H 41 -62.19 -38.68 13.07
C ASN H 41 -61.97 -38.07 11.71
N GLU H 42 -62.32 -38.81 10.68
CA GLU H 42 -62.25 -38.35 9.30
C GLU H 42 -63.53 -38.72 8.58
N VAL H 43 -64.07 -37.78 7.80
CA VAL H 43 -65.13 -38.05 6.85
C VAL H 43 -64.66 -37.61 5.48
N TYR H 44 -64.70 -38.51 4.50
CA TYR H 44 -64.18 -38.14 3.18
C TYR H 44 -65.28 -37.66 2.25
N LEU H 45 -66.26 -38.50 1.94
CA LEU H 45 -67.46 -38.08 1.22
C LEU H 45 -68.71 -38.65 1.86
N GLY H 46 -68.75 -38.66 3.20
CA GLY H 46 -69.81 -39.33 3.91
C GLY H 46 -69.45 -40.69 4.46
N LYS H 47 -68.23 -41.16 4.24
CA LYS H 47 -67.75 -42.42 4.77
C LYS H 47 -66.57 -42.14 5.69
N GLU H 48 -66.59 -42.71 6.89
CA GLU H 48 -65.52 -42.53 7.84
C GLU H 48 -64.28 -43.30 7.40
N LYS H 49 -63.12 -42.65 7.45
CA LYS H 49 -61.85 -43.27 7.12
C LYS H 49 -60.96 -43.26 8.36
N PHE H 50 -60.35 -44.40 8.66
CA PHE H 50 -59.63 -44.58 9.92
C PHE H 50 -58.13 -44.72 9.72
N ASP H 51 -57.62 -44.49 8.51
CA ASP H 51 -56.18 -44.68 8.28
C ASP H 51 -55.37 -43.55 8.90
N SER H 52 -55.86 -42.32 8.80
CA SER H 52 -55.15 -41.18 9.39
C SER H 52 -55.48 -40.98 10.86
N VAL H 53 -56.43 -41.74 11.40
CA VAL H 53 -56.79 -41.62 12.81
C VAL H 53 -55.67 -42.23 13.65
N HIS H 54 -55.22 -41.49 14.66
CA HIS H 54 -54.18 -42.00 15.55
C HIS H 54 -54.70 -43.15 16.41
N SER H 55 -53.76 -44.02 16.80
CA SER H 55 -54.09 -45.23 17.54
C SER H 55 -54.59 -44.94 18.95
N LYS H 56 -54.22 -43.80 19.53
CA LYS H 56 -54.70 -43.49 20.87
C LYS H 56 -56.18 -43.11 20.83
N TYR H 57 -56.67 -42.57 19.71
CA TYR H 57 -58.09 -42.33 19.55
C TYR H 57 -58.77 -43.37 18.66
N MET H 58 -58.20 -44.56 18.51
CA MET H 58 -58.74 -45.54 17.58
C MET H 58 -59.94 -46.23 18.23
N GLY H 59 -61.06 -46.26 17.52
CA GLY H 59 -62.23 -47.02 17.93
C GLY H 59 -62.90 -46.50 19.19
N ARG H 60 -62.90 -45.19 19.39
CA ARG H 60 -63.38 -44.60 20.63
C ARG H 60 -64.18 -43.34 20.44
N THR H 61 -64.47 -42.94 19.20
CA THR H 61 -65.20 -41.74 18.86
C THR H 61 -66.35 -42.07 17.93
N SER H 62 -67.38 -41.21 17.93
CA SER H 62 -68.54 -41.40 17.06
C SER H 62 -68.88 -40.07 16.39
N PHE H 63 -69.58 -40.17 15.25
CA PHE H 63 -69.93 -39.01 14.44
C PHE H 63 -71.43 -39.01 14.21
N ASP H 64 -72.04 -37.82 14.30
CA ASP H 64 -73.46 -37.62 14.00
C ASP H 64 -73.54 -36.56 12.91
N SER H 65 -74.16 -36.94 11.79
CA SER H 65 -74.19 -36.09 10.61
C SER H 65 -75.31 -35.06 10.66
N ASP H 66 -76.43 -35.39 11.31
CA ASP H 66 -77.55 -34.44 11.39
C ASP H 66 -77.21 -33.26 12.27
N SER H 67 -76.52 -33.51 13.38
CA SER H 67 -76.10 -32.45 14.28
C SER H 67 -74.67 -31.98 14.04
N TRP H 68 -73.97 -32.60 13.09
CA TRP H 68 -72.58 -32.27 12.72
C TRP H 68 -71.63 -32.32 13.93
N THR H 69 -71.82 -33.33 14.77
CA THR H 69 -71.17 -33.35 16.07
C THR H 69 -70.38 -34.63 16.28
N LEU H 70 -69.20 -34.50 16.87
CA LEU H 70 -68.44 -35.67 17.29
C LEU H 70 -68.79 -35.96 18.75
N ARG H 71 -69.16 -37.21 19.02
CA ARG H 71 -69.37 -37.67 20.38
C ARG H 71 -68.13 -38.44 20.84
N LEU H 72 -67.56 -38.00 21.94
CA LEU H 72 -66.30 -38.48 22.47
C LEU H 72 -66.63 -39.26 23.74
N HIS H 73 -66.61 -40.58 23.66
CA HIS H 73 -67.02 -41.44 24.77
C HIS H 73 -65.82 -41.86 25.60
N ASN H 74 -66.08 -42.12 26.89
CA ASN H 74 -65.12 -42.66 27.86
C ASN H 74 -63.91 -41.73 27.98
N LEU H 75 -64.19 -40.55 28.53
CA LEU H 75 -63.18 -39.52 28.70
C LEU H 75 -62.09 -39.95 29.70
N GLN H 76 -60.88 -39.48 29.45
CA GLN H 76 -59.76 -39.75 30.34
C GLN H 76 -59.21 -38.45 30.90
N ILE H 77 -58.24 -38.58 31.79
CA ILE H 77 -57.66 -37.41 32.46
C ILE H 77 -56.68 -36.69 31.53
N LYS H 78 -56.09 -37.41 30.56
CA LYS H 78 -55.04 -36.83 29.74
C LYS H 78 -55.60 -35.81 28.75
N ASP H 79 -56.79 -36.08 28.21
CA ASP H 79 -57.36 -35.25 27.15
C ASP H 79 -58.10 -34.04 27.73
N LYS H 80 -57.31 -33.09 28.23
CA LYS H 80 -57.85 -31.82 28.69
C LYS H 80 -57.50 -30.66 27.78
N GLY H 81 -56.87 -30.92 26.63
CA GLY H 81 -56.50 -29.86 25.73
C GLY H 81 -57.63 -29.45 24.79
N LEU H 82 -57.39 -28.36 24.06
CA LEU H 82 -58.40 -27.85 23.14
C LEU H 82 -58.39 -28.66 21.84
N TYR H 83 -59.58 -28.81 21.27
CA TYR H 83 -59.80 -29.61 20.07
C TYR H 83 -60.37 -28.72 18.98
N GLN H 84 -59.85 -28.83 17.77
CA GLN H 84 -60.30 -27.98 16.68
C GLN H 84 -60.85 -28.84 15.55
N CYS H 85 -61.98 -28.43 15.00
CA CYS H 85 -62.60 -29.15 13.90
C CYS H 85 -62.44 -28.37 12.62
N ILE H 86 -62.03 -29.07 11.58
CA ILE H 86 -61.61 -28.50 10.31
C ILE H 86 -62.49 -29.08 9.22
N ILE H 87 -62.98 -28.22 8.34
CA ILE H 87 -63.95 -28.54 7.29
C ILE H 87 -63.34 -28.07 5.99
N HIS H 88 -63.01 -29.01 5.12
CA HIS H 88 -62.50 -28.74 3.79
C HIS H 88 -63.56 -29.01 2.74
N HIS H 89 -63.45 -28.33 1.61
CA HIS H 89 -64.37 -28.52 0.48
C HIS H 89 -63.57 -29.14 -0.66
N LYS H 90 -63.84 -30.41 -0.94
CA LYS H 90 -63.07 -31.14 -1.92
C LYS H 90 -63.52 -30.77 -3.33
N LYS H 91 -62.58 -30.27 -4.13
CA LYS H 91 -62.78 -29.96 -5.52
C LYS H 91 -61.66 -30.65 -6.30
N PRO H 92 -61.94 -31.17 -7.51
CA PRO H 92 -60.86 -31.83 -8.28
C PRO H 92 -59.73 -30.90 -8.69
N THR H 93 -59.97 -29.58 -8.74
CA THR H 93 -58.86 -28.66 -8.96
C THR H 93 -57.96 -28.57 -7.73
N GLY H 94 -58.56 -28.54 -6.55
CA GLY H 94 -57.81 -28.46 -5.31
C GLY H 94 -58.73 -28.45 -4.10
N MET H 95 -58.24 -28.93 -2.97
CA MET H 95 -59.06 -29.09 -1.78
C MET H 95 -58.98 -27.79 -0.97
N ILE H 96 -60.12 -27.13 -0.77
CA ILE H 96 -60.18 -25.81 -0.16
C ILE H 96 -60.68 -25.95 1.27
N ARG H 97 -59.93 -25.42 2.23
CA ARG H 97 -60.43 -25.36 3.59
C ARG H 97 -61.43 -24.23 3.69
N ILE H 98 -62.67 -24.54 4.08
CA ILE H 98 -63.70 -23.52 4.18
C ILE H 98 -64.01 -23.13 5.61
N HIS H 99 -63.86 -24.03 6.57
CA HIS H 99 -64.31 -23.70 7.91
C HIS H 99 -63.34 -24.35 8.88
N GLN H 100 -62.96 -23.62 9.92
CA GLN H 100 -62.33 -24.24 11.07
C GLN H 100 -62.92 -23.60 12.33
N MET H 101 -62.88 -24.35 13.43
CA MET H 101 -63.33 -23.80 14.70
C MET H 101 -62.56 -24.50 15.80
N ASN H 102 -62.36 -23.78 16.90
CA ASN H 102 -61.62 -24.29 18.05
C ASN H 102 -62.53 -24.31 19.26
N SER H 103 -62.64 -25.48 19.90
CA SER H 103 -63.41 -25.67 21.12
C SER H 103 -62.49 -26.23 22.20
N GLU H 104 -62.99 -26.28 23.42
CA GLU H 104 -62.21 -26.71 24.57
C GLU H 104 -62.86 -27.93 25.22
N LEU H 105 -62.10 -28.57 26.12
CA LEU H 105 -62.58 -29.77 26.80
C LEU H 105 -61.96 -29.83 28.18
N SER H 106 -62.80 -29.72 29.21
CA SER H 106 -62.37 -29.84 30.59
C SER H 106 -63.20 -30.91 31.28
N VAL H 107 -62.54 -31.85 31.94
CA VAL H 107 -63.22 -32.93 32.63
C VAL H 107 -62.86 -32.93 34.11
N LYS I 2 -41.91 30.95 49.58
CA LYS I 2 -42.17 29.66 50.24
C LYS I 2 -42.85 29.89 51.59
N ILE I 3 -43.73 28.96 51.95
CA ILE I 3 -44.51 29.04 53.18
C ILE I 3 -44.16 27.84 54.05
N GLN I 4 -43.92 28.08 55.34
CA GLN I 4 -43.63 27.01 56.28
C GLN I 4 -44.78 26.87 57.27
N ALA I 5 -44.68 25.83 58.09
CA ALA I 5 -45.68 25.57 59.12
C ALA I 5 -45.00 25.36 60.46
N TYR I 6 -45.81 25.32 61.51
CA TYR I 6 -45.34 25.27 62.88
C TYR I 6 -45.27 23.82 63.39
N PHE I 7 -45.18 23.65 64.70
CA PHE I 7 -44.80 22.40 65.35
C PHE I 7 -45.94 21.38 65.36
N ASN I 8 -45.77 20.34 66.17
CA ASN I 8 -46.58 19.12 66.13
C ASN I 8 -47.98 19.31 66.72
N GLU I 9 -48.80 20.17 66.12
CA GLU I 9 -50.23 20.18 66.42
C GLU I 9 -51.07 19.92 65.18
N THR I 10 -50.92 20.74 64.13
CA THR I 10 -51.63 20.62 62.86
C THR I 10 -50.93 21.50 61.83
N ALA I 11 -50.53 20.94 60.70
CA ALA I 11 -49.87 21.69 59.65
C ALA I 11 -50.88 22.13 58.60
N ASP I 12 -50.74 23.37 58.14
CA ASP I 12 -51.58 23.91 57.09
C ASP I 12 -50.77 24.03 55.81
N LEU I 13 -51.28 23.45 54.73
CA LEU I 13 -50.60 23.43 53.44
C LEU I 13 -51.54 24.10 52.44
N PRO I 14 -51.36 25.39 52.17
CA PRO I 14 -52.24 26.08 51.21
C PRO I 14 -51.69 26.11 49.80
N CYS I 15 -52.58 25.91 48.84
CA CYS I 15 -52.18 26.04 47.45
C CYS I 15 -52.07 27.50 47.02
N GLN I 16 -52.92 28.35 47.58
CA GLN I 16 -53.01 29.78 47.26
C GLN I 16 -53.23 30.01 45.76
N PHE I 17 -54.35 29.47 45.28
CA PHE I 17 -54.72 29.65 43.89
C PHE I 17 -55.42 30.99 43.76
N ALA I 18 -54.91 31.84 42.85
CA ALA I 18 -55.56 33.12 42.60
C ALA I 18 -56.85 32.94 41.83
N ASN I 19 -56.94 31.90 40.99
CA ASN I 19 -58.07 31.59 40.12
C ASN I 19 -58.42 32.77 39.22
N SER I 20 -57.45 33.13 38.37
CA SER I 20 -57.59 34.32 37.53
C SER I 20 -58.64 34.15 36.45
N GLN I 21 -58.79 32.94 35.90
CA GLN I 21 -59.84 32.69 34.93
C GLN I 21 -61.19 32.50 35.61
N ASN I 22 -61.18 32.26 36.93
CA ASN I 22 -62.37 32.08 37.77
C ASN I 22 -63.19 30.88 37.31
N GLN I 23 -62.55 29.72 37.27
CA GLN I 23 -63.23 28.46 37.00
C GLN I 23 -63.62 27.80 38.31
N SER I 24 -64.60 26.91 38.22
CA SER I 24 -65.11 26.24 39.41
C SER I 24 -64.28 24.99 39.70
N LEU I 25 -64.41 24.51 40.95
CA LEU I 25 -63.70 23.33 41.43
C LEU I 25 -64.28 22.05 40.85
N SER I 26 -65.47 22.13 40.24
CA SER I 26 -66.16 20.95 39.70
C SER I 26 -65.39 20.29 38.57
N GLU I 27 -64.62 21.05 37.80
CA GLU I 27 -63.67 20.48 36.86
C GLU I 27 -62.30 21.10 37.18
N LEU I 28 -61.62 20.44 38.12
CA LEU I 28 -60.31 20.83 38.64
C LEU I 28 -59.76 19.66 39.43
N VAL I 29 -58.50 19.32 39.21
CA VAL I 29 -57.85 18.22 39.91
C VAL I 29 -56.80 18.81 40.84
N VAL I 30 -57.04 18.70 42.14
CA VAL I 30 -56.31 19.45 43.15
C VAL I 30 -55.65 18.44 44.07
N PHE I 31 -54.32 18.47 44.16
CA PHE I 31 -53.66 17.42 44.93
C PHE I 31 -52.30 17.88 45.42
N TRP I 32 -51.79 17.17 46.42
CA TRP I 32 -50.53 17.50 47.09
C TRP I 32 -49.55 16.34 46.97
N GLN I 33 -48.27 16.61 47.20
CA GLN I 33 -47.25 15.60 46.99
C GLN I 33 -45.99 15.93 47.80
N ASP I 34 -45.32 14.89 48.29
CA ASP I 34 -44.10 14.94 49.11
C ASP I 34 -42.87 15.17 48.24
N GLN I 35 -41.75 15.55 48.88
CA GLN I 35 -40.49 15.74 48.15
C GLN I 35 -39.96 14.45 47.58
N GLU I 36 -40.27 13.31 48.20
CA GLU I 36 -39.92 12.01 47.64
C GLU I 36 -40.99 11.51 46.68
N ASN I 37 -41.93 12.39 46.31
CA ASN I 37 -42.84 12.25 45.18
C ASN I 37 -43.90 11.18 45.46
N LEU I 38 -44.52 11.28 46.63
CA LEU I 38 -45.64 10.45 47.02
C LEU I 38 -46.87 11.34 47.17
N VAL I 39 -47.99 10.92 46.58
CA VAL I 39 -49.21 11.71 46.61
C VAL I 39 -49.78 11.74 48.02
N LEU I 40 -50.21 12.92 48.45
CA LEU I 40 -50.72 13.18 49.80
C LEU I 40 -52.23 13.02 49.87
N ASN I 41 -52.95 13.83 49.11
CA ASN I 41 -54.40 13.76 48.93
C ASN I 41 -54.66 13.91 47.44
N GLU I 42 -55.83 13.49 47.00
CA GLU I 42 -56.27 13.65 45.63
C GLU I 42 -57.71 14.15 45.64
N VAL I 43 -58.00 15.11 44.77
CA VAL I 43 -59.35 15.52 44.45
C VAL I 43 -59.54 15.39 42.94
N TYR I 44 -60.57 14.65 42.53
CA TYR I 44 -60.74 14.43 41.09
C TYR I 44 -61.72 15.44 40.48
N LEU I 45 -62.97 15.43 40.93
CA LEU I 45 -63.93 16.46 40.54
C LEU I 45 -64.72 16.94 41.75
N GLY I 46 -64.03 17.10 42.89
CA GLY I 46 -64.70 17.39 44.14
C GLY I 46 -64.88 16.20 45.05
N LYS I 47 -64.42 15.01 44.64
CA LYS I 47 -64.47 13.81 45.46
C LYS I 47 -63.06 13.33 45.71
N GLU I 48 -62.74 13.05 46.97
CA GLU I 48 -61.42 12.56 47.32
C GLU I 48 -61.22 11.13 46.86
N LYS I 49 -60.09 10.85 46.21
CA LYS I 49 -59.75 9.50 45.78
C LYS I 49 -58.49 9.05 46.50
N PHE I 50 -58.51 7.83 47.03
CA PHE I 50 -57.46 7.35 47.91
C PHE I 50 -56.64 6.23 47.29
N ASP I 51 -56.82 5.94 46.01
CA ASP I 51 -56.11 4.83 45.40
C ASP I 51 -54.64 5.17 45.16
N SER I 52 -54.37 6.40 44.72
CA SER I 52 -53.00 6.83 44.50
C SER I 52 -52.33 7.36 45.75
N VAL I 53 -53.07 7.49 46.85
CA VAL I 53 -52.47 7.95 48.10
C VAL I 53 -51.61 6.85 48.69
N HIS I 54 -50.37 7.20 49.06
CA HIS I 54 -49.48 6.23 49.66
C HIS I 54 -49.95 5.81 51.05
N SER I 55 -49.58 4.58 51.43
CA SER I 55 -50.04 3.98 52.67
C SER I 55 -49.46 4.67 53.90
N LYS I 56 -48.31 5.33 53.78
CA LYS I 56 -47.76 6.02 54.93
C LYS I 56 -48.56 7.28 55.24
N TYR I 57 -49.19 7.89 54.24
CA TYR I 57 -50.11 8.99 54.51
C TYR I 57 -51.58 8.59 54.42
N MET I 58 -51.89 7.31 54.61
CA MET I 58 -53.26 6.85 54.44
C MET I 58 -54.06 7.20 55.69
N GLY I 59 -55.21 7.85 55.48
CA GLY I 59 -56.15 8.11 56.55
C GLY I 59 -55.65 9.06 57.62
N ARG I 60 -54.87 10.07 57.23
CA ARG I 60 -54.21 10.94 58.19
C ARG I 60 -54.19 12.40 57.76
N THR I 61 -54.84 12.74 56.64
CA THR I 61 -54.87 14.09 56.09
C THR I 61 -56.32 14.52 55.86
N SER I 62 -56.55 15.83 55.85
CA SER I 62 -57.88 16.37 55.59
C SER I 62 -57.78 17.51 54.58
N PHE I 63 -58.90 17.79 53.91
CA PHE I 63 -58.96 18.79 52.86
C PHE I 63 -60.08 19.77 53.18
N ASP I 64 -59.82 21.06 52.96
CA ASP I 64 -60.81 22.11 53.11
C ASP I 64 -60.91 22.85 51.78
N SER I 65 -62.12 22.86 51.20
CA SER I 65 -62.33 23.40 49.87
C SER I 65 -62.51 24.90 49.86
N ASP I 66 -63.07 25.47 50.93
CA ASP I 66 -63.28 26.92 50.97
C ASP I 66 -61.95 27.66 51.09
N SER I 67 -61.03 27.14 51.89
CA SER I 67 -59.72 27.74 52.05
C SER I 67 -58.67 27.12 51.16
N TRP I 68 -59.03 26.08 50.37
CA TRP I 68 -58.13 25.37 49.45
C TRP I 68 -56.90 24.82 50.17
N THR I 69 -57.08 24.29 51.37
CA THR I 69 -55.96 23.98 52.24
C THR I 69 -56.00 22.52 52.68
N LEU I 70 -54.84 21.89 52.72
CA LEU I 70 -54.71 20.57 53.31
C LEU I 70 -54.31 20.74 54.78
N ARG I 71 -55.05 20.09 55.67
CA ARG I 71 -54.71 20.03 57.07
C ARG I 71 -54.04 18.69 57.35
N LEU I 72 -52.84 18.75 57.90
CA LEU I 72 -51.97 17.59 58.11
C LEU I 72 -51.92 17.39 59.63
N HIS I 73 -52.63 16.38 60.11
CA HIS I 73 -52.76 16.13 61.54
C HIS I 73 -51.74 15.11 62.01
N ASN I 74 -51.35 15.23 63.28
CA ASN I 74 -50.47 14.29 64.00
C ASN I 74 -49.12 14.18 63.30
N LEU I 75 -48.39 15.30 63.34
CA LEU I 75 -47.10 15.41 62.71
C LEU I 75 -46.07 14.48 63.35
N GLN I 76 -45.15 13.99 62.53
CA GLN I 76 -44.07 13.13 62.99
C GLN I 76 -42.72 13.80 62.72
N ILE I 77 -41.66 13.14 63.20
CA ILE I 77 -40.32 13.69 63.06
C ILE I 77 -39.79 13.47 61.65
N LYS I 78 -40.29 12.45 60.94
CA LYS I 78 -39.73 12.10 59.64
C LYS I 78 -40.12 13.12 58.57
N ASP I 79 -41.33 13.65 58.64
CA ASP I 79 -41.85 14.54 57.58
C ASP I 79 -41.39 15.98 57.82
N LYS I 80 -40.11 16.22 57.56
CA LYS I 80 -39.55 17.56 57.59
C LYS I 80 -39.21 18.09 56.21
N GLY I 81 -39.54 17.35 55.15
CA GLY I 81 -39.23 17.80 53.80
C GLY I 81 -40.26 18.75 53.24
N LEU I 82 -39.93 19.33 52.08
CA LEU I 82 -40.83 20.28 51.44
C LEU I 82 -41.95 19.55 50.70
N TYR I 83 -43.12 20.16 50.69
CA TYR I 83 -44.32 19.59 50.10
C TYR I 83 -44.81 20.53 49.01
N GLN I 84 -45.18 19.97 47.86
CA GLN I 84 -45.63 20.77 46.74
C GLN I 84 -47.04 20.39 46.35
N CYS I 85 -47.87 21.39 46.09
CA CYS I 85 -49.25 21.15 45.70
C CYS I 85 -49.41 21.50 44.24
N ILE I 86 -50.08 20.59 43.52
CA ILE I 86 -50.18 20.60 42.07
C ILE I 86 -51.67 20.65 41.71
N ILE I 87 -52.00 21.52 40.77
CA ILE I 87 -53.36 21.82 40.37
C ILE I 87 -53.43 21.63 38.87
N HIS I 88 -54.17 20.62 38.42
CA HIS I 88 -54.39 20.33 37.01
C HIS I 88 -55.80 20.74 36.63
N HIS I 89 -55.99 21.05 35.34
CA HIS I 89 -57.29 21.40 34.81
C HIS I 89 -57.71 20.30 33.84
N LYS I 90 -58.69 19.51 34.23
CA LYS I 90 -59.09 18.34 33.46
C LYS I 90 -59.95 18.78 32.27
N LYS I 91 -59.49 18.44 31.07
CA LYS I 91 -60.22 18.65 29.83
C LYS I 91 -60.25 17.33 29.10
N PRO I 92 -61.34 16.99 28.41
CA PRO I 92 -61.39 15.72 27.67
C PRO I 92 -60.38 15.61 26.54
N THR I 93 -59.87 16.73 26.02
CA THR I 93 -58.79 16.66 25.06
C THR I 93 -57.48 16.25 25.74
N GLY I 94 -57.22 16.78 26.93
CA GLY I 94 -56.01 16.48 27.67
C GLY I 94 -55.97 17.22 29.00
N MET I 95 -55.29 16.67 29.99
CA MET I 95 -55.29 17.22 31.33
C MET I 95 -54.12 18.21 31.42
N ILE I 96 -54.42 19.47 31.70
CA ILE I 96 -53.45 20.55 31.67
C ILE I 96 -53.08 20.93 33.10
N ARG I 97 -51.79 20.92 33.42
CA ARG I 97 -51.37 21.44 34.71
C ARG I 97 -51.38 22.96 34.66
N ILE I 98 -52.16 23.59 35.53
CA ILE I 98 -52.27 25.03 35.53
C ILE I 98 -51.50 25.68 36.67
N HIS I 99 -51.34 25.02 37.82
CA HIS I 99 -50.76 25.71 38.95
C HIS I 99 -49.92 24.68 39.70
N GLN I 100 -48.74 25.07 40.13
CA GLN I 100 -48.03 24.31 41.14
C GLN I 100 -47.42 25.31 42.12
N MET I 101 -47.19 24.84 43.35
CA MET I 101 -46.53 25.68 44.34
C MET I 101 -45.78 24.76 45.30
N ASN I 102 -44.68 25.27 45.84
CA ASN I 102 -43.85 24.53 46.77
C ASN I 102 -43.81 25.25 48.10
N SER I 103 -44.14 24.53 49.18
CA SER I 103 -44.10 25.01 50.54
C SER I 103 -43.20 24.10 51.36
N GLU I 104 -42.91 24.53 52.59
CA GLU I 104 -42.00 23.80 53.46
C GLU I 104 -42.71 23.41 54.74
N LEU I 105 -42.06 22.52 55.50
CA LEU I 105 -42.64 22.03 56.75
C LEU I 105 -41.51 21.71 57.73
N SER I 106 -41.47 22.46 58.83
CA SER I 106 -40.49 22.23 59.89
C SER I 106 -41.25 22.06 61.20
N VAL I 107 -40.93 21.00 61.94
CA VAL I 107 -41.58 20.72 63.21
C VAL I 107 -40.56 20.63 64.32
N LYS J 2 14.53 56.05 42.71
CA LYS J 2 14.06 55.32 43.89
C LYS J 2 14.44 56.07 45.15
N ILE J 3 13.58 55.99 46.17
CA ILE J 3 13.76 56.70 47.43
C ILE J 3 13.85 55.66 48.54
N GLN J 4 14.82 55.81 49.42
CA GLN J 4 14.99 54.92 50.57
C GLN J 4 14.69 55.67 51.85
N ALA J 5 14.65 54.91 52.95
CA ALA J 5 14.41 55.48 54.27
C ALA J 5 15.49 55.01 55.24
N TYR J 6 15.48 55.62 56.43
CA TYR J 6 16.52 55.42 57.42
C TYR J 6 16.10 54.34 58.43
N PHE J 7 16.78 54.30 59.57
CA PHE J 7 16.75 53.17 60.50
C PHE J 7 15.47 53.16 61.34
N ASN J 8 15.48 52.35 62.40
CA ASN J 8 14.30 51.97 63.18
C ASN J 8 13.78 53.08 64.07
N GLU J 9 13.35 54.20 63.49
CA GLU J 9 12.56 55.18 64.24
C GLU J 9 11.18 55.40 63.60
N THR J 10 11.14 55.81 62.33
CA THR J 10 9.93 56.05 61.58
C THR J 10 10.29 56.16 60.10
N ALA J 11 9.65 55.35 59.26
CA ALA J 11 9.92 55.36 57.83
C ALA J 11 8.90 56.24 57.12
N ASP J 12 9.38 57.04 56.16
CA ASP J 12 8.51 57.89 55.35
C ASP J 12 8.44 57.32 53.94
N LEU J 13 7.21 57.09 53.46
CA LEU J 13 6.96 56.50 52.15
C LEU J 13 6.13 57.52 51.36
N PRO J 14 6.77 58.34 50.53
CA PRO J 14 6.01 59.33 49.76
C PRO J 14 5.64 58.85 48.37
N CYS J 15 4.42 59.18 47.96
CA CYS J 15 4.00 58.87 46.60
C CYS J 15 4.59 59.84 45.59
N GLN J 16 4.76 61.10 46.00
CA GLN J 16 5.25 62.20 45.15
C GLN J 16 4.42 62.36 43.89
N PHE J 17 3.13 62.63 44.09
CA PHE J 17 2.21 62.87 43.00
C PHE J 17 2.37 64.32 42.56
N ALA J 18 2.65 64.52 41.27
CA ALA J 18 2.74 65.88 40.75
C ALA J 18 1.36 66.52 40.62
N ASN J 19 0.32 65.70 40.40
CA ASN J 19 -1.07 66.12 40.20
C ASN J 19 -1.18 67.14 39.07
N SER J 20 -0.81 66.69 37.86
CA SER J 20 -0.74 67.59 36.71
C SER J 20 -2.12 68.04 36.25
N GLN J 21 -3.12 67.17 36.36
CA GLN J 21 -4.49 67.57 36.03
C GLN J 21 -5.12 68.38 37.14
N ASN J 22 -4.53 68.33 38.34
CA ASN J 22 -4.97 69.05 39.55
C ASN J 22 -6.38 68.65 39.96
N GLN J 23 -6.56 67.36 40.19
CA GLN J 23 -7.79 66.84 40.73
C GLN J 23 -7.70 66.73 42.24
N SER J 24 -8.85 66.70 42.89
CA SER J 24 -8.90 66.64 44.34
C SER J 24 -8.81 65.20 44.83
N LEU J 25 -8.47 65.05 46.11
CA LEU J 25 -8.34 63.76 46.76
C LEU J 25 -9.70 63.12 47.03
N SER J 26 -10.78 63.90 46.90
CA SER J 26 -12.13 63.41 47.19
C SER J 26 -12.57 62.29 46.25
N GLU J 27 -12.07 62.27 45.02
CA GLU J 27 -12.24 61.13 44.13
C GLU J 27 -10.83 60.73 43.67
N LEU J 28 -10.21 59.88 44.49
CA LEU J 28 -8.85 59.38 44.31
C LEU J 28 -8.65 58.22 45.26
N VAL J 29 -8.10 57.13 44.77
CA VAL J 29 -7.85 55.95 45.60
C VAL J 29 -6.35 55.80 45.76
N VAL J 30 -5.86 56.01 46.98
CA VAL J 30 -4.45 56.20 47.26
C VAL J 30 -4.03 55.10 48.21
N PHE J 31 -3.08 54.26 47.80
CA PHE J 31 -2.76 53.12 48.66
C PHE J 31 -1.34 52.63 48.40
N TRP J 32 -0.81 51.87 49.35
CA TRP J 32 0.55 51.36 49.34
C TRP J 32 0.55 49.84 49.38
N GLN J 33 1.68 49.22 49.01
CA GLN J 33 1.73 47.78 48.89
C GLN J 33 3.18 47.28 48.98
N ASP J 34 3.36 46.11 49.61
CA ASP J 34 4.64 45.45 49.84
C ASP J 34 5.12 44.72 48.58
N GLN J 35 6.40 44.33 48.57
CA GLN J 35 6.96 43.59 47.44
C GLN J 35 6.34 42.20 47.32
N GLU J 36 5.89 41.62 48.42
CA GLU J 36 5.15 40.36 48.38
C GLU J 36 3.67 40.58 48.18
N ASN J 37 3.29 41.83 47.83
CA ASN J 37 2.00 42.20 47.25
C ASN J 37 0.89 42.11 48.31
N LEU J 38 1.16 42.72 49.46
CA LEU J 38 0.19 42.88 50.53
C LEU J 38 -0.09 44.36 50.71
N VAL J 39 -1.38 44.71 50.79
CA VAL J 39 -1.77 46.11 50.91
C VAL J 39 -1.37 46.65 52.28
N LEU J 40 -0.83 47.86 52.30
CA LEU J 40 -0.31 48.52 53.49
C LEU J 40 -1.37 49.41 54.16
N ASN J 41 -1.85 50.40 53.42
CA ASN J 41 -2.95 51.27 53.80
C ASN J 41 -3.85 51.40 52.59
N GLU J 42 -5.08 51.81 52.82
CA GLU J 42 -6.04 52.08 51.77
C GLU J 42 -6.75 53.39 52.06
N VAL J 43 -6.92 54.21 51.02
CA VAL J 43 -7.79 55.38 51.05
C VAL J 43 -8.79 55.24 49.93
N TYR J 44 -10.08 55.32 50.24
CA TYR J 44 -11.08 55.12 49.20
C TYR J 44 -11.55 56.44 48.61
N LEU J 45 -12.16 57.31 49.42
CA LEU J 45 -12.49 58.67 49.01
C LEU J 45 -12.11 59.67 50.10
N GLY J 46 -10.96 59.47 50.74
CA GLY J 46 -10.59 60.24 51.90
C GLY J 46 -10.81 59.56 53.22
N LYS J 47 -11.34 58.34 53.22
CA LYS J 47 -11.55 57.55 54.42
C LYS J 47 -10.70 56.30 54.34
N GLU J 48 -9.96 56.00 55.40
CA GLU J 48 -9.13 54.81 55.43
C GLU J 48 -9.98 53.57 55.59
N LYS J 49 -9.72 52.54 54.78
CA LYS J 49 -10.41 51.27 54.85
C LYS J 49 -9.41 50.18 55.20
N PHE J 50 -9.76 49.34 56.17
CA PHE J 50 -8.83 48.38 56.74
C PHE J 50 -9.18 46.94 56.41
N ASP J 51 -10.15 46.71 55.52
CA ASP J 51 -10.56 45.34 55.24
C ASP J 51 -9.53 44.62 54.37
N SER J 52 -8.96 45.32 53.39
CA SER J 52 -7.95 44.71 52.54
C SER J 52 -6.55 44.80 53.13
N VAL J 53 -6.38 45.50 54.25
CA VAL J 53 -5.08 45.59 54.89
C VAL J 53 -4.74 44.25 55.54
N HIS J 54 -3.54 43.75 55.28
CA HIS J 54 -3.11 42.49 55.87
C HIS J 54 -2.89 42.64 57.37
N SER J 55 -3.06 41.51 58.08
CA SER J 55 -3.00 41.50 59.53
C SER J 55 -1.60 41.76 60.06
N LYS J 56 -0.56 41.48 59.28
CA LYS J 56 0.78 41.75 59.76
C LYS J 56 1.07 43.26 59.76
N TYR J 57 0.42 44.03 58.90
CA TYR J 57 0.50 45.48 58.96
C TYR J 57 -0.74 46.13 59.59
N MET J 58 -1.49 45.40 60.40
CA MET J 58 -2.74 45.93 60.93
C MET J 58 -2.43 46.85 62.10
N GLY J 59 -2.98 48.05 62.06
CA GLY J 59 -2.89 48.99 63.18
C GLY J 59 -1.50 49.49 63.48
N ARG J 60 -0.68 49.68 62.47
CA ARG J 60 0.73 50.00 62.67
C ARG J 60 1.25 51.05 61.68
N THR J 61 0.39 51.61 60.83
CA THR J 61 0.77 52.58 59.82
C THR J 61 -0.11 53.83 59.95
N SER J 62 0.40 54.96 59.46
CA SER J 62 -0.35 56.21 59.49
C SER J 62 -0.25 56.89 58.14
N PHE J 63 -1.21 57.77 57.85
CA PHE J 63 -1.32 58.45 56.57
C PHE J 63 -1.40 59.95 56.82
N ASP J 64 -0.68 60.71 56.00
CA ASP J 64 -0.73 62.16 56.02
C ASP J 64 -1.14 62.64 54.64
N SER J 65 -2.25 63.38 54.58
CA SER J 65 -2.84 63.78 53.30
C SER J 65 -2.19 65.03 52.72
N ASP J 66 -1.71 65.94 53.57
CA ASP J 66 -1.08 67.16 53.07
C ASP J 66 0.25 66.87 52.39
N SER J 67 1.02 65.95 52.96
CA SER J 67 2.30 65.56 52.37
C SER J 67 2.21 64.30 51.52
N TRP J 68 1.02 63.69 51.44
CA TRP J 68 0.75 62.46 50.66
C TRP J 68 1.69 61.33 51.04
N THR J 69 1.94 61.17 52.34
CA THR J 69 3.00 60.29 52.80
C THR J 69 2.48 59.28 53.80
N LEU J 70 2.96 58.04 53.69
CA LEU J 70 2.69 57.03 54.70
C LEU J 70 3.83 57.06 55.71
N ARG J 71 3.48 57.15 56.99
CA ARG J 71 4.44 57.02 58.07
C ARG J 71 4.35 55.61 58.63
N LEU J 72 5.48 54.92 58.65
CA LEU J 72 5.59 53.52 59.00
C LEU J 72 6.33 53.48 60.33
N HIS J 73 5.60 53.25 61.42
CA HIS J 73 6.16 53.29 62.76
C HIS J 73 6.58 51.91 63.23
N ASN J 74 7.58 51.87 64.11
CA ASN J 74 8.08 50.67 64.79
C ASN J 74 8.55 49.63 63.78
N LEU J 75 9.64 50.00 63.10
CA LEU J 75 10.22 49.16 62.06
C LEU J 75 10.78 47.87 62.63
N GLN J 76 10.70 46.81 61.82
CA GLN J 76 11.24 45.51 62.20
C GLN J 76 12.33 45.10 61.22
N ILE J 77 12.95 43.97 61.52
CA ILE J 77 14.06 43.48 60.70
C ILE J 77 13.54 42.82 59.42
N LYS J 78 12.31 42.32 59.44
CA LYS J 78 11.80 41.55 58.31
C LYS J 78 11.48 42.45 57.12
N ASP J 79 10.99 43.66 57.38
CA ASP J 79 10.52 44.54 56.31
C ASP J 79 11.68 45.36 55.73
N LYS J 80 12.53 44.66 54.97
CA LYS J 80 13.61 45.31 54.23
C LYS J 80 13.36 45.34 52.72
N GLY J 81 12.19 44.90 52.26
CA GLY J 81 11.90 44.89 50.84
C GLY J 81 11.38 46.21 50.33
N LEU J 82 11.28 46.31 49.01
CA LEU J 82 10.82 47.54 48.39
C LEU J 82 9.30 47.65 48.47
N TYR J 83 8.82 48.88 48.61
CA TYR J 83 7.40 49.18 48.78
C TYR J 83 6.96 50.08 47.65
N GLN J 84 5.82 49.78 47.05
CA GLN J 84 5.33 50.56 45.93
C GLN J 84 3.97 51.17 46.27
N CYS J 85 3.78 52.43 45.92
CA CYS J 85 2.53 53.11 46.18
C CYS J 85 1.80 53.33 44.87
N ILE J 86 0.51 53.00 44.88
CA ILE J 86 -0.34 52.93 43.70
C ILE J 86 -1.50 53.89 43.90
N ILE J 87 -1.79 54.68 42.87
CA ILE J 87 -2.76 55.75 42.89
C ILE J 87 -3.71 55.49 41.73
N HIS J 88 -4.96 55.18 42.05
CA HIS J 88 -6.03 54.97 41.07
C HIS J 88 -6.97 56.15 41.07
N HIS J 89 -7.62 56.37 39.94
CA HIS J 89 -8.62 57.43 39.79
C HIS J 89 -9.97 56.77 39.59
N LYS J 90 -10.82 56.86 40.61
CA LYS J 90 -12.10 56.18 40.59
C LYS J 90 -13.09 56.93 39.72
N LYS J 91 -13.62 56.27 38.70
CA LYS J 91 -14.65 56.77 37.83
C LYS J 91 -15.75 55.72 37.78
N PRO J 92 -17.03 56.12 37.73
CA PRO J 92 -18.10 55.12 37.67
C PRO J 92 -18.10 54.26 36.42
N THR J 93 -17.47 54.71 35.34
CA THR J 93 -17.29 53.84 34.18
C THR J 93 -16.26 52.76 34.46
N GLY J 94 -15.17 53.11 35.13
CA GLY J 94 -14.11 52.17 35.46
C GLY J 94 -13.00 52.84 36.24
N MET J 95 -12.29 52.07 37.07
CA MET J 95 -11.27 52.62 37.95
C MET J 95 -9.94 52.61 37.20
N ILE J 96 -9.35 53.78 37.00
CA ILE J 96 -8.16 53.96 36.18
C ILE J 96 -6.96 54.15 37.09
N ARG J 97 -5.93 53.33 36.91
CA ARG J 97 -4.68 53.57 37.61
C ARG J 97 -3.94 54.71 36.93
N ILE J 98 -3.67 55.78 37.67
CA ILE J 98 -2.99 56.94 37.10
C ILE J 98 -1.54 57.04 37.51
N HIS J 99 -1.17 56.56 38.69
CA HIS J 99 0.20 56.81 39.14
C HIS J 99 0.63 55.57 39.92
N GLN J 100 1.87 55.13 39.69
CA GLN J 100 2.50 54.20 40.61
C GLN J 100 3.94 54.65 40.79
N MET J 101 4.53 54.29 41.92
CA MET J 101 5.93 54.58 42.17
C MET J 101 6.48 53.51 43.10
N ASN J 102 7.77 53.22 42.95
CA ASN J 102 8.44 52.21 43.74
C ASN J 102 9.56 52.86 44.55
N SER J 103 9.54 52.65 45.85
CA SER J 103 10.56 53.13 46.77
C SER J 103 11.14 51.96 47.53
N GLU J 104 12.21 52.21 48.27
CA GLU J 104 12.92 51.15 48.99
C GLU J 104 12.94 51.46 50.48
N LEU J 105 13.33 50.46 51.27
CA LEU J 105 13.36 50.59 52.72
C LEU J 105 14.48 49.72 53.27
N SER J 106 15.49 50.36 53.86
CA SER J 106 16.59 49.67 54.51
C SER J 106 16.72 50.17 55.94
N VAL J 107 16.78 49.24 56.89
CA VAL J 107 16.88 49.59 58.29
C VAL J 107 18.13 48.96 58.90
N LYS K 2 61.18 36.37 6.63
CA LYS K 2 61.15 36.28 8.09
C LYS K 2 62.49 36.71 8.67
N ILE K 3 62.44 37.35 9.84
CA ILE K 3 63.62 37.87 10.51
C ILE K 3 63.75 37.16 11.85
N GLN K 4 64.96 36.72 12.18
CA GLN K 4 65.23 36.08 13.46
C GLN K 4 66.13 36.97 14.30
N ALA K 5 66.33 36.55 15.55
CA ALA K 5 67.19 37.28 16.48
C ALA K 5 68.19 36.32 17.11
N TYR K 6 69.15 36.90 17.81
CA TYR K 6 70.29 36.16 18.37
C TYR K 6 70.00 35.77 19.83
N PHE K 7 71.05 35.39 20.55
CA PHE K 7 70.97 34.70 21.83
C PHE K 7 70.58 35.63 22.98
N ASN K 8 70.76 35.14 24.21
CA ASN K 8 70.21 35.73 25.42
C ASN K 8 70.95 37.00 25.86
N GLU K 9 70.93 38.05 25.04
CA GLU K 9 71.32 39.38 25.50
C GLU K 9 70.19 40.38 25.36
N THR K 10 69.68 40.58 24.14
CA THR K 10 68.58 41.50 23.83
C THR K 10 68.06 41.17 22.44
N ALA K 11 66.76 40.91 22.32
CA ALA K 11 66.15 40.59 21.04
C ALA K 11 65.54 41.85 20.41
N ASP K 12 65.74 42.00 19.11
CA ASP K 12 65.17 43.11 18.37
C ASP K 12 64.05 42.59 17.49
N LEU K 13 62.87 43.20 17.62
CA LEU K 13 61.68 42.81 16.88
C LEU K 13 61.22 44.01 16.07
N PRO K 14 61.60 44.11 14.80
CA PRO K 14 61.19 45.25 13.98
C PRO K 14 59.93 45.00 13.17
N CYS K 15 59.07 46.01 13.12
CA CYS K 15 57.89 45.92 12.28
C CYS K 15 58.22 46.14 10.81
N GLN K 16 59.21 46.98 10.53
CA GLN K 16 59.64 47.37 9.17
C GLN K 16 58.47 47.91 8.35
N PHE K 17 57.89 48.99 8.86
CA PHE K 17 56.81 49.66 8.16
C PHE K 17 57.41 50.58 7.10
N ALA K 18 56.99 50.40 5.85
CA ALA K 18 57.45 51.28 4.79
C ALA K 18 56.82 52.66 4.89
N ASN K 19 55.59 52.73 5.42
CA ASN K 19 54.79 53.95 5.57
C ASN K 19 54.61 54.65 4.22
N SER K 20 53.97 53.94 3.29
CA SER K 20 53.83 54.43 1.92
C SER K 20 52.91 55.63 1.82
N GLN K 21 51.86 55.68 2.64
CA GLN K 21 50.99 56.85 2.66
C GLN K 21 51.62 58.00 3.46
N ASN K 22 52.65 57.69 4.26
CA ASN K 22 53.40 58.64 5.09
C ASN K 22 52.49 59.34 6.11
N GLN K 23 51.83 58.53 6.92
CA GLN K 23 51.05 59.04 8.03
C GLN K 23 51.89 59.06 9.30
N SER K 24 51.48 59.88 10.25
CA SER K 24 52.22 60.03 11.49
C SER K 24 51.80 58.96 12.50
N LEU K 25 52.65 58.77 13.50
CA LEU K 25 52.42 57.80 14.57
C LEU K 25 51.35 58.27 15.54
N SER K 26 50.98 59.56 15.47
CA SER K 26 50.00 60.12 16.40
C SER K 26 48.62 59.49 16.28
N GLU K 27 48.25 59.03 15.09
CA GLU K 27 47.06 58.20 14.92
C GLU K 27 47.52 56.91 14.21
N LEU K 28 47.94 55.96 15.05
CA LEU K 28 48.48 54.66 14.64
C LEU K 28 48.53 53.78 15.88
N VAL K 29 48.06 52.55 15.77
CA VAL K 29 48.07 51.60 16.88
C VAL K 29 49.06 50.51 16.55
N VAL K 30 50.16 50.47 17.30
CA VAL K 30 51.34 49.69 16.95
C VAL K 30 51.58 48.70 18.07
N PHE K 31 51.55 47.41 17.77
CA PHE K 31 51.64 46.45 18.87
C PHE K 31 52.17 45.11 18.37
N TRP K 32 52.64 44.30 19.32
CA TRP K 32 53.26 43.02 19.06
C TRP K 32 52.49 41.90 19.76
N GLN K 33 52.72 40.66 19.32
CA GLN K 33 51.95 39.54 19.86
C GLN K 33 52.69 38.22 19.64
N ASP K 34 52.54 37.30 20.61
CA ASP K 34 53.17 35.98 20.65
C ASP K 34 52.40 35.00 19.76
N GLN K 35 53.05 33.85 19.47
CA GLN K 35 52.39 32.81 18.67
C GLN K 35 51.21 32.19 19.39
N GLU K 36 51.23 32.18 20.72
CA GLU K 36 50.07 31.75 21.50
C GLU K 36 49.10 32.88 21.75
N ASN K 37 49.31 34.01 21.04
CA ASN K 37 48.33 35.09 20.86
C ASN K 37 48.15 35.89 22.16
N LEU K 38 49.27 36.27 22.75
CA LEU K 38 49.31 37.15 23.91
C LEU K 38 49.99 38.45 23.50
N VAL K 39 49.37 39.58 23.86
CA VAL K 39 49.91 40.88 23.48
C VAL K 39 51.19 41.16 24.24
N LEU K 40 52.19 41.68 23.52
CA LEU K 40 53.53 41.96 24.04
C LEU K 40 53.65 43.38 24.57
N ASN K 41 53.45 44.36 23.69
CA ASN K 41 53.39 45.78 24.01
C ASN K 41 52.21 46.34 23.26
N GLU K 42 51.74 47.50 23.71
CA GLU K 42 50.66 48.22 23.05
C GLU K 42 51.04 49.68 22.95
N VAL K 43 50.78 50.30 21.80
CA VAL K 43 50.84 51.74 21.62
C VAL K 43 49.49 52.19 21.10
N TYR K 44 48.85 53.15 21.77
CA TYR K 44 47.52 53.55 21.35
C TYR K 44 47.57 54.78 20.44
N LEU K 45 48.06 55.91 20.95
CA LEU K 45 48.33 57.08 20.11
C LEU K 45 49.69 57.67 20.45
N GLY K 46 50.68 56.83 20.66
CA GLY K 46 51.97 57.28 21.14
C GLY K 46 52.20 57.07 22.63
N LYS K 47 51.22 56.53 23.35
CA LYS K 47 51.35 56.22 24.76
C LYS K 47 51.20 54.72 24.95
N GLU K 48 52.13 54.12 25.69
CA GLU K 48 52.08 52.69 25.95
C GLU K 48 50.96 52.37 26.94
N LYS K 49 50.16 51.35 26.62
CA LYS K 49 49.09 50.88 27.49
C LYS K 49 49.38 49.45 27.90
N PHE K 50 49.25 49.18 29.20
CA PHE K 50 49.68 47.91 29.76
C PHE K 50 48.52 47.04 30.25
N ASP K 51 47.28 47.43 29.97
CA ASP K 51 46.14 46.67 30.47
C ASP K 51 45.96 45.36 29.71
N SER K 52 46.15 45.38 28.39
CA SER K 52 46.03 44.17 27.59
C SER K 52 47.32 43.36 27.56
N VAL K 53 48.41 43.88 28.13
CA VAL K 53 49.67 43.15 28.15
C VAL K 53 49.56 42.01 29.17
N HIS K 54 49.93 40.80 28.75
CA HIS K 54 49.90 39.66 29.64
C HIS K 54 50.95 39.78 30.75
N SER K 55 50.63 39.15 31.88
CA SER K 55 51.47 39.25 33.08
C SER K 55 52.81 38.56 32.91
N LYS K 56 52.92 37.58 32.02
CA LYS K 56 54.21 36.92 31.82
C LYS K 56 55.17 37.84 31.07
N TYR K 57 54.66 38.75 30.24
CA TYR K 57 55.51 39.77 29.63
C TYR K 57 55.38 41.14 30.29
N MET K 58 54.95 41.20 31.54
CA MET K 58 54.70 42.48 32.18
C MET K 58 56.02 43.07 32.65
N GLY K 59 56.27 44.32 32.26
CA GLY K 59 57.42 45.08 32.75
C GLY K 59 58.77 44.53 32.30
N ARG K 60 58.84 44.02 31.08
CA ARG K 60 60.04 43.33 30.61
C ARG K 60 60.38 43.63 29.16
N THR K 61 59.65 44.54 28.51
CA THR K 61 59.83 44.90 27.11
C THR K 61 59.96 46.41 26.98
N SER K 62 60.61 46.85 25.91
CA SER K 62 60.79 48.27 25.63
C SER K 62 60.45 48.56 24.17
N PHE K 63 60.12 49.82 23.89
CA PHE K 63 59.69 50.24 22.56
C PHE K 63 60.56 51.43 22.14
N ASP K 64 60.96 51.42 20.87
CA ASP K 64 61.70 52.53 20.27
C ASP K 64 60.91 53.00 19.05
N SER K 65 60.54 54.28 19.07
CA SER K 65 59.65 54.83 18.05
C SER K 65 60.39 55.26 16.79
N ASP K 66 61.65 55.68 16.92
CA ASP K 66 62.41 56.11 15.75
C ASP K 66 62.76 54.93 14.86
N SER K 67 63.11 53.79 15.46
CA SER K 67 63.42 52.59 14.71
C SER K 67 62.24 51.64 14.58
N TRP K 68 61.10 51.98 15.20
CA TRP K 68 59.87 51.18 15.18
C TRP K 68 60.10 49.75 15.68
N THR K 69 60.90 49.61 16.73
CA THR K 69 61.40 48.30 17.13
C THR K 69 61.08 48.01 18.59
N LEU K 70 60.69 46.78 18.87
CA LEU K 70 60.56 46.32 20.24
C LEU K 70 61.87 45.68 20.67
N ARG K 71 62.39 46.13 21.81
CA ARG K 71 63.55 45.51 22.43
C ARG K 71 63.08 44.59 23.55
N LEU K 72 63.47 43.33 23.46
CA LEU K 72 63.02 42.26 24.34
C LEU K 72 64.22 41.88 25.20
N HIS K 73 64.22 42.32 26.45
CA HIS K 73 65.35 42.12 27.35
C HIS K 73 65.16 40.88 28.20
N ASN K 74 66.29 40.28 28.59
CA ASN K 74 66.37 39.13 29.51
C ASN K 74 65.58 37.93 28.96
N LEU K 75 66.11 37.41 27.86
CA LEU K 75 65.48 36.30 27.16
C LEU K 75 65.49 35.03 28.01
N GLN K 76 64.45 34.21 27.84
CA GLN K 76 64.34 32.94 28.54
C GLN K 76 64.30 31.80 27.53
N ILE K 77 64.29 30.58 28.06
CA ILE K 77 64.31 29.39 27.21
C ILE K 77 62.93 29.12 26.61
N LYS K 78 61.86 29.58 27.29
CA LYS K 78 60.51 29.24 26.86
C LYS K 78 60.12 29.98 25.59
N ASP K 79 60.55 31.23 25.44
CA ASP K 79 60.11 32.07 24.33
C ASP K 79 60.99 31.83 23.10
N LYS K 80 60.75 30.67 22.47
CA LYS K 80 61.39 30.35 21.20
C LYS K 80 60.41 30.37 20.03
N GLY K 81 59.16 30.78 20.26
CA GLY K 81 58.19 30.82 19.19
C GLY K 81 58.25 32.08 18.35
N LEU K 82 57.50 32.07 17.25
CA LEU K 82 57.50 33.23 16.37
C LEU K 82 56.59 34.33 16.91
N TYR K 83 57.00 35.56 16.66
CA TYR K 83 56.31 36.75 17.16
C TYR K 83 55.87 37.59 15.98
N GLN K 84 54.63 38.08 16.02
CA GLN K 84 54.10 38.86 14.92
C GLN K 84 53.71 40.25 15.41
N CYS K 85 54.05 41.26 14.63
CA CYS K 85 53.73 42.63 14.98
C CYS K 85 52.63 43.14 14.06
N ILE K 86 51.63 43.77 14.66
CA ILE K 86 50.39 44.16 14.01
C ILE K 86 50.23 45.66 14.16
N ILE K 87 49.88 46.32 13.06
CA ILE K 87 49.81 47.76 12.95
C ILE K 87 48.41 48.09 12.44
N HIS K 88 47.60 48.73 13.28
CA HIS K 88 46.26 49.17 12.93
C HIS K 88 46.26 50.67 12.73
N HIS K 89 45.31 51.15 11.94
CA HIS K 89 45.13 52.58 11.68
C HIS K 89 43.79 53.00 12.29
N LYS K 90 43.85 53.74 13.39
CA LYS K 90 42.64 54.08 14.12
C LYS K 90 41.92 55.22 13.41
N LYS K 91 40.66 54.96 13.04
CA LYS K 91 39.76 55.93 12.47
C LYS K 91 38.47 55.89 13.28
N PRO K 92 37.81 57.03 13.50
CA PRO K 92 36.55 57.01 14.27
C PRO K 92 35.43 56.24 13.61
N THR K 93 35.48 56.03 12.30
CA THR K 93 34.50 55.15 11.67
C THR K 93 34.78 53.70 12.01
N GLY K 94 36.04 53.30 12.03
CA GLY K 94 36.43 51.94 12.35
C GLY K 94 37.93 51.76 12.30
N MET K 95 38.46 50.82 13.09
CA MET K 95 39.89 50.63 13.21
C MET K 95 40.35 49.65 12.13
N ILE K 96 41.23 50.10 11.25
CA ILE K 96 41.65 49.33 10.08
C ILE K 96 43.03 48.77 10.32
N ARG K 97 43.18 47.46 10.17
CA ARG K 97 44.52 46.87 10.21
C ARG K 97 45.21 47.14 8.89
N ILE K 98 46.36 47.83 8.93
CA ILE K 98 47.06 48.16 7.72
C ILE K 98 48.31 47.30 7.50
N HIS K 99 48.96 46.83 8.56
CA HIS K 99 50.23 46.15 8.34
C HIS K 99 50.30 45.03 9.37
N GLN K 100 50.75 43.86 8.96
CA GLN K 100 51.20 42.85 9.91
C GLN K 100 52.47 42.24 9.36
N MET K 101 53.28 41.70 10.25
CA MET K 101 54.50 40.99 9.83
C MET K 101 54.81 39.94 10.88
N ASN K 102 55.42 38.85 10.44
CA ASN K 102 55.78 37.74 11.30
C ASN K 102 57.30 37.56 11.28
N SER K 103 57.90 37.56 12.46
CA SER K 103 59.32 37.33 12.66
C SER K 103 59.51 36.15 13.60
N GLU K 104 60.75 35.70 13.72
CA GLU K 104 61.06 34.53 14.54
C GLU K 104 62.06 34.90 15.63
N LEU K 105 62.23 33.99 16.58
CA LEU K 105 63.12 34.21 17.72
C LEU K 105 63.71 32.90 18.16
N SER K 106 65.02 32.75 18.01
CA SER K 106 65.75 31.57 18.47
C SER K 106 66.87 32.01 19.40
N VAL K 107 66.95 31.39 20.56
CA VAL K 107 67.99 31.73 21.53
C VAL K 107 68.81 30.50 21.88
N LYS L 2 63.48 -12.59 -31.10
CA LYS L 2 64.20 -12.45 -29.83
C LYS L 2 65.64 -12.95 -30.01
N ILE L 3 66.57 -12.30 -29.30
CA ILE L 3 67.98 -12.59 -29.38
C ILE L 3 68.46 -13.05 -28.01
N GLN L 4 69.23 -14.13 -27.97
CA GLN L 4 69.79 -14.63 -26.73
C GLN L 4 71.30 -14.46 -26.73
N ALA L 5 71.91 -14.75 -25.58
CA ALA L 5 73.35 -14.66 -25.42
C ALA L 5 73.89 -15.96 -24.83
N TYR L 6 75.22 -16.07 -24.84
CA TYR L 6 75.91 -17.29 -24.44
C TYR L 6 76.32 -17.23 -22.98
N PHE L 7 77.24 -18.11 -22.58
CA PHE L 7 77.53 -18.44 -21.18
C PHE L 7 78.36 -17.34 -20.51
N ASN L 8 78.91 -17.68 -19.34
CA ASN L 8 79.51 -16.73 -18.39
C ASN L 8 80.87 -16.21 -18.84
N GLU L 9 80.93 -15.51 -19.97
CA GLU L 9 82.11 -14.72 -20.30
C GLU L 9 81.77 -13.24 -20.47
N THR L 10 80.86 -12.91 -21.38
CA THR L 10 80.41 -11.55 -21.65
C THR L 10 79.14 -11.61 -22.48
N ALA L 11 78.07 -10.97 -22.02
CA ALA L 11 76.80 -10.96 -22.73
C ALA L 11 76.68 -9.71 -23.58
N ASP L 12 76.18 -9.87 -24.80
CA ASP L 12 75.95 -8.76 -25.70
C ASP L 12 74.44 -8.51 -25.82
N LEU L 13 74.03 -7.27 -25.56
CA LEU L 13 72.62 -6.87 -25.58
C LEU L 13 72.48 -5.77 -26.62
N PRO L 14 72.09 -6.11 -27.85
CA PRO L 14 71.94 -5.08 -28.88
C PRO L 14 70.53 -4.54 -29.00
N CYS L 15 70.43 -3.23 -29.19
CA CYS L 15 69.12 -2.63 -29.43
C CYS L 15 68.65 -2.86 -30.86
N GLN L 16 69.59 -2.90 -31.81
CA GLN L 16 69.34 -3.05 -33.24
C GLN L 16 68.37 -1.98 -33.75
N PHE L 17 68.79 -0.73 -33.61
CA PHE L 17 68.02 0.40 -34.09
C PHE L 17 68.31 0.56 -35.58
N ALA L 18 67.25 0.56 -36.39
CA ALA L 18 67.42 0.78 -37.82
C ALA L 18 67.74 2.24 -38.12
N ASN L 19 67.24 3.16 -37.29
CA ASN L 19 67.39 4.61 -37.42
C ASN L 19 66.89 5.10 -38.78
N SER L 20 65.59 4.88 -39.01
CA SER L 20 64.99 5.16 -40.31
C SER L 20 64.92 6.66 -40.60
N GLN L 21 64.69 7.48 -39.57
CA GLN L 21 64.70 8.92 -39.76
C GLN L 21 66.13 9.47 -39.81
N ASN L 22 67.11 8.66 -39.37
CA ASN L 22 68.54 8.98 -39.37
C ASN L 22 68.83 10.21 -38.52
N GLN L 23 68.43 10.13 -37.25
CA GLN L 23 68.77 11.16 -36.29
C GLN L 23 70.04 10.77 -35.54
N SER L 24 70.69 11.77 -34.96
CA SER L 24 71.94 11.54 -34.25
C SER L 24 71.68 11.14 -32.81
N LEU L 25 72.70 10.55 -32.20
CA LEU L 25 72.65 10.10 -30.80
C LEU L 25 72.69 11.27 -29.83
N SER L 26 73.04 12.47 -30.31
CA SER L 26 73.18 13.64 -29.45
C SER L 26 71.87 14.05 -28.80
N GLU L 27 70.74 13.80 -29.46
CA GLU L 27 69.44 13.94 -28.81
C GLU L 27 68.72 12.60 -29.00
N LEU L 28 68.98 11.71 -28.05
CA LEU L 28 68.47 10.34 -28.00
C LEU L 28 68.74 9.80 -26.61
N VAL L 29 67.74 9.17 -26.00
CA VAL L 29 67.89 8.59 -24.66
C VAL L 29 67.83 7.08 -24.80
N VAL L 30 68.95 6.42 -24.55
CA VAL L 30 69.17 5.02 -24.92
C VAL L 30 69.46 4.27 -23.63
N PHE L 31 68.61 3.28 -23.30
CA PHE L 31 68.80 2.64 -22.01
C PHE L 31 68.22 1.24 -22.02
N TRP L 32 68.64 0.43 -21.05
CA TRP L 32 68.27 -0.98 -20.93
C TRP L 32 67.59 -1.21 -19.59
N GLN L 33 66.88 -2.35 -19.48
CA GLN L 33 66.09 -2.61 -18.28
C GLN L 33 65.81 -4.11 -18.15
N ASP L 34 65.79 -4.59 -16.90
CA ASP L 34 65.57 -5.97 -16.51
C ASP L 34 64.08 -6.33 -16.54
N GLN L 35 63.77 -7.64 -16.50
CA GLN L 35 62.38 -8.09 -16.49
C GLN L 35 61.67 -7.68 -15.19
N GLU L 36 62.40 -7.54 -14.10
CA GLU L 36 61.83 -7.02 -12.86
C GLU L 36 61.89 -5.51 -12.82
N ASN L 37 62.20 -4.89 -13.96
CA ASN L 37 61.99 -3.47 -14.24
C ASN L 37 62.97 -2.59 -13.46
N LEU L 38 64.25 -2.97 -13.52
CA LEU L 38 65.35 -2.19 -12.96
C LEU L 38 66.23 -1.71 -14.09
N VAL L 39 66.57 -0.43 -14.09
CA VAL L 39 67.37 0.15 -15.16
C VAL L 39 68.79 -0.39 -15.09
N LEU L 40 69.33 -0.74 -16.26
CA LEU L 40 70.65 -1.34 -16.43
C LEU L 40 71.74 -0.29 -16.65
N ASN L 41 71.61 0.46 -17.73
CA ASN L 41 72.44 1.60 -18.07
C ASN L 41 71.53 2.71 -18.52
N GLU L 42 72.03 3.93 -18.49
CA GLU L 42 71.31 5.10 -18.98
C GLU L 42 72.25 5.93 -19.83
N VAL L 43 71.74 6.43 -20.96
CA VAL L 43 72.41 7.45 -21.76
C VAL L 43 71.44 8.61 -21.92
N TYR L 44 71.87 9.81 -21.55
CA TYR L 44 70.93 10.94 -21.62
C TYR L 44 71.09 11.72 -22.92
N LEU L 45 72.26 12.29 -23.17
CA LEU L 45 72.57 12.90 -24.47
C LEU L 45 73.96 12.50 -24.92
N GLY L 46 74.32 11.23 -24.72
CA GLY L 46 75.67 10.78 -24.97
C GLY L 46 76.54 10.66 -23.73
N LYS L 47 76.00 10.97 -22.56
CA LYS L 47 76.70 10.83 -21.29
C LYS L 47 75.96 9.83 -20.43
N GLU L 48 76.69 8.86 -19.88
CA GLU L 48 76.08 7.86 -19.02
C GLU L 48 75.71 8.47 -17.66
N LYS L 49 74.49 8.19 -17.22
CA LYS L 49 74.01 8.64 -15.92
C LYS L 49 73.71 7.43 -15.04
N PHE L 50 74.20 7.46 -13.80
CA PHE L 50 74.16 6.30 -12.93
C PHE L 50 73.22 6.47 -11.75
N ASP L 51 72.42 7.54 -11.72
CA ASP L 51 71.55 7.77 -10.57
C ASP L 51 70.37 6.82 -10.57
N SER L 52 69.78 6.55 -11.73
CA SER L 52 68.67 5.62 -11.81
C SER L 52 69.10 4.17 -11.95
N VAL L 53 70.40 3.92 -12.08
CA VAL L 53 70.90 2.55 -12.18
C VAL L 53 70.81 1.90 -10.81
N HIS L 54 70.23 0.69 -10.76
CA HIS L 54 70.13 -0.03 -9.50
C HIS L 54 71.49 -0.50 -9.01
N SER L 55 71.59 -0.62 -7.68
CA SER L 55 72.85 -0.96 -7.03
C SER L 55 73.32 -2.37 -7.33
N LYS L 56 72.42 -3.28 -7.69
CA LYS L 56 72.85 -4.63 -8.02
C LYS L 56 73.53 -4.66 -9.37
N TYR L 57 73.19 -3.75 -10.27
CA TYR L 57 73.94 -3.61 -11.53
C TYR L 57 74.89 -2.42 -11.54
N MET L 58 75.33 -1.95 -10.37
CA MET L 58 76.15 -0.75 -10.31
C MET L 58 77.59 -1.12 -10.66
N GLY L 59 78.17 -0.39 -11.60
CA GLY L 59 79.59 -0.52 -11.93
C GLY L 59 79.97 -1.86 -12.54
N ARG L 60 79.10 -2.44 -13.35
CA ARG L 60 79.30 -3.79 -13.86
C ARG L 60 78.89 -3.95 -15.31
N THR L 61 78.49 -2.88 -15.99
CA THR L 61 78.03 -2.89 -17.37
C THR L 61 78.80 -1.87 -18.19
N SER L 62 78.87 -2.09 -19.49
CA SER L 62 79.54 -1.17 -20.40
C SER L 62 78.68 -0.91 -21.62
N PHE L 63 78.93 0.22 -22.28
CA PHE L 63 78.13 0.65 -23.42
C PHE L 63 79.06 0.93 -24.58
N ASP L 64 78.64 0.50 -25.79
CA ASP L 64 79.35 0.78 -27.03
C ASP L 64 78.41 1.51 -27.96
N SER L 65 78.80 2.71 -28.37
CA SER L 65 77.92 3.58 -29.15
C SER L 65 77.94 3.26 -30.64
N ASP L 66 79.08 2.77 -31.16
CA ASP L 66 79.16 2.46 -32.58
C ASP L 66 78.32 1.24 -32.93
N SER L 67 78.31 0.24 -32.06
CA SER L 67 77.51 -0.95 -32.27
C SER L 67 76.17 -0.91 -31.54
N TRP L 68 75.91 0.16 -30.77
CA TRP L 68 74.67 0.36 -30.01
C TRP L 68 74.39 -0.79 -29.05
N THR L 69 75.43 -1.30 -28.40
CA THR L 69 75.33 -2.56 -27.68
C THR L 69 75.77 -2.39 -26.23
N LEU L 70 75.04 -3.03 -25.32
CA LEU L 70 75.47 -3.12 -23.93
C LEU L 70 76.27 -4.40 -23.75
N ARG L 71 77.47 -4.27 -23.19
CA ARG L 71 78.28 -5.43 -22.82
C ARG L 71 78.11 -5.67 -21.32
N LEU L 72 77.70 -6.88 -20.98
CA LEU L 72 77.33 -7.27 -19.63
C LEU L 72 78.42 -8.24 -19.17
N HIS L 73 79.33 -7.77 -18.32
CA HIS L 73 80.48 -8.54 -17.88
C HIS L 73 80.20 -9.26 -16.57
N ASN L 74 80.87 -10.40 -16.38
CA ASN L 74 80.85 -11.19 -15.14
C ASN L 74 79.42 -11.64 -14.80
N LEU L 75 78.91 -12.50 -15.67
CA LEU L 75 77.55 -13.01 -15.54
C LEU L 75 77.38 -13.86 -14.29
N GLN L 76 76.20 -13.81 -13.71
CA GLN L 76 75.86 -14.61 -12.54
C GLN L 76 74.71 -15.57 -12.87
N ILE L 77 74.39 -16.41 -11.89
CA ILE L 77 73.34 -17.41 -12.09
C ILE L 77 71.96 -16.77 -11.98
N LYS L 78 71.83 -15.67 -11.25
CA LYS L 78 70.53 -15.08 -10.97
C LYS L 78 69.94 -14.42 -12.21
N ASP L 79 70.78 -13.79 -13.03
CA ASP L 79 70.30 -13.00 -14.17
C ASP L 79 70.07 -13.90 -15.39
N LYS L 80 69.01 -14.68 -15.32
CA LYS L 80 68.57 -15.50 -16.45
C LYS L 80 67.30 -14.98 -17.09
N GLY L 81 66.78 -13.84 -16.65
CA GLY L 81 65.56 -13.30 -17.21
C GLY L 81 65.78 -12.49 -18.47
N LEU L 82 64.67 -12.13 -19.12
CA LEU L 82 64.75 -11.37 -20.36
C LEU L 82 65.00 -9.90 -20.07
N TYR L 83 65.75 -9.26 -20.96
CA TYR L 83 66.16 -7.87 -20.82
C TYR L 83 65.64 -7.09 -22.01
N GLN L 84 65.07 -5.92 -21.77
CA GLN L 84 64.50 -5.11 -22.83
C GLN L 84 65.20 -3.76 -22.89
N CYS L 85 65.51 -3.33 -24.11
CA CYS L 85 66.16 -2.04 -24.30
C CYS L 85 65.18 -1.05 -24.91
N ILE L 86 65.15 0.13 -24.32
CA ILE L 86 64.16 1.17 -24.60
C ILE L 86 64.88 2.41 -25.08
N ILE L 87 64.37 3.00 -26.15
CA ILE L 87 64.99 4.12 -26.85
C ILE L 87 63.93 5.21 -26.93
N HIS L 88 64.17 6.31 -26.23
CA HIS L 88 63.30 7.48 -26.24
C HIS L 88 63.94 8.58 -27.06
N HIS L 89 63.11 9.47 -27.60
CA HIS L 89 63.56 10.62 -28.37
C HIS L 89 63.20 11.87 -27.58
N LYS L 90 64.21 12.53 -27.01
CA LYS L 90 63.98 13.66 -26.14
C LYS L 90 63.66 14.90 -26.96
N LYS L 91 62.49 15.48 -26.71
CA LYS L 91 62.05 16.73 -27.30
C LYS L 91 61.62 17.63 -26.16
N PRO L 92 61.86 18.94 -26.25
CA PRO L 92 61.44 19.85 -25.16
C PRO L 92 59.93 19.92 -24.98
N THR L 93 59.14 19.58 -25.99
CA THR L 93 57.69 19.49 -25.79
C THR L 93 57.34 18.25 -24.96
N GLY L 94 58.01 17.13 -25.21
CA GLY L 94 57.76 15.91 -24.49
C GLY L 94 58.66 14.78 -24.98
N MET L 95 58.96 13.83 -24.10
CA MET L 95 59.91 12.76 -24.42
C MET L 95 59.13 11.61 -25.04
N ILE L 96 59.46 11.26 -26.29
CA ILE L 96 58.71 10.27 -27.06
C ILE L 96 59.51 8.98 -27.10
N ARG L 97 58.87 7.88 -26.71
CA ARG L 97 59.49 6.58 -26.88
C ARG L 97 59.37 6.17 -28.34
N ILE L 98 60.51 5.94 -29.00
CA ILE L 98 60.49 5.58 -30.40
C ILE L 98 60.77 4.11 -30.64
N HIS L 99 61.55 3.45 -29.79
CA HIS L 99 61.95 2.09 -30.11
C HIS L 99 62.00 1.33 -28.79
N GLN L 100 61.49 0.10 -28.79
CA GLN L 100 61.80 -0.83 -27.72
C GLN L 100 62.05 -2.18 -28.35
N MET L 101 62.82 -3.01 -27.65
CA MET L 101 63.05 -4.38 -28.12
C MET L 101 63.31 -5.25 -26.90
N ASN L 102 62.93 -6.52 -27.01
CA ASN L 102 63.09 -7.48 -25.93
C ASN L 102 64.01 -8.61 -26.40
N SER L 103 65.06 -8.86 -25.63
CA SER L 103 66.01 -9.93 -25.87
C SER L 103 66.06 -10.83 -24.63
N GLU L 104 66.73 -11.96 -24.77
CA GLU L 104 66.81 -12.94 -23.69
C GLU L 104 68.26 -13.19 -23.30
N LEU L 105 68.44 -13.87 -22.17
CA LEU L 105 69.77 -14.15 -21.64
C LEU L 105 69.74 -15.47 -20.89
N SER L 106 70.47 -16.45 -21.42
CA SER L 106 70.62 -17.75 -20.78
C SER L 106 72.10 -18.04 -20.60
N VAL L 107 72.49 -18.43 -19.39
CA VAL L 107 73.88 -18.73 -19.09
C VAL L 107 74.01 -20.16 -18.56
N LYS M 2 19.19 -54.62 -42.46
CA LYS M 2 20.41 -54.86 -41.69
C LYS M 2 21.04 -56.18 -42.10
N ILE M 3 22.37 -56.23 -42.09
CA ILE M 3 23.13 -57.40 -42.51
C ILE M 3 23.93 -57.89 -41.31
N GLN M 4 23.91 -59.20 -41.07
CA GLN M 4 24.68 -59.80 -40.00
C GLN M 4 25.80 -60.66 -40.58
N ALA M 5 26.65 -61.15 -39.69
CA ALA M 5 27.76 -62.02 -40.08
C ALA M 5 27.76 -63.27 -39.20
N TYR M 6 28.59 -64.23 -39.60
CA TYR M 6 28.63 -65.55 -38.99
C TYR M 6 29.71 -65.61 -37.90
N PHE M 7 30.09 -66.82 -37.50
CA PHE M 7 30.85 -67.09 -36.30
C PHE M 7 32.33 -66.75 -36.46
N ASN M 8 33.13 -67.23 -35.51
CA ASN M 8 34.53 -66.81 -35.31
C ASN M 8 35.48 -67.38 -36.36
N GLU M 9 35.29 -67.02 -37.63
CA GLU M 9 36.33 -67.26 -38.64
C GLU M 9 36.78 -65.96 -39.29
N THR M 10 35.85 -65.20 -39.90
CA THR M 10 36.11 -63.93 -40.56
C THR M 10 34.78 -63.23 -40.80
N ALA M 11 34.64 -62.00 -40.33
CA ALA M 11 33.41 -61.23 -40.50
C ALA M 11 33.54 -60.32 -41.72
N ASP M 12 32.48 -60.25 -42.51
CA ASP M 12 32.42 -59.36 -43.66
C ASP M 12 31.48 -58.21 -43.37
N LEU M 13 31.98 -56.99 -43.54
CA LEU M 13 31.21 -55.77 -43.26
C LEU M 13 31.15 -54.97 -44.55
N PRO M 14 30.07 -55.10 -45.32
CA PRO M 14 29.96 -54.35 -46.57
C PRO M 14 29.21 -53.04 -46.43
N CYS M 15 29.73 -52.02 -47.11
CA CYS M 15 29.04 -50.74 -47.14
C CYS M 15 27.85 -50.75 -48.09
N GLN M 16 27.96 -51.52 -49.18
CA GLN M 16 26.95 -51.62 -50.25
C GLN M 16 26.59 -50.25 -50.81
N PHE M 17 27.60 -49.58 -51.36
CA PHE M 17 27.41 -48.29 -51.99
C PHE M 17 26.91 -48.53 -53.40
N ALA M 18 25.76 -47.93 -53.73
CA ALA M 18 25.24 -48.03 -55.09
C ALA M 18 26.06 -47.20 -56.06
N ASN M 19 26.64 -46.08 -55.58
CA ASN M 19 27.42 -45.12 -56.36
C ASN M 19 26.62 -44.59 -57.55
N SER M 20 25.51 -43.92 -57.22
CA SER M 20 24.57 -43.46 -58.23
C SER M 20 25.14 -42.34 -59.09
N GLN M 21 25.95 -41.47 -58.49
CA GLN M 21 26.61 -40.41 -59.26
C GLN M 21 27.82 -40.96 -60.01
N ASN M 22 28.29 -42.14 -59.63
CA ASN M 22 29.44 -42.86 -60.23
C ASN M 22 30.72 -42.04 -60.13
N GLN M 23 31.07 -41.68 -58.91
CA GLN M 23 32.34 -41.03 -58.63
C GLN M 23 33.39 -42.08 -58.25
N SER M 24 34.65 -41.70 -58.41
CA SER M 24 35.74 -42.61 -58.14
C SER M 24 36.12 -42.57 -56.66
N LEU M 25 36.83 -43.61 -56.23
CA LEU M 25 37.28 -43.75 -54.85
C LEU M 25 38.44 -42.81 -54.54
N SER M 26 39.04 -42.19 -55.57
CA SER M 26 40.20 -41.33 -55.38
C SER M 26 39.86 -40.08 -54.58
N GLU M 27 38.63 -39.60 -54.64
CA GLU M 27 38.15 -38.55 -53.73
C GLU M 27 36.88 -39.11 -53.08
N LEU M 28 37.09 -39.83 -51.97
CA LEU M 28 36.07 -40.50 -51.20
C LEU M 28 36.70 -40.93 -49.88
N VAL M 29 36.03 -40.67 -48.77
CA VAL M 29 36.52 -41.04 -47.46
C VAL M 29 35.62 -42.15 -46.91
N VAL M 30 36.17 -43.35 -46.80
CA VAL M 30 35.39 -44.57 -46.58
C VAL M 30 35.88 -45.17 -45.28
N PHE M 31 34.97 -45.32 -44.31
CA PHE M 31 35.45 -45.77 -43.00
C PHE M 31 34.32 -46.43 -42.22
N TRP M 32 34.70 -47.20 -41.20
CA TRP M 32 33.79 -47.98 -40.38
C TRP M 32 33.90 -47.57 -38.93
N GLN M 33 32.90 -47.92 -38.12
CA GLN M 33 32.85 -47.47 -36.73
C GLN M 33 31.95 -48.38 -35.89
N ASP M 34 32.35 -48.58 -34.64
CA ASP M 34 31.69 -49.42 -33.64
C ASP M 34 30.49 -48.70 -33.03
N GLN M 35 29.62 -49.46 -32.34
CA GLN M 35 28.46 -48.88 -31.68
C GLN M 35 28.85 -47.97 -30.52
N GLU M 36 30.01 -48.22 -29.90
CA GLU M 36 30.54 -47.32 -28.90
C GLU M 36 31.39 -46.23 -29.51
N ASN M 37 31.32 -46.10 -30.85
CA ASN M 37 31.77 -44.93 -31.61
C ASN M 37 33.30 -44.84 -31.64
N LEU M 38 33.92 -45.97 -31.96
CA LEU M 38 35.37 -46.05 -32.18
C LEU M 38 35.60 -46.42 -33.64
N VAL M 39 36.51 -45.68 -34.28
CA VAL M 39 36.79 -45.90 -35.69
C VAL M 39 37.50 -47.23 -35.89
N LEU M 40 37.07 -47.98 -36.90
CA LEU M 40 37.56 -49.31 -37.23
C LEU M 40 38.71 -49.28 -38.22
N ASN M 41 38.45 -48.75 -39.41
CA ASN M 41 39.43 -48.50 -40.45
C ASN M 41 39.16 -47.12 -40.99
N GLU M 42 40.14 -46.54 -41.65
CA GLU M 42 40.00 -45.25 -42.32
C GLU M 42 40.63 -45.35 -43.70
N VAL M 43 39.94 -44.78 -44.69
CA VAL M 43 40.50 -44.55 -46.02
C VAL M 43 40.36 -43.06 -46.32
N TYR M 44 41.47 -42.40 -46.66
CA TYR M 44 41.39 -40.96 -46.88
C TYR M 44 41.22 -40.63 -48.37
N LEU M 45 42.17 -41.01 -49.20
CA LEU M 45 42.02 -40.90 -50.65
C LEU M 45 42.51 -42.17 -51.34
N GLY M 46 42.20 -43.33 -50.75
CA GLY M 46 42.75 -44.58 -51.21
C GLY M 46 43.92 -45.10 -50.42
N LYS M 47 44.34 -44.39 -49.38
CA LYS M 47 45.40 -44.81 -48.48
C LYS M 47 44.83 -44.97 -47.08
N GLU M 48 45.11 -46.10 -46.45
CA GLU M 48 44.63 -46.35 -45.10
C GLU M 48 45.41 -45.50 -44.10
N LYS M 49 44.68 -44.85 -43.19
CA LYS M 49 45.27 -44.04 -42.12
C LYS M 49 44.91 -44.65 -40.78
N PHE M 50 45.90 -44.81 -39.91
CA PHE M 50 45.73 -45.55 -38.67
C PHE M 50 45.81 -44.67 -37.43
N ASP M 51 45.84 -43.34 -37.60
CA ASP M 51 45.97 -42.47 -36.44
C ASP M 51 44.68 -42.39 -35.63
N SER M 52 43.54 -42.35 -36.32
CA SER M 52 42.26 -42.30 -35.62
C SER M 52 41.73 -43.69 -35.27
N VAL M 53 42.41 -44.75 -35.71
CA VAL M 53 41.98 -46.10 -35.37
C VAL M 53 42.30 -46.38 -33.91
N HIS M 54 41.31 -46.88 -33.17
CA HIS M 54 41.53 -47.21 -31.76
C HIS M 54 42.47 -48.40 -31.61
N SER M 55 43.16 -48.41 -30.47
CA SER M 55 44.18 -49.41 -30.20
C SER M 55 43.61 -50.81 -30.01
N LYS M 56 42.34 -50.93 -29.62
CA LYS M 56 41.75 -52.25 -29.47
C LYS M 56 41.49 -52.89 -30.83
N TYR M 57 41.26 -52.08 -31.86
CA TYR M 57 41.18 -52.61 -33.22
C TYR M 57 42.44 -52.36 -34.04
N MET M 58 43.58 -52.17 -33.41
CA MET M 58 44.79 -51.81 -34.14
C MET M 58 45.39 -53.07 -34.75
N GLY M 59 45.67 -53.02 -36.05
CA GLY M 59 46.38 -54.08 -36.74
C GLY M 59 45.63 -55.39 -36.82
N ARG M 60 44.31 -55.35 -36.96
CA ARG M 60 43.49 -56.54 -36.89
C ARG M 60 42.36 -56.56 -37.91
N THR M 61 42.29 -55.57 -38.80
CA THR M 61 41.24 -55.43 -39.80
C THR M 61 41.87 -55.27 -41.18
N SER M 62 41.11 -55.64 -42.22
CA SER M 62 41.56 -55.49 -43.60
C SER M 62 40.47 -54.87 -44.44
N PHE M 63 40.88 -54.27 -45.56
CA PHE M 63 39.97 -53.55 -46.44
C PHE M 63 40.13 -54.10 -47.86
N ASP M 64 39.00 -54.27 -48.54
CA ASP M 64 38.97 -54.69 -49.94
C ASP M 64 38.21 -53.62 -50.73
N SER M 65 38.88 -53.03 -51.72
CA SER M 65 38.34 -51.90 -52.44
C SER M 65 37.40 -52.32 -53.57
N ASP M 66 37.64 -53.48 -54.19
CA ASP M 66 36.79 -53.93 -55.27
C ASP M 66 35.41 -54.32 -54.77
N SER M 67 35.34 -54.97 -53.61
CA SER M 67 34.07 -55.35 -53.02
C SER M 67 33.57 -54.35 -51.98
N TRP M 68 34.35 -53.28 -51.70
CA TRP M 68 34.02 -52.24 -50.72
C TRP M 68 33.73 -52.81 -49.34
N THR M 69 34.52 -53.79 -48.92
CA THR M 69 34.18 -54.58 -47.75
C THR M 69 35.33 -54.58 -46.76
N LEU M 70 34.98 -54.47 -45.47
CA LEU M 70 35.96 -54.67 -44.40
C LEU M 70 35.92 -56.12 -43.98
N ARG M 71 37.09 -56.76 -43.95
CA ARG M 71 37.23 -58.10 -43.42
C ARG M 71 37.78 -58.01 -42.00
N LEU M 72 37.06 -58.60 -41.06
CA LEU M 72 37.32 -58.49 -39.63
C LEU M 72 37.78 -59.88 -39.19
N HIS M 73 39.10 -60.03 -38.98
CA HIS M 73 39.69 -61.32 -38.67
C HIS M 73 39.82 -61.51 -37.17
N ASN M 74 39.78 -62.77 -36.74
CA ASN M 74 40.02 -63.23 -35.36
C ASN M 74 39.00 -62.57 -34.41
N LEU M 75 37.75 -62.97 -34.61
CA LEU M 75 36.63 -62.44 -33.83
C LEU M 75 36.74 -62.82 -32.36
N GLN M 76 36.26 -61.93 -31.50
CA GLN M 76 36.24 -62.18 -30.06
C GLN M 76 34.80 -62.16 -29.55
N ILE M 77 34.66 -62.46 -28.26
CA ILE M 77 33.34 -62.54 -27.67
C ILE M 77 32.79 -61.14 -27.38
N LYS M 78 33.66 -60.16 -27.19
CA LYS M 78 33.22 -58.84 -26.77
C LYS M 78 32.51 -58.09 -27.90
N ASP M 79 32.98 -58.27 -29.14
CA ASP M 79 32.47 -57.50 -30.27
C ASP M 79 31.21 -58.16 -30.84
N LYS M 80 30.12 -58.03 -30.10
CA LYS M 80 28.81 -58.47 -30.57
C LYS M 80 27.88 -57.31 -30.90
N GLY M 81 28.36 -56.08 -30.84
CA GLY M 81 27.52 -54.93 -31.13
C GLY M 81 27.43 -54.61 -32.62
N LEU M 82 26.51 -53.71 -32.95
CA LEU M 82 26.31 -53.32 -34.34
C LEU M 82 27.40 -52.36 -34.80
N TYR M 83 27.77 -52.49 -36.07
CA TYR M 83 28.84 -51.71 -36.68
C TYR M 83 28.26 -50.92 -37.83
N GLN M 84 28.62 -49.65 -37.94
CA GLN M 84 28.10 -48.79 -38.99
C GLN M 84 29.23 -48.26 -39.84
N CYS M 85 29.03 -48.27 -41.15
CA CYS M 85 30.04 -47.77 -42.07
C CYS M 85 29.56 -46.46 -42.68
N ILE M 86 30.46 -45.49 -42.68
CA ILE M 86 30.18 -44.10 -43.01
C ILE M 86 31.06 -43.71 -44.19
N ILE M 87 30.46 -43.05 -45.17
CA ILE M 87 31.09 -42.71 -46.44
C ILE M 87 30.90 -41.21 -46.62
N HIS M 88 32.00 -40.46 -46.57
CA HIS M 88 32.01 -39.02 -46.79
C HIS M 88 32.59 -38.71 -48.16
N HIS M 89 32.20 -37.58 -48.72
CA HIS M 89 32.71 -37.10 -50.00
C HIS M 89 33.52 -35.85 -49.75
N LYS M 90 34.84 -35.96 -49.88
CA LYS M 90 35.73 -34.86 -49.54
C LYS M 90 35.73 -33.82 -50.65
N LYS M 91 35.37 -32.60 -50.31
CA LYS M 91 35.41 -31.45 -51.19
C LYS M 91 36.19 -30.35 -50.46
N PRO M 92 36.99 -29.55 -51.17
CA PRO M 92 37.73 -28.48 -50.49
C PRO M 92 36.86 -27.41 -49.87
N THR M 93 35.61 -27.25 -50.32
CA THR M 93 34.69 -26.36 -49.63
C THR M 93 34.25 -26.94 -48.29
N GLY M 94 33.98 -28.24 -48.25
CA GLY M 94 33.56 -28.91 -47.04
C GLY M 94 33.33 -30.39 -47.27
N MET M 95 33.50 -31.21 -46.23
CA MET M 95 33.42 -32.65 -46.36
C MET M 95 31.98 -33.08 -46.14
N ILE M 96 31.37 -33.69 -47.16
CA ILE M 96 29.94 -34.02 -47.15
C ILE M 96 29.79 -35.50 -46.89
N ARG M 97 28.99 -35.86 -45.88
CA ARG M 97 28.64 -37.26 -45.68
C ARG M 97 27.58 -37.65 -46.71
N ILE M 98 27.89 -38.64 -47.54
CA ILE M 98 26.95 -39.05 -48.57
C ILE M 98 26.25 -40.36 -48.24
N HIS M 99 26.89 -41.27 -47.49
CA HIS M 99 26.28 -42.58 -47.32
C HIS M 99 26.61 -43.03 -45.91
N GLN M 100 25.64 -43.60 -45.21
CA GLN M 100 25.93 -44.38 -44.03
C GLN M 100 25.06 -45.63 -44.07
N MET M 101 25.51 -46.67 -43.39
CA MET M 101 24.72 -47.89 -43.28
C MET M 101 25.07 -48.56 -41.97
N ASN M 102 24.11 -49.28 -41.40
CA ASN M 102 24.29 -49.97 -40.14
C ASN M 102 24.08 -51.46 -40.35
N SER M 103 25.05 -52.26 -39.94
CA SER M 103 25.01 -53.71 -40.01
C SER M 103 25.24 -54.27 -38.61
N GLU M 104 25.03 -55.58 -38.46
CA GLU M 104 25.13 -56.24 -37.17
C GLU M 104 26.20 -57.33 -37.22
N LEU M 105 26.56 -57.82 -36.04
CA LEU M 105 27.59 -58.85 -35.92
C LEU M 105 27.28 -59.72 -34.72
N SER M 106 26.99 -61.00 -34.98
CA SER M 106 26.75 -61.99 -33.95
C SER M 106 27.69 -63.17 -34.16
N VAL M 107 28.39 -63.57 -33.10
CA VAL M 107 29.33 -64.67 -33.19
C VAL M 107 28.96 -65.75 -32.18
N LYS N 2 -38.25 -58.02 -18.71
CA LYS N 2 -37.14 -58.93 -18.39
C LYS N 2 -37.62 -60.37 -18.39
N ILE N 3 -36.74 -61.27 -18.82
CA ILE N 3 -37.04 -62.69 -18.94
C ILE N 3 -36.12 -63.46 -18.01
N GLN N 4 -36.67 -64.39 -17.24
CA GLN N 4 -35.88 -65.23 -16.36
C GLN N 4 -35.88 -66.67 -16.86
N ALA N 5 -35.07 -67.50 -16.21
CA ALA N 5 -34.98 -68.91 -16.54
C ALA N 5 -35.14 -69.76 -15.28
N TYR N 6 -35.29 -71.06 -15.49
CA TYR N 6 -35.60 -72.00 -14.43
C TYR N 6 -34.32 -72.64 -13.88
N PHE N 7 -34.48 -73.75 -13.15
CA PHE N 7 -33.46 -74.32 -12.29
C PHE N 7 -32.37 -75.05 -13.08
N ASN N 8 -31.57 -75.84 -12.37
CA ASN N 8 -30.32 -76.41 -12.86
C ASN N 8 -30.52 -77.58 -13.83
N GLU N 9 -31.14 -77.32 -14.98
CA GLU N 9 -31.12 -78.27 -16.08
C GLU N 9 -30.49 -77.67 -17.33
N THR N 10 -31.06 -76.58 -17.83
CA THR N 10 -30.59 -75.86 -19.03
C THR N 10 -31.26 -74.50 -19.07
N ALA N 11 -30.48 -73.43 -19.14
CA ALA N 11 -31.01 -72.08 -19.19
C ALA N 11 -31.11 -71.61 -20.64
N ASP N 12 -32.21 -70.95 -20.96
CA ASP N 12 -32.42 -70.37 -22.28
C ASP N 12 -32.30 -68.86 -22.20
N LEU N 13 -31.44 -68.28 -23.03
CA LEU N 13 -31.18 -66.85 -23.05
C LEU N 13 -31.51 -66.35 -24.45
N PRO N 14 -32.72 -65.83 -24.66
CA PRO N 14 -33.09 -65.33 -25.99
C PRO N 14 -32.83 -63.85 -26.17
N CYS N 15 -32.34 -63.49 -27.36
CA CYS N 15 -32.16 -62.08 -27.68
C CYS N 15 -33.49 -61.43 -28.05
N GLN N 16 -34.39 -62.18 -28.69
CA GLN N 16 -35.69 -61.72 -29.19
C GLN N 16 -35.53 -60.52 -30.11
N PHE N 17 -34.81 -60.74 -31.20
CA PHE N 17 -34.61 -59.71 -32.21
C PHE N 17 -35.84 -59.72 -33.12
N ALA N 18 -36.48 -58.55 -33.26
CA ALA N 18 -37.61 -58.45 -34.17
C ALA N 18 -37.15 -58.46 -35.63
N ASN N 19 -35.94 -57.95 -35.89
CA ASN N 19 -35.33 -57.83 -37.22
C ASN N 19 -36.24 -57.03 -38.16
N SER N 20 -36.48 -55.77 -37.79
CA SER N 20 -37.42 -54.93 -38.51
C SER N 20 -36.92 -54.55 -39.90
N GLN N 21 -35.60 -54.36 -40.05
CA GLN N 21 -35.05 -54.09 -41.37
C GLN N 21 -34.90 -55.37 -42.19
N ASN N 22 -34.99 -56.53 -41.52
CA ASN N 22 -34.91 -57.87 -42.12
C ASN N 22 -33.58 -58.08 -42.83
N GLN N 23 -32.50 -57.92 -42.07
CA GLN N 23 -31.17 -58.24 -42.56
C GLN N 23 -30.79 -59.65 -42.16
N SER N 24 -29.84 -60.22 -42.89
CA SER N 24 -29.41 -61.59 -42.65
C SER N 24 -28.35 -61.64 -41.56
N LEU N 25 -28.17 -62.84 -41.00
CA LEU N 25 -27.20 -63.10 -39.95
C LEU N 25 -25.77 -63.10 -40.49
N SER N 26 -25.61 -63.16 -41.82
CA SER N 26 -24.29 -63.24 -42.43
C SER N 26 -23.44 -61.99 -42.17
N GLU N 27 -24.06 -60.83 -42.00
CA GLU N 27 -23.36 -59.64 -41.52
C GLU N 27 -24.16 -59.14 -40.30
N LEU N 28 -23.79 -59.71 -39.15
CA LEU N 28 -24.40 -59.47 -37.85
C LEU N 28 -23.49 -60.06 -36.79
N VAL N 29 -23.21 -59.29 -35.74
CA VAL N 29 -22.37 -59.75 -34.65
C VAL N 29 -23.23 -59.93 -33.42
N VAL N 30 -23.42 -61.18 -32.99
CA VAL N 30 -24.45 -61.56 -32.04
C VAL N 30 -23.73 -62.18 -30.85
N PHE N 31 -23.89 -61.60 -29.67
CA PHE N 31 -23.10 -62.10 -28.54
C PHE N 31 -23.78 -61.77 -27.22
N TRP N 32 -23.37 -62.49 -26.18
CA TRP N 32 -23.94 -62.39 -24.84
C TRP N 32 -22.87 -61.99 -23.84
N GLN N 33 -23.30 -61.51 -22.67
CA GLN N 33 -22.35 -60.99 -21.68
C GLN N 33 -22.96 -61.00 -20.28
N ASP N 34 -22.11 -61.26 -19.28
CA ASP N 34 -22.47 -61.35 -17.87
C ASP N 34 -22.58 -59.95 -17.24
N GLN N 35 -23.18 -59.89 -16.04
CA GLN N 35 -23.31 -58.62 -15.33
C GLN N 35 -21.96 -58.07 -14.88
N GLU N 36 -20.98 -58.95 -14.66
CA GLU N 36 -19.63 -58.51 -14.39
C GLU N 36 -18.82 -58.32 -15.66
N ASN N 37 -19.52 -58.32 -16.81
CA ASN N 37 -19.04 -57.82 -18.10
C ASN N 37 -17.98 -58.76 -18.69
N LEU N 38 -18.31 -60.04 -18.69
CA LEU N 38 -17.49 -61.08 -19.34
C LEU N 38 -18.30 -61.66 -20.49
N VAL N 39 -17.65 -61.78 -21.66
CA VAL N 39 -18.34 -62.28 -22.84
C VAL N 39 -18.65 -63.76 -22.69
N LEU N 40 -19.87 -64.15 -23.08
CA LEU N 40 -20.38 -65.51 -22.94
C LEU N 40 -20.12 -66.34 -24.18
N ASN N 41 -20.67 -65.91 -25.31
CA ASN N 41 -20.43 -66.48 -26.63
C ASN N 41 -20.22 -65.32 -27.58
N GLU N 42 -19.61 -65.60 -28.72
CA GLU N 42 -19.40 -64.63 -29.77
C GLU N 42 -19.78 -65.24 -31.10
N VAL N 43 -20.48 -64.49 -31.93
CA VAL N 43 -20.70 -64.82 -33.34
C VAL N 43 -20.20 -63.65 -34.17
N TYR N 44 -19.30 -63.92 -35.12
CA TYR N 44 -18.74 -62.82 -35.89
C TYR N 44 -19.49 -62.62 -37.21
N LEU N 45 -19.48 -63.62 -38.09
CA LEU N 45 -20.31 -63.59 -39.29
C LEU N 45 -21.00 -64.94 -39.50
N GLY N 46 -21.47 -65.54 -38.40
CA GLY N 46 -22.00 -66.89 -38.45
C GLY N 46 -21.04 -67.95 -37.96
N LYS N 47 -19.83 -67.58 -37.54
CA LYS N 47 -18.86 -68.50 -36.98
C LYS N 47 -18.57 -68.09 -35.55
N GLU N 48 -18.62 -69.05 -34.63
CA GLU N 48 -18.34 -68.77 -33.23
C GLU N 48 -16.85 -68.53 -33.02
N LYS N 49 -16.52 -67.47 -32.29
CA LYS N 49 -15.14 -67.14 -31.94
C LYS N 49 -14.98 -67.22 -30.43
N PHE N 50 -13.92 -67.88 -29.99
CA PHE N 50 -13.75 -68.20 -28.57
C PHE N 50 -12.59 -67.44 -27.93
N ASP N 51 -11.98 -66.48 -28.65
CA ASP N 51 -10.82 -65.80 -28.09
C ASP N 51 -11.22 -64.81 -27.00
N SER N 52 -12.32 -64.10 -27.20
CA SER N 52 -12.80 -63.15 -26.20
C SER N 52 -13.66 -63.80 -25.13
N VAL N 53 -13.98 -65.09 -25.28
CA VAL N 53 -14.78 -65.79 -24.28
C VAL N 53 -13.92 -66.05 -23.05
N HIS N 54 -14.44 -65.69 -21.87
CA HIS N 54 -13.72 -65.92 -20.63
C HIS N 54 -13.60 -67.41 -20.33
N SER N 55 -12.53 -67.75 -19.60
CA SER N 55 -12.21 -69.14 -19.30
C SER N 55 -13.21 -69.79 -18.35
N LYS N 56 -13.91 -69.01 -17.55
CA LYS N 56 -14.90 -69.60 -16.65
C LYS N 56 -16.13 -70.05 -17.43
N TYR N 57 -16.43 -69.42 -18.56
CA TYR N 57 -17.49 -69.91 -19.44
C TYR N 57 -16.95 -70.63 -20.67
N MET N 58 -15.74 -71.17 -20.62
CA MET N 58 -15.13 -71.76 -21.80
C MET N 58 -15.70 -73.17 -21.98
N GLY N 59 -16.19 -73.45 -23.19
CA GLY N 59 -16.63 -74.79 -23.56
C GLY N 59 -17.84 -75.29 -22.81
N ARG N 60 -18.78 -74.41 -22.49
CA ARG N 60 -19.90 -74.76 -21.64
C ARG N 60 -21.22 -74.14 -22.09
N THR N 61 -21.23 -73.46 -23.24
CA THR N 61 -22.42 -72.78 -23.77
C THR N 61 -22.65 -73.22 -25.21
N SER N 62 -23.90 -73.10 -25.66
CA SER N 62 -24.26 -73.46 -27.03
C SER N 62 -25.13 -72.36 -27.63
N PHE N 63 -25.16 -72.29 -28.95
CA PHE N 63 -25.87 -71.26 -29.69
C PHE N 63 -26.80 -71.93 -30.69
N ASP N 64 -28.02 -71.39 -30.81
CA ASP N 64 -29.00 -71.83 -31.79
C ASP N 64 -29.38 -70.63 -32.63
N SER N 65 -29.17 -70.73 -33.94
CA SER N 65 -29.35 -69.61 -34.85
C SER N 65 -30.80 -69.44 -35.29
N ASP N 66 -31.56 -70.54 -35.38
CA ASP N 66 -32.95 -70.43 -35.82
C ASP N 66 -33.80 -69.76 -34.75
N SER N 67 -33.55 -70.08 -33.48
CA SER N 67 -34.28 -69.46 -32.39
C SER N 67 -33.55 -68.28 -31.77
N TRP N 68 -32.34 -67.96 -32.25
CA TRP N 68 -31.51 -66.85 -31.77
C TRP N 68 -31.24 -66.94 -30.27
N THR N 69 -31.00 -68.14 -29.78
CA THR N 69 -30.99 -68.38 -28.34
C THR N 69 -29.68 -69.03 -27.90
N LEU N 70 -29.18 -68.59 -26.75
CA LEU N 70 -28.04 -69.25 -26.12
C LEU N 70 -28.59 -70.28 -25.13
N ARG N 71 -28.10 -71.50 -25.24
CA ARG N 71 -28.40 -72.55 -24.27
C ARG N 71 -27.23 -72.68 -23.32
N LEU N 72 -27.51 -72.54 -22.03
CA LEU N 72 -26.52 -72.48 -20.98
C LEU N 72 -26.68 -73.78 -20.18
N HIS N 73 -25.76 -74.72 -20.39
CA HIS N 73 -25.84 -76.04 -19.78
C HIS N 73 -25.05 -76.11 -18.49
N ASN N 74 -25.49 -76.99 -17.59
CA ASN N 74 -24.82 -77.32 -16.32
C ASN N 74 -24.66 -76.06 -15.46
N LEU N 75 -25.81 -75.56 -15.01
CA LEU N 75 -25.87 -74.35 -14.20
C LEU N 75 -25.21 -74.55 -12.85
N GLN N 76 -24.61 -73.48 -12.34
CA GLN N 76 -23.99 -73.49 -11.03
C GLN N 76 -24.67 -72.48 -10.12
N ILE N 77 -24.23 -72.46 -8.86
CA ILE N 77 -24.83 -71.59 -7.86
C ILE N 77 -24.34 -70.16 -8.03
N LYS N 78 -23.14 -69.98 -8.59
CA LYS N 78 -22.54 -68.65 -8.65
C LYS N 78 -23.24 -67.75 -9.67
N ASP N 79 -23.69 -68.32 -10.79
CA ASP N 79 -24.25 -67.54 -11.88
C ASP N 79 -25.74 -67.27 -11.66
N LYS N 80 -26.01 -66.38 -10.70
CA LYS N 80 -27.36 -65.90 -10.46
C LYS N 80 -27.58 -64.47 -10.90
N GLY N 81 -26.59 -63.85 -11.55
CA GLY N 81 -26.73 -62.47 -11.99
C GLY N 81 -27.44 -62.34 -13.32
N LEU N 82 -27.75 -61.10 -13.67
CA LEU N 82 -28.45 -60.84 -14.93
C LEU N 82 -27.47 -60.88 -16.10
N TYR N 83 -27.97 -61.36 -17.24
CA TYR N 83 -27.19 -61.53 -18.45
C TYR N 83 -27.79 -60.69 -19.55
N GLN N 84 -26.95 -59.99 -20.30
CA GLN N 84 -27.43 -59.12 -21.36
C GLN N 84 -26.86 -59.55 -22.70
N CYS N 85 -27.70 -59.57 -23.72
CA CYS N 85 -27.26 -59.96 -25.06
C CYS N 85 -27.24 -58.73 -25.95
N ILE N 86 -26.14 -58.60 -26.68
CA ILE N 86 -25.80 -57.41 -27.45
C ILE N 86 -25.64 -57.83 -28.91
N ILE N 87 -26.24 -57.05 -29.80
CA ILE N 87 -26.32 -57.34 -31.22
C ILE N 87 -25.78 -56.11 -31.94
N HIS N 88 -24.63 -56.27 -32.59
CA HIS N 88 -24.01 -55.23 -33.40
C HIS N 88 -24.21 -55.52 -34.88
N HIS N 89 -24.18 -54.47 -35.68
CA HIS N 89 -24.29 -54.59 -37.14
C HIS N 89 -22.96 -54.15 -37.74
N LYS N 90 -22.20 -55.12 -38.26
CA LYS N 90 -20.86 -54.84 -38.75
C LYS N 90 -20.93 -54.19 -40.12
N LYS N 91 -20.36 -52.99 -40.22
CA LYS N 91 -20.23 -52.26 -41.46
C LYS N 91 -18.75 -51.86 -41.58
N PRO N 92 -18.19 -51.87 -42.80
CA PRO N 92 -16.78 -51.48 -42.94
C PRO N 92 -16.49 -50.04 -42.57
N THR N 93 -17.48 -49.15 -42.59
CA THR N 93 -17.27 -47.80 -42.07
C THR N 93 -17.15 -47.81 -40.55
N GLY N 94 -17.97 -48.60 -39.87
CA GLY N 94 -17.95 -48.69 -38.43
C GLY N 94 -18.98 -49.68 -37.92
N MET N 95 -18.73 -50.28 -36.77
CA MET N 95 -19.58 -51.33 -36.23
C MET N 95 -20.66 -50.67 -35.36
N ILE N 96 -21.92 -50.84 -35.74
CA ILE N 96 -23.04 -50.16 -35.10
C ILE N 96 -23.77 -51.14 -34.20
N ARG N 97 -23.94 -50.77 -32.92
CA ARG N 97 -24.79 -51.58 -32.05
C ARG N 97 -26.24 -51.29 -32.38
N ILE N 98 -26.99 -52.32 -32.75
CA ILE N 98 -28.38 -52.12 -33.12
C ILE N 98 -29.35 -52.61 -32.04
N HIS N 99 -28.98 -53.63 -31.26
CA HIS N 99 -29.97 -54.19 -30.35
C HIS N 99 -29.22 -54.59 -29.08
N GLN N 100 -29.79 -54.30 -27.93
CA GLN N 100 -29.35 -54.95 -26.70
C GLN N 100 -30.59 -55.31 -25.90
N MET N 101 -30.45 -56.32 -25.05
CA MET N 101 -31.55 -56.71 -24.17
C MET N 101 -30.95 -57.30 -22.90
N ASN N 102 -31.65 -57.14 -21.80
CA ASN N 102 -31.22 -57.63 -20.50
C ASN N 102 -32.23 -58.64 -19.98
N SER N 103 -31.76 -59.83 -19.65
CA SER N 103 -32.56 -60.89 -19.06
C SER N 103 -31.94 -61.31 -17.73
N GLU N 104 -32.66 -62.13 -16.98
CA GLU N 104 -32.24 -62.55 -15.65
C GLU N 104 -32.11 -64.07 -15.60
N LEU N 105 -31.48 -64.54 -14.53
CA LEU N 105 -31.25 -65.97 -14.35
C LEU N 105 -31.25 -66.30 -12.86
N SER N 106 -32.25 -67.09 -12.45
CA SER N 106 -32.35 -67.56 -11.08
C SER N 106 -32.43 -69.08 -11.08
N VAL N 107 -31.61 -69.72 -10.27
CA VAL N 107 -31.58 -71.18 -10.19
C VAL N 107 -31.84 -71.63 -8.77
#